data_5M8H
#
_entry.id   5M8H
#
_cell.length_a   94.020
_cell.length_b   146.730
_cell.length_c   101.900
_cell.angle_alpha   90.000
_cell.angle_beta   102.400
_cell.angle_gamma   90.000
#
_symmetry.space_group_name_H-M   'P 1 21 1'
#
loop_
_entity.id
_entity.type
_entity.pdbx_description
1 polymer 'ATP phosphoribosyltransferase regulatory subunit'
2 polymer 'ATP phosphoribosyltransferase'
3 non-polymer 'STRONTIUM ION'
4 non-polymer 'CHLORIDE ION'
5 non-polymer (4S)-2-METHYL-2,4-PENTANEDIOL
6 water water
#
loop_
_entity_poly.entity_id
_entity_poly.type
_entity_poly.pdbx_seq_one_letter_code
_entity_poly.pdbx_strand_id
1 'polypeptide(L)'
;GMLPDGVADVLFEDAHKQEVLRHQLTQQLITHGYQLVSPPMIEFTESLLSGASEDLKRQTFKIIDQLTGRLMGIRADITP
QILRIDAHHGGDGIARYCYAGDVIHTLPSGLFGSRTPLQLGAEIFGCESIAADIELIDVLFSMINSLDMSAVLHVDLGHV
TIFKRLAELAALSASDTEQLMQLYANKNLPELKQVCQVLPMGSDFYTLARFGHDIANLLGRLSENAQQDTKIVTAIDELQ
RLKAHLQVQWQCAVSIDVTELSGYHYHTGIVFNGYINSETQPLVRGGRFDGMKSNQLATNQPRQATGFSMDVSRLLAHTQ
LDAPFIVLIDYDAFNNLDSAQRQLLLQQVASLRQQGYRVTMPLTAEDMPVGLTHRLSLADNQWRLHAV
;
A,B,C,D
2 'polypeptide(L)'
;GMTEVTNSLPTSGLLNEANDEFLGLTLALSKGRILEETMPLLRAAGVELLEDPEASRKLIFPTSNPNVRVLILRASDVPT
YVEHGAADFGVAGKDVLLEHGANHVYELLDLKIAQCKLMTAGVKDAPLPNRRLRIATKYVNVARAYFASQGQQVDVIKLY
GSMELAPLVGLGDLIVDVVDTGNTLRANGLEARDHICDVSSRLIVNQVSYKRKFALLEPILDSFKNSINSTS
;
E,F,G,H
#
loop_
_chem_comp.id
_chem_comp.type
_chem_comp.name
_chem_comp.formula
CL non-polymer 'CHLORIDE ION' 'Cl -1'
MPD non-polymer (4S)-2-METHYL-2,4-PENTANEDIOL 'C6 H14 O2'
SR non-polymer 'STRONTIUM ION' 'Sr 2'
#
# COMPACT_ATOMS: atom_id res chain seq x y z
N GLY A 1 -10.03 -19.81 -4.95
CA GLY A 1 -8.65 -20.07 -5.40
C GLY A 1 -7.60 -19.22 -4.68
N MET A 2 -6.37 -19.71 -4.66
CA MET A 2 -5.29 -19.02 -3.99
C MET A 2 -4.83 -17.67 -4.61
N LEU A 3 -5.07 -17.41 -5.90
CA LEU A 3 -4.47 -16.26 -6.57
C LEU A 3 -5.40 -15.05 -6.63
N PRO A 4 -4.85 -13.82 -6.70
CA PRO A 4 -5.70 -12.64 -6.78
C PRO A 4 -6.51 -12.57 -8.05
N ASP A 5 -7.57 -11.80 -8.05
CA ASP A 5 -8.36 -11.59 -9.25
C ASP A 5 -7.50 -10.94 -10.32
N GLY A 6 -7.65 -11.43 -11.54
CA GLY A 6 -6.89 -10.92 -12.70
C GLY A 6 -5.45 -11.40 -12.73
N VAL A 7 -5.14 -12.47 -12.00
CA VAL A 7 -3.78 -12.99 -11.90
C VAL A 7 -3.86 -14.49 -12.04
N ALA A 8 -3.15 -15.03 -13.03
CA ALA A 8 -3.32 -16.45 -13.38
C ALA A 8 -1.98 -17.07 -13.68
N ASP A 9 -1.81 -18.32 -13.28
CA ASP A 9 -0.73 -19.12 -13.81
C ASP A 9 -1.00 -19.40 -15.29
N VAL A 10 0.08 -19.49 -16.05
CA VAL A 10 0.07 -20.10 -17.37
C VAL A 10 0.96 -21.34 -17.22
N LEU A 11 0.38 -22.51 -17.37
CA LEU A 11 1.05 -23.76 -17.02
C LEU A 11 1.17 -24.73 -18.18
N PHE A 12 2.27 -25.48 -18.16
CA PHE A 12 2.41 -26.69 -18.97
C PHE A 12 2.37 -26.37 -20.46
N GLU A 13 1.47 -26.96 -21.25
CA GLU A 13 1.48 -26.73 -22.68
C GLU A 13 1.15 -25.28 -23.03
N ASP A 14 0.32 -24.64 -22.21
CA ASP A 14 0.03 -23.23 -22.40
C ASP A 14 1.25 -22.37 -22.21
N ALA A 15 2.09 -22.74 -21.25
CA ALA A 15 3.29 -21.99 -20.98
C ALA A 15 4.28 -22.20 -22.12
N HIS A 16 4.40 -23.45 -22.56
CA HIS A 16 5.17 -23.75 -23.72
C HIS A 16 4.71 -22.92 -24.93
N LYS A 17 3.40 -22.87 -25.15
CA LYS A 17 2.86 -22.15 -26.29
C LYS A 17 3.12 -20.64 -26.16
N GLN A 18 2.93 -20.09 -24.96
CA GLN A 18 3.27 -18.70 -24.68
C GLN A 18 4.72 -18.37 -25.00
N GLU A 19 5.62 -19.26 -24.62
CA GLU A 19 7.05 -19.09 -24.88
C GLU A 19 7.37 -19.09 -26.40
N VAL A 20 6.76 -20.03 -27.12
CA VAL A 20 6.88 -20.06 -28.58
C VAL A 20 6.35 -18.77 -29.23
N LEU A 21 5.16 -18.33 -28.82
CA LEU A 21 4.58 -17.12 -29.40
C LEU A 21 5.45 -15.91 -29.13
N ARG A 22 5.86 -15.75 -27.87
CA ARG A 22 6.67 -14.61 -27.51
C ARG A 22 7.95 -14.58 -28.34
N HIS A 23 8.60 -15.74 -28.46
CA HIS A 23 9.84 -15.86 -29.20
C HIS A 23 9.67 -15.63 -30.71
N GLN A 24 8.65 -16.23 -31.33
CA GLN A 24 8.43 -16.08 -32.76
C GLN A 24 8.08 -14.65 -33.12
N LEU A 25 7.16 -14.06 -32.36
CA LEU A 25 6.73 -12.70 -32.61
C LEU A 25 7.84 -11.66 -32.39
N THR A 26 8.68 -11.93 -31.40
CA THR A 26 9.85 -11.11 -31.13
C THR A 26 10.81 -11.18 -32.30
N GLN A 27 11.07 -12.40 -32.78
CA GLN A 27 12.00 -12.64 -33.89
C GLN A 27 11.51 -12.00 -35.19
N GLN A 28 10.22 -12.13 -35.49
CA GLN A 28 9.64 -11.43 -36.62
C GLN A 28 9.89 -9.92 -36.60
N LEU A 29 9.71 -9.31 -35.43
CA LEU A 29 9.92 -7.88 -35.30
C LEU A 29 11.38 -7.56 -35.53
N ILE A 30 12.26 -8.36 -34.94
CA ILE A 30 13.70 -8.17 -35.11
C ILE A 30 14.11 -8.22 -36.58
N THR A 31 13.54 -9.18 -37.33
CA THR A 31 13.85 -9.33 -38.75
C THR A 31 13.26 -8.22 -39.64
N HIS A 32 12.27 -7.47 -39.15
CA HIS A 32 11.78 -6.26 -39.83
C HIS A 32 12.56 -4.99 -39.46
N GLY A 33 13.63 -5.11 -38.67
CA GLY A 33 14.51 -3.99 -38.38
C GLY A 33 14.23 -3.27 -37.08
N TYR A 34 13.32 -3.83 -36.27
CA TYR A 34 13.02 -3.29 -34.95
C TYR A 34 14.07 -3.77 -33.94
N GLN A 35 14.68 -2.86 -33.19
CA GLN A 35 15.70 -3.21 -32.22
C GLN A 35 15.04 -3.67 -30.94
N LEU A 36 15.36 -4.88 -30.49
CA LEU A 36 14.82 -5.37 -29.24
C LEU A 36 15.45 -4.62 -28.04
N VAL A 37 14.61 -4.17 -27.12
CA VAL A 37 15.08 -3.63 -25.86
C VAL A 37 14.33 -4.31 -24.75
N SER A 38 15.00 -4.47 -23.63
CA SER A 38 14.41 -5.14 -22.49
C SER A 38 14.66 -4.25 -21.27
N PRO A 39 13.82 -3.21 -21.10
CA PRO A 39 13.94 -2.41 -19.89
C PRO A 39 13.47 -3.17 -18.65
N PRO A 40 13.85 -2.70 -17.47
CA PRO A 40 13.52 -3.42 -16.24
C PRO A 40 12.06 -3.25 -15.82
N MET A 41 11.62 -4.11 -14.90
CA MET A 41 10.26 -4.05 -14.36
C MET A 41 10.00 -2.84 -13.45
N ILE A 42 11.05 -2.27 -12.86
CA ILE A 42 10.93 -1.17 -11.92
C ILE A 42 11.87 -0.03 -12.28
N GLU A 43 11.40 1.19 -12.03
CA GLU A 43 12.18 2.42 -12.16
C GLU A 43 11.73 3.37 -11.06
N PHE A 44 12.47 4.46 -10.87
CA PHE A 44 11.99 5.56 -10.06
C PHE A 44 10.81 6.17 -10.80
N THR A 45 9.78 6.57 -10.06
CA THR A 45 8.58 7.19 -10.66
C THR A 45 8.88 8.46 -11.47
N GLU A 46 9.95 9.18 -11.13
CA GLU A 46 10.44 10.33 -11.92
C GLU A 46 10.49 10.02 -13.39
N SER A 47 11.11 8.89 -13.74
CA SER A 47 11.25 8.45 -15.15
C SER A 47 10.04 7.66 -15.63
N LEU A 48 9.57 6.73 -14.81
CA LEU A 48 8.52 5.80 -15.23
C LEU A 48 7.22 6.48 -15.54
N LEU A 49 6.88 7.46 -14.70
CA LEU A 49 5.61 8.18 -14.80
C LEU A 49 5.79 9.62 -15.23
N SER A 50 6.92 9.94 -15.85
CA SER A 50 7.13 11.26 -16.46
C SER A 50 6.07 11.53 -17.53
N GLY A 51 5.30 12.59 -17.34
CA GLY A 51 4.23 12.96 -18.26
C GLY A 51 3.18 11.86 -18.44
N ALA A 52 2.99 11.07 -17.39
CA ALA A 52 1.99 10.01 -17.41
C ALA A 52 0.61 10.60 -17.23
N SER A 53 -0.39 9.97 -17.84
CA SER A 53 -1.79 10.25 -17.60
C SER A 53 -2.14 9.94 -16.16
N GLU A 54 -3.25 10.47 -15.69
CA GLU A 54 -3.71 10.11 -14.33
C GLU A 54 -4.06 8.64 -14.25
N ASP A 55 -4.51 8.07 -15.37
CA ASP A 55 -4.86 6.65 -15.47
C ASP A 55 -3.66 5.73 -15.30
N LEU A 56 -2.58 6.06 -16.01
CA LEU A 56 -1.34 5.31 -15.91
C LEU A 56 -0.80 5.36 -14.50
N LYS A 57 -0.94 6.51 -13.83
CA LYS A 57 -0.51 6.66 -12.43
C LYS A 57 -1.29 5.76 -11.49
N ARG A 58 -2.61 5.72 -11.63
CA ARG A 58 -3.43 4.85 -10.79
C ARG A 58 -3.10 3.38 -11.09
N GLN A 59 -2.83 3.06 -12.36
CA GLN A 59 -2.50 1.68 -12.74
C GLN A 59 -1.13 1.15 -12.25
N THR A 60 -0.25 2.05 -11.84
CA THR A 60 1.11 1.72 -11.48
C THR A 60 1.26 1.54 -9.98
N PHE A 61 1.56 0.32 -9.54
CA PHE A 61 1.94 0.05 -8.15
C PHE A 61 3.18 0.83 -7.70
N LYS A 62 3.14 1.39 -6.49
CA LYS A 62 4.29 2.10 -5.94
C LYS A 62 4.98 1.24 -4.91
N ILE A 63 6.29 1.33 -4.88
CA ILE A 63 7.12 0.65 -3.89
C ILE A 63 8.26 1.60 -3.51
N ILE A 64 8.91 1.33 -2.38
CA ILE A 64 9.91 2.25 -1.84
C ILE A 64 11.28 1.64 -1.98
N ASP A 65 12.19 2.39 -2.59
CA ASP A 65 13.58 2.02 -2.65
C ASP A 65 14.21 2.30 -1.30
N GLN A 66 14.48 1.25 -0.55
CA GLN A 66 15.12 1.35 0.77
C GLN A 66 16.56 1.87 0.75
N LEU A 67 17.19 1.97 -0.41
CA LEU A 67 18.54 2.53 -0.50
C LEU A 67 18.56 4.04 -0.60
N THR A 68 17.48 4.66 -1.07
CA THR A 68 17.39 6.10 -1.21
C THR A 68 16.18 6.77 -0.54
N GLY A 69 15.25 5.98 -0.01
CA GLY A 69 13.96 6.51 0.43
C GLY A 69 13.00 6.97 -0.66
N ARG A 70 13.40 6.88 -1.94
CA ARG A 70 12.59 7.40 -3.04
C ARG A 70 11.56 6.41 -3.53
N LEU A 71 10.59 6.93 -4.27
CA LEU A 71 9.50 6.13 -4.82
C LEU A 71 9.85 5.49 -6.14
N MET A 72 9.63 4.18 -6.24
CA MET A 72 9.71 3.46 -7.51
C MET A 72 8.33 2.96 -7.88
N GLY A 73 8.13 2.69 -9.15
CA GLY A 73 6.94 1.97 -9.65
C GLY A 73 7.26 0.64 -10.31
N ILE A 74 6.31 -0.27 -10.32
CA ILE A 74 6.36 -1.44 -11.18
C ILE A 74 5.65 -1.02 -12.44
N ARG A 75 6.27 -1.19 -13.59
CA ARG A 75 5.69 -0.71 -14.83
C ARG A 75 4.33 -1.32 -15.11
N ALA A 76 3.41 -0.46 -15.50
CA ALA A 76 2.12 -0.86 -16.03
C ALA A 76 2.11 -0.77 -17.55
N ASP A 77 3.11 -0.10 -18.13
CA ASP A 77 3.24 0.05 -19.57
C ASP A 77 4.70 0.24 -19.94
N ILE A 78 5.10 -0.31 -21.08
CA ILE A 78 6.52 -0.30 -21.49
C ILE A 78 6.85 0.95 -22.31
N THR A 79 5.86 1.52 -22.99
CA THR A 79 6.09 2.64 -23.92
C THR A 79 6.86 3.83 -23.30
N PRO A 80 6.52 4.26 -22.06
CA PRO A 80 7.33 5.34 -21.47
C PRO A 80 8.80 4.97 -21.34
N GLN A 81 9.09 3.68 -21.13
CA GLN A 81 10.47 3.24 -21.02
C GLN A 81 11.17 3.29 -22.38
N ILE A 82 10.43 3.01 -23.45
CA ILE A 82 10.95 3.17 -24.80
C ILE A 82 11.29 4.64 -25.09
N LEU A 83 10.42 5.57 -24.68
CA LEU A 83 10.73 7.02 -24.74
C LEU A 83 12.04 7.36 -24.04
N ARG A 84 12.16 6.93 -22.78
CA ARG A 84 13.40 7.14 -22.03
C ARG A 84 14.61 6.63 -22.84
N ILE A 85 14.52 5.37 -23.32
CA ILE A 85 15.60 4.74 -24.06
C ILE A 85 15.91 5.50 -25.37
N ASP A 86 14.87 5.88 -26.11
CA ASP A 86 15.08 6.62 -27.35
C ASP A 86 15.68 8.02 -27.15
N ALA A 87 15.35 8.68 -26.04
CA ALA A 87 15.92 9.99 -25.72
C ALA A 87 17.43 9.88 -25.58
N HIS A 88 17.90 8.88 -24.84
CA HIS A 88 19.33 8.72 -24.64
C HIS A 88 20.06 8.16 -25.87
N HIS A 89 19.45 7.22 -26.61
CA HIS A 89 20.16 6.45 -27.66
C HIS A 89 19.78 6.68 -29.12
N GLY A 90 18.62 7.28 -29.40
CA GLY A 90 18.04 7.28 -30.74
C GLY A 90 18.45 8.35 -31.77
N GLY A 91 18.99 9.48 -31.30
CA GLY A 91 19.30 10.60 -32.20
C GLY A 91 18.08 11.25 -32.86
N ASP A 92 18.31 11.94 -33.97
CA ASP A 92 17.28 12.76 -34.62
C ASP A 92 16.55 12.02 -35.76
N GLY A 93 17.14 10.94 -36.24
CA GLY A 93 16.58 10.18 -37.36
C GLY A 93 15.56 9.15 -36.93
N ILE A 94 15.18 8.31 -37.88
CA ILE A 94 14.22 7.26 -37.61
C ILE A 94 14.88 6.20 -36.72
N ALA A 95 14.12 5.70 -35.76
CA ALA A 95 14.55 4.60 -34.90
C ALA A 95 13.37 3.66 -34.67
N ARG A 96 13.64 2.36 -34.70
CA ARG A 96 12.64 1.34 -34.50
C ARG A 96 12.98 0.50 -33.27
N TYR A 97 11.97 0.22 -32.43
CA TYR A 97 12.15 -0.58 -31.20
C TYR A 97 11.04 -1.61 -31.10
N CYS A 98 11.37 -2.78 -30.53
CA CYS A 98 10.38 -3.76 -30.10
C CYS A 98 10.72 -4.27 -28.71
N TYR A 99 9.76 -4.96 -28.11
CA TYR A 99 9.87 -5.36 -26.72
C TYR A 99 8.83 -6.41 -26.44
N ALA A 100 9.09 -7.16 -25.36
CA ALA A 100 8.14 -8.10 -24.82
C ALA A 100 8.49 -8.30 -23.37
N GLY A 101 7.54 -8.02 -22.49
CA GLY A 101 7.79 -8.13 -21.07
C GLY A 101 6.53 -8.02 -20.26
N ASP A 102 6.62 -8.52 -19.02
CA ASP A 102 5.54 -8.44 -18.07
C ASP A 102 5.32 -6.98 -17.62
N VAL A 103 4.05 -6.60 -17.56
CA VAL A 103 3.64 -5.37 -16.92
C VAL A 103 2.57 -5.75 -15.89
N ILE A 104 2.40 -4.91 -14.88
CA ILE A 104 1.45 -5.17 -13.80
C ILE A 104 0.51 -3.99 -13.67
N HIS A 105 -0.77 -4.26 -13.46
CA HIS A 105 -1.76 -3.22 -13.28
C HIS A 105 -2.39 -3.39 -11.91
N THR A 106 -2.65 -2.27 -11.24
CA THR A 106 -3.38 -2.28 -9.95
C THR A 106 -4.83 -2.80 -10.07
N LEU A 107 -5.50 -2.46 -11.17
CA LEU A 107 -6.87 -2.90 -11.42
C LEU A 107 -7.03 -3.50 -12.82
N PRO A 108 -7.94 -4.48 -12.98
CA PRO A 108 -8.23 -5.00 -14.31
C PRO A 108 -8.83 -3.91 -15.19
N SER A 109 -8.46 -3.89 -16.48
CA SER A 109 -8.68 -2.73 -17.34
C SER A 109 -10.07 -2.78 -17.97
N GLY A 110 -10.60 -3.97 -18.17
CA GLY A 110 -12.02 -4.10 -18.31
C GLY A 110 -12.47 -5.35 -17.64
N LEU A 111 -13.77 -5.63 -17.86
CA LEU A 111 -14.45 -6.73 -17.23
C LEU A 111 -13.70 -8.04 -17.36
N PHE A 112 -13.34 -8.59 -16.20
CA PHE A 112 -12.60 -9.84 -16.07
C PHE A 112 -11.19 -9.81 -16.67
N GLY A 113 -10.58 -8.62 -16.83
CA GLY A 113 -9.28 -8.53 -17.46
C GLY A 113 -8.11 -8.99 -16.61
N SER A 114 -6.98 -9.21 -17.25
CA SER A 114 -5.74 -9.57 -16.56
C SER A 114 -5.12 -8.33 -15.96
N ARG A 115 -4.51 -8.51 -14.79
CA ARG A 115 -3.63 -7.51 -14.21
C ARG A 115 -2.14 -7.83 -14.46
N THR A 116 -1.83 -8.97 -15.09
CA THR A 116 -0.44 -9.35 -15.38
C THR A 116 -0.23 -9.75 -16.83
N PRO A 117 -0.48 -8.82 -17.74
CA PRO A 117 -0.31 -9.16 -19.16
C PRO A 117 1.16 -9.27 -19.54
N LEU A 118 1.44 -10.09 -20.56
CA LEU A 118 2.78 -10.17 -21.16
C LEU A 118 2.76 -9.24 -22.37
N GLN A 119 3.21 -8.03 -22.17
CA GLN A 119 3.04 -6.95 -23.16
C GLN A 119 4.12 -7.02 -24.24
N LEU A 120 3.70 -7.23 -25.46
CA LEU A 120 4.59 -7.22 -26.62
C LEU A 120 4.25 -6.07 -27.54
N GLY A 121 5.25 -5.35 -28.01
CA GLY A 121 5.01 -4.24 -28.94
C GLY A 121 6.15 -3.80 -29.82
N ALA A 122 5.83 -2.84 -30.67
CA ALA A 122 6.75 -2.28 -31.65
C ALA A 122 6.48 -0.80 -31.75
N GLU A 123 7.53 0.00 -31.92
CA GLU A 123 7.38 1.43 -32.03
C GLU A 123 8.36 2.05 -33.00
N ILE A 124 7.89 3.03 -33.78
CA ILE A 124 8.72 3.76 -34.73
C ILE A 124 8.79 5.19 -34.30
N PHE A 125 9.99 5.69 -34.05
CA PHE A 125 10.21 7.08 -33.65
C PHE A 125 10.81 7.84 -34.82
N GLY A 126 10.60 9.16 -34.86
CA GLY A 126 11.26 10.06 -35.80
C GLY A 126 10.77 10.13 -37.23
N CYS A 127 9.54 9.69 -37.51
CA CYS A 127 8.95 9.82 -38.86
C CYS A 127 7.57 10.46 -38.77
N GLU A 128 7.38 11.58 -39.47
CA GLU A 128 6.12 12.33 -39.44
C GLU A 128 5.08 11.68 -40.33
N SER A 129 5.53 11.02 -41.38
CA SER A 129 4.65 10.50 -42.41
C SER A 129 3.70 9.40 -41.92
N ILE A 130 2.51 9.39 -42.50
CA ILE A 130 1.58 8.29 -42.39
C ILE A 130 2.18 6.94 -42.84
N ALA A 131 3.27 6.97 -43.62
CA ALA A 131 4.03 5.77 -44.01
C ALA A 131 4.54 4.93 -42.83
N ALA A 132 4.93 5.57 -41.72
CA ALA A 132 5.33 4.85 -40.51
C ALA A 132 4.18 4.06 -39.89
N ASP A 133 3.01 4.67 -39.85
CA ASP A 133 1.80 3.99 -39.39
C ASP A 133 1.41 2.83 -40.31
N ILE A 134 1.64 3.00 -41.60
CA ILE A 134 1.34 1.95 -42.57
C ILE A 134 2.30 0.78 -42.46
N GLU A 135 3.57 1.06 -42.19
CA GLU A 135 4.58 -0.01 -41.98
C GLU A 135 4.21 -0.86 -40.77
N LEU A 136 3.85 -0.20 -39.66
CA LEU A 136 3.41 -0.87 -38.44
C LEU A 136 2.21 -1.78 -38.66
N ILE A 137 1.23 -1.29 -39.43
CA ILE A 137 0.08 -2.10 -39.78
C ILE A 137 0.53 -3.34 -40.54
N ASP A 138 1.47 -3.15 -41.46
CA ASP A 138 1.94 -4.26 -42.28
C ASP A 138 2.67 -5.28 -41.41
N VAL A 139 3.53 -4.80 -40.51
CA VAL A 139 4.25 -5.66 -39.59
C VAL A 139 3.27 -6.43 -38.70
N LEU A 140 2.33 -5.72 -38.09
CA LEU A 140 1.30 -6.35 -37.25
C LEU A 140 0.54 -7.44 -37.98
N PHE A 141 0.03 -7.13 -39.16
CA PHE A 141 -0.76 -8.11 -39.90
C PHE A 141 0.07 -9.31 -40.39
N SER A 142 1.33 -9.07 -40.74
CA SER A 142 2.24 -10.15 -41.06
C SER A 142 2.41 -11.09 -39.84
N MET A 143 2.54 -10.51 -38.66
CA MET A 143 2.62 -11.27 -37.40
C MET A 143 1.34 -12.04 -37.14
N ILE A 144 0.19 -11.37 -37.22
CA ILE A 144 -1.09 -12.03 -37.00
C ILE A 144 -1.26 -13.21 -37.96
N ASN A 145 -0.93 -13.00 -39.24
CA ASN A 145 -1.10 -14.03 -40.26
C ASN A 145 -0.18 -15.23 -40.02
N SER A 146 1.02 -15.00 -39.51
CA SER A 146 1.94 -16.08 -39.18
C SER A 146 1.41 -17.03 -38.10
N LEU A 147 0.46 -16.57 -37.30
CA LEU A 147 -0.12 -17.39 -36.24
C LEU A 147 -1.14 -18.45 -36.68
N ASP A 148 -1.61 -18.41 -37.92
CA ASP A 148 -2.58 -19.41 -38.43
C ASP A 148 -3.76 -19.60 -37.46
N MET A 149 -4.38 -18.49 -37.10
CA MET A 149 -5.59 -18.50 -36.28
C MET A 149 -6.81 -18.57 -37.19
N SER A 150 -7.88 -19.15 -36.66
CA SER A 150 -9.20 -19.07 -37.30
C SER A 150 -9.95 -17.83 -36.81
N ALA A 151 -9.64 -17.39 -35.58
CA ALA A 151 -10.13 -16.12 -35.06
C ALA A 151 -9.70 -14.96 -35.97
N VAL A 152 -10.60 -13.99 -36.13
CA VAL A 152 -10.41 -12.88 -37.06
C VAL A 152 -10.23 -11.59 -36.27
N LEU A 153 -9.30 -10.75 -36.72
CA LEU A 153 -9.09 -9.44 -36.14
C LEU A 153 -9.95 -8.39 -36.84
N HIS A 154 -10.82 -7.70 -36.10
CA HIS A 154 -11.52 -6.50 -36.58
C HIS A 154 -10.75 -5.26 -36.15
N VAL A 155 -10.58 -4.30 -37.04
CA VAL A 155 -9.85 -3.06 -36.70
C VAL A 155 -10.80 -1.86 -36.60
N ASP A 156 -10.67 -1.10 -35.52
CA ASP A 156 -11.37 0.15 -35.30
C ASP A 156 -10.35 1.27 -35.34
N LEU A 157 -10.57 2.27 -36.20
CA LEU A 157 -9.69 3.44 -36.28
C LEU A 157 -10.35 4.64 -35.68
N GLY A 158 -9.57 5.47 -35.01
CA GLY A 158 -10.00 6.75 -34.51
C GLY A 158 -8.95 7.77 -34.82
N HIS A 159 -9.13 9.00 -34.31
CA HIS A 159 -8.16 10.05 -34.54
C HIS A 159 -8.44 11.21 -33.58
N VAL A 160 -7.68 11.29 -32.50
CA VAL A 160 -7.93 12.27 -31.45
C VAL A 160 -7.82 13.74 -31.87
N THR A 161 -6.99 14.02 -32.87
CA THR A 161 -6.84 15.38 -33.42
C THR A 161 -8.18 16.06 -33.72
N ILE A 162 -9.12 15.32 -34.32
CA ILE A 162 -10.41 15.89 -34.75
C ILE A 162 -11.17 16.55 -33.60
N PHE A 163 -11.43 15.79 -32.54
CA PHE A 163 -12.07 16.33 -31.35
C PHE A 163 -11.23 17.41 -30.64
N LYS A 164 -9.91 17.30 -30.66
CA LYS A 164 -9.05 18.31 -30.01
C LYS A 164 -9.07 19.65 -30.73
N ARG A 165 -9.12 19.62 -32.05
CA ARG A 165 -9.27 20.83 -32.85
C ARG A 165 -10.66 21.47 -32.67
N LEU A 166 -11.70 20.64 -32.68
CA LEU A 166 -13.04 21.13 -32.39
C LEU A 166 -13.11 21.72 -30.98
N ALA A 167 -12.47 21.09 -30.01
CA ALA A 167 -12.44 21.62 -28.63
C ALA A 167 -11.70 22.95 -28.54
N GLU A 168 -10.65 23.12 -29.34
CA GLU A 168 -9.93 24.39 -29.44
C GLU A 168 -10.79 25.48 -30.09
N LEU A 169 -11.18 25.25 -31.33
CA LEU A 169 -11.98 26.20 -32.12
C LEU A 169 -13.28 26.65 -31.41
N ALA A 170 -13.91 25.74 -30.67
CA ALA A 170 -15.10 26.05 -29.86
C ALA A 170 -14.77 26.58 -28.46
N ALA A 171 -13.49 26.72 -28.15
CA ALA A 171 -13.00 27.22 -26.87
C ALA A 171 -13.72 26.59 -25.65
N LEU A 172 -13.73 25.27 -25.60
CA LEU A 172 -14.45 24.52 -24.54
C LEU A 172 -13.69 24.53 -23.24
N SER A 173 -14.42 24.54 -22.12
CA SER A 173 -13.80 24.42 -20.80
C SER A 173 -13.41 22.97 -20.51
N ALA A 174 -12.63 22.80 -19.45
CA ALA A 174 -12.27 21.48 -18.97
C ALA A 174 -13.51 20.67 -18.64
N SER A 175 -14.43 21.29 -17.92
CA SER A 175 -15.71 20.68 -17.53
C SER A 175 -16.47 20.11 -18.74
N ASP A 176 -16.62 20.93 -19.77
CA ASP A 176 -17.40 20.56 -20.97
C ASP A 176 -16.72 19.48 -21.82
N THR A 177 -15.40 19.54 -21.93
CA THR A 177 -14.60 18.50 -22.56
C THR A 177 -14.81 17.14 -21.85
N GLU A 178 -14.62 17.10 -20.53
CA GLU A 178 -14.90 15.89 -19.72
C GLU A 178 -16.29 15.29 -19.94
N GLN A 179 -17.30 16.15 -20.01
CA GLN A 179 -18.68 15.70 -20.15
C GLN A 179 -18.93 15.08 -21.53
N LEU A 180 -18.41 15.74 -22.58
CA LEU A 180 -18.50 15.18 -23.93
C LEU A 180 -17.77 13.84 -24.01
N MET A 181 -16.58 13.76 -23.44
CA MET A 181 -15.77 12.54 -23.44
C MET A 181 -16.49 11.38 -22.76
N GLN A 182 -17.11 11.68 -21.62
CA GLN A 182 -17.88 10.67 -20.89
C GLN A 182 -19.07 10.17 -21.77
N LEU A 183 -19.75 11.13 -22.41
CA LEU A 183 -20.89 10.83 -23.27
C LEU A 183 -20.52 10.05 -24.54
N TYR A 184 -19.38 10.41 -25.10
CA TYR A 184 -18.79 9.68 -26.22
C TYR A 184 -18.44 8.26 -25.87
N ALA A 185 -17.73 8.06 -24.76
CA ALA A 185 -17.39 6.72 -24.24
C ALA A 185 -18.60 5.80 -24.12
N ASN A 186 -19.75 6.36 -23.75
CA ASN A 186 -21.01 5.64 -23.62
C ASN A 186 -21.90 5.62 -24.86
N LYS A 187 -21.46 6.28 -25.94
CA LYS A 187 -22.32 6.68 -27.08
C LYS A 187 -23.76 6.93 -26.72
N ASN A 188 -23.90 7.82 -25.75
CA ASN A 188 -25.19 8.26 -25.24
C ASN A 188 -25.69 9.39 -26.14
N LEU A 189 -26.44 9.04 -27.18
CA LEU A 189 -26.85 10.00 -28.22
C LEU A 189 -27.90 11.03 -27.75
N PRO A 190 -28.95 10.58 -27.02
CA PRO A 190 -29.97 11.51 -26.49
C PRO A 190 -29.40 12.59 -25.58
N GLU A 191 -28.66 12.21 -24.54
CA GLU A 191 -28.09 13.19 -23.62
C GLU A 191 -27.03 14.07 -24.30
N LEU A 192 -26.35 13.51 -25.30
CA LEU A 192 -25.36 14.26 -26.06
C LEU A 192 -26.03 15.34 -26.90
N LYS A 193 -27.14 14.98 -27.52
CA LYS A 193 -27.96 15.90 -28.33
C LYS A 193 -28.38 17.11 -27.51
N GLN A 194 -28.87 16.86 -26.29
CA GLN A 194 -29.28 17.91 -25.37
C GLN A 194 -28.11 18.82 -25.03
N VAL A 195 -27.01 18.23 -24.55
CA VAL A 195 -25.81 18.99 -24.15
C VAL A 195 -25.24 19.82 -25.30
N CYS A 196 -25.32 19.27 -26.51
CA CYS A 196 -24.81 19.93 -27.70
C CYS A 196 -25.63 21.12 -28.21
N GLN A 197 -26.94 21.16 -27.90
CA GLN A 197 -27.77 22.34 -28.26
C GLN A 197 -27.32 23.63 -27.58
N VAL A 198 -26.77 23.48 -26.37
CA VAL A 198 -26.29 24.61 -25.56
C VAL A 198 -24.76 24.82 -25.54
N LEU A 199 -24.03 24.16 -26.44
CA LEU A 199 -22.56 24.32 -26.52
C LEU A 199 -22.16 25.05 -27.79
N PRO A 200 -21.06 25.80 -27.75
CA PRO A 200 -20.57 26.41 -29.01
C PRO A 200 -20.07 25.34 -29.98
N MET A 201 -20.43 25.46 -31.25
CA MET A 201 -20.18 24.44 -32.30
C MET A 201 -20.73 23.06 -31.95
N GLY A 202 -21.72 23.00 -31.05
CA GLY A 202 -22.21 21.73 -30.50
C GLY A 202 -22.74 20.79 -31.57
N SER A 203 -23.18 21.37 -32.67
CA SER A 203 -23.56 20.64 -33.86
C SER A 203 -22.46 19.71 -34.38
N ASP A 204 -21.22 20.20 -34.37
CA ASP A 204 -20.08 19.41 -34.83
C ASP A 204 -19.77 18.26 -33.86
N PHE A 205 -19.79 18.54 -32.55
CA PHE A 205 -19.58 17.49 -31.57
C PHE A 205 -20.64 16.38 -31.66
N TYR A 206 -21.87 16.74 -31.96
CA TYR A 206 -22.92 15.74 -32.14
C TYR A 206 -22.67 14.92 -33.39
N THR A 207 -22.25 15.60 -34.47
CA THR A 207 -21.95 14.94 -35.74
C THR A 207 -20.86 13.86 -35.63
N LEU A 208 -19.83 14.14 -34.85
CA LEU A 208 -18.77 13.16 -34.57
C LEU A 208 -19.34 11.84 -34.08
N ALA A 209 -20.23 11.91 -33.09
CA ALA A 209 -20.82 10.70 -32.50
C ALA A 209 -21.85 10.01 -33.39
N ARG A 210 -22.60 10.80 -34.14
CA ARG A 210 -23.72 10.30 -34.93
C ARG A 210 -23.27 9.86 -36.32
N PHE A 211 -22.34 10.59 -36.94
CA PHE A 211 -21.89 10.32 -38.32
C PHE A 211 -20.36 10.09 -38.48
N GLY A 212 -19.64 9.93 -37.37
CA GLY A 212 -18.19 9.67 -37.40
C GLY A 212 -17.78 8.38 -38.10
N HIS A 213 -18.60 7.34 -37.96
CA HIS A 213 -18.38 6.09 -38.68
C HIS A 213 -18.27 6.18 -40.20
N ASP A 214 -18.91 7.19 -40.79
CA ASP A 214 -18.93 7.37 -42.24
C ASP A 214 -17.89 8.42 -42.61
N ILE A 215 -16.64 7.98 -42.67
CA ILE A 215 -15.50 8.87 -42.82
C ILE A 215 -15.41 9.53 -44.20
N ALA A 216 -16.00 8.90 -45.21
CA ALA A 216 -16.10 9.45 -46.58
C ALA A 216 -16.84 10.80 -46.63
N ASN A 217 -17.82 10.98 -45.75
CA ASN A 217 -18.68 12.17 -45.73
C ASN A 217 -18.57 13.02 -44.47
N LEU A 218 -17.72 12.62 -43.51
CA LEU A 218 -17.63 13.38 -42.26
C LEU A 218 -17.24 14.85 -42.47
N LEU A 219 -16.30 15.14 -43.37
CA LEU A 219 -15.85 16.51 -43.58
C LEU A 219 -17.00 17.43 -44.00
N GLY A 220 -17.75 16.98 -45.01
CA GLY A 220 -18.92 17.69 -45.52
C GLY A 220 -20.10 17.92 -44.57
N ARG A 221 -20.19 17.12 -43.51
CA ARG A 221 -21.19 17.34 -42.45
C ARG A 221 -20.74 18.34 -41.38
N LEU A 222 -19.46 18.70 -41.39
CA LEU A 222 -18.93 19.58 -40.35
C LEU A 222 -19.17 21.03 -40.72
N SER A 223 -19.11 21.89 -39.70
CA SER A 223 -19.29 23.34 -39.87
C SER A 223 -18.21 23.95 -40.75
N GLU A 224 -18.44 25.18 -41.17
CA GLU A 224 -17.52 25.91 -42.06
C GLU A 224 -16.17 26.13 -41.36
N ASN A 225 -16.21 26.57 -40.09
CA ASN A 225 -14.99 26.77 -39.30
C ASN A 225 -14.20 25.46 -39.12
N ALA A 226 -14.92 24.34 -38.94
CA ALA A 226 -14.29 23.02 -38.85
C ALA A 226 -13.67 22.64 -40.20
N GLN A 227 -14.44 22.75 -41.27
CA GLN A 227 -13.98 22.42 -42.62
C GLN A 227 -12.76 23.19 -43.10
N GLN A 228 -12.55 24.40 -42.55
CA GLN A 228 -11.40 25.24 -42.93
C GLN A 228 -10.17 25.05 -42.02
N ASP A 229 -10.30 24.20 -41.00
CA ASP A 229 -9.16 23.81 -40.17
C ASP A 229 -8.36 22.71 -40.89
N THR A 230 -7.11 23.01 -41.22
CA THR A 230 -6.24 22.08 -41.94
C THR A 230 -5.99 20.77 -41.17
N LYS A 231 -5.80 20.89 -39.86
CA LYS A 231 -5.57 19.72 -38.99
C LYS A 231 -6.75 18.76 -39.00
N ILE A 232 -7.96 19.30 -38.91
CA ILE A 232 -9.16 18.50 -39.07
C ILE A 232 -9.19 17.81 -40.44
N VAL A 233 -8.84 18.54 -41.50
CA VAL A 233 -8.89 17.99 -42.86
C VAL A 233 -7.86 16.87 -43.03
N THR A 234 -6.65 17.12 -42.57
CA THR A 234 -5.55 16.16 -42.65
C THR A 234 -5.87 14.87 -41.86
N ALA A 235 -6.38 15.04 -40.64
CA ALA A 235 -6.76 13.91 -39.81
C ALA A 235 -7.76 13.00 -40.53
N ILE A 236 -8.83 13.59 -41.05
CA ILE A 236 -9.84 12.85 -41.79
C ILE A 236 -9.18 12.20 -43.02
N ASP A 237 -8.22 12.88 -43.64
CA ASP A 237 -7.53 12.31 -44.78
C ASP A 237 -6.70 11.07 -44.36
N GLU A 238 -5.98 11.17 -43.24
CA GLU A 238 -5.20 10.06 -42.68
C GLU A 238 -6.07 8.82 -42.44
N LEU A 239 -7.22 9.02 -41.79
CA LEU A 239 -8.17 7.92 -41.58
C LEU A 239 -8.58 7.22 -42.88
N GLN A 240 -8.84 8.00 -43.90
CA GLN A 240 -9.24 7.46 -45.20
C GLN A 240 -8.11 6.64 -45.85
N ARG A 241 -6.86 7.08 -45.69
CA ARG A 241 -5.71 6.35 -46.22
C ARG A 241 -5.49 5.01 -45.52
N LEU A 242 -5.46 5.03 -44.19
CA LEU A 242 -5.33 3.79 -43.42
C LEU A 242 -6.44 2.79 -43.71
N LYS A 243 -7.66 3.29 -43.79
CA LYS A 243 -8.82 2.45 -44.05
C LYS A 243 -8.67 1.73 -45.38
N ALA A 244 -8.31 2.50 -46.41
CA ALA A 244 -8.12 1.98 -47.77
C ALA A 244 -7.00 0.96 -47.81
N HIS A 245 -5.86 1.33 -47.21
CA HIS A 245 -4.72 0.44 -47.11
C HIS A 245 -5.10 -0.90 -46.47
N LEU A 246 -5.79 -0.84 -45.34
CA LEU A 246 -6.23 -2.07 -44.66
C LEU A 246 -7.17 -2.95 -45.49
N GLN A 247 -8.11 -2.34 -46.18
CA GLN A 247 -9.07 -3.08 -47.02
C GLN A 247 -8.40 -3.66 -48.28
N VAL A 248 -7.69 -2.82 -49.02
CA VAL A 248 -6.94 -3.25 -50.23
C VAL A 248 -5.85 -4.28 -49.91
N GLN A 249 -4.82 -3.86 -49.19
CA GLN A 249 -3.67 -4.74 -48.90
C GLN A 249 -3.98 -5.98 -48.08
N TRP A 250 -4.90 -5.87 -47.12
CA TRP A 250 -5.09 -6.96 -46.12
C TRP A 250 -6.51 -7.55 -46.05
N GLN A 251 -7.46 -7.03 -46.85
CA GLN A 251 -8.86 -7.47 -46.78
C GLN A 251 -9.36 -7.42 -45.34
N CYS A 252 -9.14 -6.29 -44.67
CA CYS A 252 -9.53 -6.12 -43.29
C CYS A 252 -10.85 -5.32 -43.21
N ALA A 253 -11.75 -5.89 -42.40
CA ALA A 253 -12.95 -5.18 -41.95
C ALA A 253 -12.52 -4.02 -41.04
N VAL A 254 -12.80 -2.77 -41.49
CA VAL A 254 -12.48 -1.55 -40.73
C VAL A 254 -13.74 -0.75 -40.36
N SER A 255 -13.90 -0.42 -39.09
CA SER A 255 -14.88 0.53 -38.64
C SER A 255 -14.15 1.78 -38.20
N ILE A 256 -14.83 2.92 -38.22
CA ILE A 256 -14.25 4.20 -37.84
C ILE A 256 -15.08 4.66 -36.65
N ASP A 257 -14.42 5.20 -35.62
CA ASP A 257 -15.07 5.91 -34.54
C ASP A 257 -14.14 7.01 -34.11
N VAL A 258 -14.42 8.21 -34.60
CA VAL A 258 -13.62 9.40 -34.27
C VAL A 258 -13.87 9.94 -32.86
N THR A 259 -14.84 9.34 -32.15
CA THR A 259 -15.06 9.65 -30.74
C THR A 259 -14.37 8.69 -29.79
N GLU A 260 -13.55 7.77 -30.32
CA GLU A 260 -12.69 6.92 -29.49
C GLU A 260 -11.57 7.80 -28.95
N LEU A 261 -11.66 8.14 -27.66
CA LEU A 261 -10.73 9.06 -27.00
C LEU A 261 -10.18 8.53 -25.66
N SER A 262 -10.09 7.21 -25.49
CA SER A 262 -9.20 6.63 -24.46
C SER A 262 -7.80 7.18 -24.68
N GLY A 263 -7.07 7.43 -23.61
CA GLY A 263 -5.75 8.03 -23.75
C GLY A 263 -5.71 9.31 -24.57
N TYR A 264 -6.68 10.18 -24.31
CA TYR A 264 -6.72 11.55 -24.81
C TYR A 264 -5.38 12.22 -24.43
N HIS A 265 -4.87 11.90 -23.23
CA HIS A 265 -3.58 12.40 -22.75
C HIS A 265 -2.39 12.05 -23.65
N TYR A 266 -2.16 10.77 -23.89
CA TYR A 266 -0.93 10.31 -24.55
C TYR A 266 -1.04 10.28 -26.08
N HIS A 267 -2.20 9.95 -26.61
CA HIS A 267 -2.38 9.97 -28.06
C HIS A 267 -2.43 11.38 -28.62
N THR A 268 -1.79 11.56 -29.77
CA THR A 268 -1.68 12.84 -30.45
C THR A 268 -2.20 12.80 -31.87
N GLY A 269 -2.89 11.73 -32.27
CA GLY A 269 -3.34 11.63 -33.65
C GLY A 269 -4.10 10.36 -33.88
N ILE A 270 -3.76 9.67 -34.97
CA ILE A 270 -4.47 8.44 -35.34
C ILE A 270 -4.35 7.36 -34.23
N VAL A 271 -5.42 6.59 -34.05
CA VAL A 271 -5.42 5.47 -33.09
C VAL A 271 -6.03 4.22 -33.71
N PHE A 272 -5.56 3.06 -33.22
CA PHE A 272 -5.93 1.75 -33.74
C PHE A 272 -6.32 0.87 -32.54
N ASN A 273 -7.35 0.08 -32.74
CA ASN A 273 -7.84 -0.89 -31.79
C ASN A 273 -8.23 -2.13 -32.57
N GLY A 274 -7.56 -3.23 -32.30
CA GLY A 274 -7.81 -4.51 -32.95
C GLY A 274 -8.55 -5.41 -32.00
N TYR A 275 -9.70 -5.90 -32.40
CA TYR A 275 -10.54 -6.77 -31.58
C TYR A 275 -10.49 -8.15 -32.15
N ILE A 276 -10.36 -9.16 -31.27
CA ILE A 276 -10.28 -10.54 -31.69
C ILE A 276 -11.68 -11.14 -31.52
N ASN A 277 -12.23 -11.65 -32.62
CA ASN A 277 -13.62 -12.08 -32.65
C ASN A 277 -14.56 -11.02 -32.02
N SER A 278 -15.28 -11.35 -30.95
CA SER A 278 -16.22 -10.42 -30.34
C SER A 278 -15.83 -10.10 -28.90
N GLU A 279 -14.54 -10.23 -28.59
CA GLU A 279 -14.04 -9.98 -27.25
C GLU A 279 -14.07 -8.47 -26.99
N THR A 280 -14.56 -8.11 -25.83
CA THR A 280 -14.80 -6.74 -25.44
C THR A 280 -13.55 -5.90 -25.41
N GLN A 281 -12.49 -6.40 -24.78
CA GLN A 281 -11.24 -5.64 -24.69
C GLN A 281 -10.40 -5.89 -25.94
N PRO A 282 -9.88 -4.83 -26.57
CA PRO A 282 -9.00 -4.99 -27.75
C PRO A 282 -7.79 -5.87 -27.47
N LEU A 283 -7.47 -6.74 -28.43
CA LEU A 283 -6.21 -7.48 -28.42
C LEU A 283 -5.04 -6.55 -28.66
N VAL A 284 -5.19 -5.63 -29.62
CA VAL A 284 -4.10 -4.77 -30.02
C VAL A 284 -4.53 -3.32 -29.86
N ARG A 285 -3.70 -2.51 -29.22
CA ARG A 285 -3.95 -1.07 -29.06
C ARG A 285 -2.77 -0.37 -29.62
N GLY A 286 -3.01 0.62 -30.45
CA GLY A 286 -1.93 1.39 -31.08
C GLY A 286 -2.33 2.80 -31.41
N GLY A 287 -1.34 3.62 -31.69
CA GLY A 287 -1.58 4.99 -32.05
C GLY A 287 -0.35 5.86 -32.14
N ARG A 288 -0.52 7.03 -32.74
CA ARG A 288 0.46 8.11 -32.66
C ARG A 288 0.58 8.66 -31.27
N PHE A 289 1.78 9.03 -30.88
CA PHE A 289 2.05 9.61 -29.59
C PHE A 289 3.29 10.50 -29.64
N ASP A 290 3.76 10.93 -28.48
CA ASP A 290 4.75 12.00 -28.39
C ASP A 290 6.08 11.44 -27.85
N PRO A 302 11.71 17.16 -29.18
CA PRO A 302 10.36 17.27 -29.79
C PRO A 302 10.13 16.25 -30.95
N ARG A 303 9.73 15.03 -30.61
CA ARG A 303 9.95 13.82 -31.44
C ARG A 303 8.69 13.07 -31.85
N GLN A 304 8.58 12.73 -33.11
CA GLN A 304 7.45 11.92 -33.60
C GLN A 304 7.55 10.46 -33.14
N ALA A 305 6.41 9.82 -32.91
CA ALA A 305 6.36 8.42 -32.46
C ALA A 305 5.03 7.76 -32.75
N THR A 306 5.06 6.51 -33.16
CA THR A 306 3.86 5.70 -33.30
C THR A 306 4.18 4.24 -32.96
N GLY A 307 3.18 3.49 -32.51
CA GLY A 307 3.41 2.11 -32.12
C GLY A 307 2.16 1.34 -31.74
N PHE A 308 2.34 0.04 -31.42
CA PHE A 308 1.26 -0.79 -30.89
C PHE A 308 1.76 -1.73 -29.80
N SER A 309 0.84 -2.30 -29.06
CA SER A 309 1.17 -3.34 -28.11
C SER A 309 0.03 -4.31 -27.95
N MET A 310 0.31 -5.49 -27.40
CA MET A 310 -0.69 -6.52 -27.18
C MET A 310 -0.28 -7.42 -26.04
N ASP A 311 -1.26 -8.05 -25.43
CA ASP A 311 -1.04 -9.08 -24.43
C ASP A 311 -0.89 -10.42 -25.13
N VAL A 312 0.34 -10.93 -25.13
CA VAL A 312 0.62 -12.23 -25.72
C VAL A 312 -0.28 -13.29 -25.15
N SER A 313 -0.54 -13.24 -23.84
CA SER A 313 -1.36 -14.26 -23.19
C SER A 313 -2.77 -14.42 -23.77
N ARG A 314 -3.31 -13.33 -24.32
CA ARG A 314 -4.62 -13.40 -24.96
C ARG A 314 -4.64 -14.13 -26.29
N LEU A 315 -3.48 -14.37 -26.88
CA LEU A 315 -3.38 -15.23 -28.07
C LEU A 315 -3.51 -16.71 -27.77
N LEU A 316 -3.34 -17.12 -26.52
CA LEU A 316 -3.24 -18.57 -26.21
C LEU A 316 -4.51 -19.34 -26.56
N ALA A 317 -5.65 -18.73 -26.30
CA ALA A 317 -6.93 -19.34 -26.63
C ALA A 317 -7.19 -19.49 -28.13
N HIS A 318 -6.48 -18.75 -28.97
CA HIS A 318 -6.73 -18.72 -30.40
C HIS A 318 -5.61 -19.33 -31.26
N THR A 319 -4.63 -19.96 -30.62
CA THR A 319 -3.47 -20.51 -31.31
C THR A 319 -3.28 -21.95 -30.90
N GLN A 320 -2.66 -22.72 -31.78
CA GLN A 320 -2.45 -24.15 -31.57
C GLN A 320 -1.05 -24.52 -31.96
N LEU A 321 -0.41 -25.40 -31.19
CA LEU A 321 0.83 -26.02 -31.66
C LEU A 321 0.55 -27.48 -31.95
N ASP A 322 1.44 -28.08 -32.73
CA ASP A 322 1.40 -29.51 -33.00
C ASP A 322 1.50 -30.25 -31.68
N ALA A 323 0.92 -31.44 -31.63
CA ALA A 323 1.08 -32.33 -30.49
C ALA A 323 2.57 -32.52 -30.23
N PRO A 324 2.97 -32.46 -28.95
CA PRO A 324 4.37 -32.73 -28.65
C PRO A 324 4.64 -34.22 -28.55
N PHE A 325 5.88 -34.61 -28.82
CA PHE A 325 6.34 -35.98 -28.69
C PHE A 325 7.06 -36.15 -27.35
N ILE A 326 6.42 -36.89 -26.45
CA ILE A 326 6.88 -37.03 -25.09
C ILE A 326 7.32 -38.48 -24.94
N VAL A 327 8.62 -38.66 -24.72
CA VAL A 327 9.29 -39.96 -24.74
C VAL A 327 9.81 -40.34 -23.36
N LEU A 328 9.59 -41.61 -22.99
CA LEU A 328 10.19 -42.18 -21.79
C LEU A 328 11.14 -43.30 -22.13
N ILE A 329 12.35 -43.22 -21.63
CA ILE A 329 13.29 -44.30 -21.78
C ILE A 329 12.88 -45.41 -20.82
N ASP A 330 12.95 -46.67 -21.27
CA ASP A 330 12.61 -47.84 -20.45
C ASP A 330 13.63 -47.97 -19.30
N TYR A 331 13.12 -48.00 -18.07
CA TYR A 331 13.96 -48.00 -16.87
C TYR A 331 14.91 -49.22 -16.78
N ASP A 332 14.31 -50.40 -16.84
CA ASP A 332 15.03 -51.68 -16.64
C ASP A 332 16.12 -51.88 -17.71
N ALA A 333 15.71 -51.78 -18.98
CA ALA A 333 16.64 -51.86 -20.10
C ALA A 333 17.84 -50.92 -19.97
N PHE A 334 17.59 -49.67 -19.56
CA PHE A 334 18.66 -48.68 -19.41
C PHE A 334 19.66 -49.09 -18.31
N ASN A 335 19.15 -49.49 -17.16
CA ASN A 335 20.03 -49.88 -16.05
C ASN A 335 20.82 -51.18 -16.27
N ASN A 336 20.37 -52.00 -17.23
CA ASN A 336 21.12 -53.17 -17.67
C ASN A 336 22.28 -52.87 -18.62
N LEU A 337 22.43 -51.61 -19.05
CA LEU A 337 23.49 -51.26 -20.01
C LEU A 337 24.83 -51.12 -19.33
N ASP A 338 25.89 -51.48 -20.07
CA ASP A 338 27.25 -51.19 -19.65
C ASP A 338 27.54 -49.73 -19.97
N SER A 339 28.63 -49.21 -19.41
CA SER A 339 29.00 -47.80 -19.55
C SER A 339 29.04 -47.31 -20.99
N ALA A 340 29.63 -48.11 -21.89
CA ALA A 340 29.76 -47.73 -23.31
C ALA A 340 28.42 -47.74 -24.07
N GLN A 341 27.55 -48.68 -23.71
CA GLN A 341 26.18 -48.70 -24.20
C GLN A 341 25.38 -47.47 -23.73
N ARG A 342 25.60 -47.05 -22.49
CA ARG A 342 24.93 -45.86 -21.95
C ARG A 342 25.33 -44.64 -22.75
N GLN A 343 26.63 -44.50 -23.02
CA GLN A 343 27.13 -43.33 -23.73
C GLN A 343 26.54 -43.23 -25.12
N LEU A 344 26.32 -44.36 -25.77
CA LEU A 344 25.71 -44.36 -27.10
C LEU A 344 24.25 -44.00 -27.03
N LEU A 345 23.54 -44.54 -26.04
CA LEU A 345 22.14 -44.16 -25.86
C LEU A 345 21.99 -42.65 -25.61
N LEU A 346 22.84 -42.10 -24.76
CA LEU A 346 22.76 -40.69 -24.41
C LEU A 346 23.00 -39.82 -25.65
N GLN A 347 23.90 -40.26 -26.52
CA GLN A 347 24.14 -39.59 -27.79
C GLN A 347 22.88 -39.60 -28.67
N GLN A 348 22.21 -40.74 -28.69
CA GLN A 348 20.96 -40.90 -29.41
C GLN A 348 19.85 -40.04 -28.81
N VAL A 349 19.81 -39.98 -27.48
CA VAL A 349 18.80 -39.16 -26.76
C VAL A 349 19.04 -37.68 -27.05
N ALA A 350 20.30 -37.26 -26.98
CA ALA A 350 20.70 -35.88 -27.36
C ALA A 350 20.24 -35.50 -28.77
N SER A 351 20.31 -36.44 -29.70
CA SER A 351 19.89 -36.21 -31.07
C SER A 351 18.38 -36.05 -31.14
N LEU A 352 17.65 -36.92 -30.45
CA LEU A 352 16.18 -36.81 -30.37
C LEU A 352 15.75 -35.46 -29.79
N ARG A 353 16.45 -35.02 -28.75
CA ARG A 353 16.18 -33.74 -28.10
C ARG A 353 16.45 -32.54 -28.98
N GLN A 354 17.48 -32.66 -29.82
CA GLN A 354 17.84 -31.64 -30.82
C GLN A 354 16.71 -31.47 -31.84
N GLN A 355 16.04 -32.58 -32.17
CA GLN A 355 14.87 -32.56 -33.05
C GLN A 355 13.59 -32.14 -32.33
N GLY A 356 13.64 -31.89 -31.02
CA GLY A 356 12.48 -31.42 -30.27
C GLY A 356 11.63 -32.46 -29.57
N TYR A 357 12.10 -33.72 -29.54
CA TYR A 357 11.50 -34.75 -28.70
C TYR A 357 11.75 -34.42 -27.25
N ARG A 358 10.73 -34.59 -26.42
CA ARG A 358 10.87 -34.42 -25.00
C ARG A 358 11.16 -35.73 -24.34
N VAL A 359 12.44 -35.96 -24.03
CA VAL A 359 12.89 -37.26 -23.50
C VAL A 359 13.20 -37.22 -22.00
N THR A 360 12.47 -38.06 -21.25
CA THR A 360 12.69 -38.24 -19.82
C THR A 360 13.57 -39.47 -19.59
N MET A 361 14.61 -39.28 -18.80
CA MET A 361 15.47 -40.36 -18.33
C MET A 361 14.96 -40.74 -16.94
N PRO A 362 14.34 -41.93 -16.80
CA PRO A 362 13.61 -42.27 -15.57
C PRO A 362 14.48 -42.46 -14.36
N LEU A 363 14.03 -41.92 -13.22
CA LEU A 363 14.73 -42.09 -11.93
C LEU A 363 14.33 -43.41 -11.27
N THR A 364 13.13 -43.89 -11.60
CA THR A 364 12.57 -45.13 -11.09
C THR A 364 11.72 -45.79 -12.16
N ALA A 365 11.33 -47.02 -11.88
CA ALA A 365 10.43 -47.78 -12.74
C ALA A 365 9.03 -47.18 -12.82
N GLU A 366 8.63 -46.37 -11.85
CA GLU A 366 7.29 -45.71 -11.86
C GLU A 366 7.32 -44.29 -12.48
N ASP A 367 8.52 -43.79 -12.79
CA ASP A 367 8.71 -42.44 -13.35
C ASP A 367 8.04 -42.32 -14.72
N MET A 368 6.97 -41.54 -14.75
CA MET A 368 6.04 -41.51 -15.87
C MET A 368 5.81 -40.04 -16.25
N PRO A 369 6.31 -39.60 -17.43
CA PRO A 369 6.03 -38.23 -17.87
C PRO A 369 4.57 -37.99 -18.13
N VAL A 370 4.10 -36.79 -17.83
CA VAL A 370 2.72 -36.39 -18.12
C VAL A 370 2.57 -36.38 -19.64
N GLY A 371 1.43 -36.84 -20.14
CA GLY A 371 1.14 -36.81 -21.59
C GLY A 371 1.99 -37.70 -22.47
N LEU A 372 2.52 -38.78 -21.88
CA LEU A 372 3.43 -39.72 -22.55
C LEU A 372 2.86 -40.17 -23.89
N THR A 373 3.69 -40.12 -24.92
CA THR A 373 3.29 -40.56 -26.25
C THR A 373 4.11 -41.72 -26.81
N HIS A 374 5.37 -41.84 -26.43
CA HIS A 374 6.25 -42.90 -26.94
C HIS A 374 7.19 -43.42 -25.86
N ARG A 375 7.60 -44.69 -26.00
CA ARG A 375 8.70 -45.26 -25.22
C ARG A 375 9.89 -45.40 -26.13
N LEU A 376 11.09 -45.22 -25.60
CA LEU A 376 12.31 -45.57 -26.31
C LEU A 376 12.70 -46.89 -25.69
N SER A 377 12.67 -47.95 -26.49
CA SER A 377 12.83 -49.32 -25.99
C SER A 377 13.95 -50.08 -26.68
N LEU A 378 14.42 -51.13 -26.01
CA LEU A 378 15.52 -51.94 -26.50
C LEU A 378 15.02 -53.28 -27.06
N ALA A 379 15.33 -53.52 -28.33
CA ALA A 379 15.12 -54.82 -28.96
C ALA A 379 16.27 -55.06 -29.93
N ASP A 380 16.85 -56.24 -29.85
CA ASP A 380 17.94 -56.70 -30.68
C ASP A 380 19.12 -55.71 -30.79
N ASN A 381 19.64 -55.30 -29.63
CA ASN A 381 20.75 -54.33 -29.55
C ASN A 381 20.49 -52.99 -30.28
N GLN A 382 19.23 -52.54 -30.28
CA GLN A 382 18.84 -51.32 -30.96
C GLN A 382 17.71 -50.63 -30.18
N TRP A 383 17.86 -49.32 -29.98
CA TRP A 383 16.86 -48.51 -29.28
C TRP A 383 15.97 -47.85 -30.31
N ARG A 384 14.65 -48.00 -30.16
CA ARG A 384 13.70 -47.38 -31.11
C ARG A 384 12.43 -46.86 -30.41
N LEU A 385 11.82 -45.83 -31.01
CA LEU A 385 10.57 -45.28 -30.51
C LEU A 385 9.39 -46.11 -30.93
N HIS A 386 8.45 -46.37 -30.01
CA HIS A 386 7.12 -46.92 -30.37
C HIS A 386 6.05 -46.24 -29.56
N ALA A 387 4.93 -45.88 -30.19
CA ALA A 387 3.82 -45.22 -29.51
C ALA A 387 3.20 -46.14 -28.45
N VAL A 388 2.47 -45.56 -27.50
CA VAL A 388 1.99 -46.28 -26.32
C VAL A 388 0.62 -46.92 -26.53
N GLY B 1 -23.63 8.52 -1.90
CA GLY B 1 -23.74 9.38 -0.67
C GLY B 1 -22.51 10.23 -0.43
N MET B 2 -22.67 11.41 0.18
CA MET B 2 -21.50 12.23 0.49
C MET B 2 -20.46 11.37 1.25
N LEU B 3 -20.84 10.84 2.42
CA LEU B 3 -19.91 10.04 3.25
C LEU B 3 -20.10 8.55 3.06
N PRO B 4 -19.05 7.74 3.30
CA PRO B 4 -19.20 6.28 3.18
C PRO B 4 -20.16 5.70 4.18
N ASP B 5 -20.66 4.51 3.89
CA ASP B 5 -21.56 3.84 4.80
C ASP B 5 -20.82 3.56 6.12
N GLY B 6 -21.52 3.80 7.23
CA GLY B 6 -20.97 3.62 8.54
C GLY B 6 -19.99 4.67 8.99
N VAL B 7 -20.05 5.84 8.35
CA VAL B 7 -19.15 6.95 8.64
C VAL B 7 -20.02 8.19 8.71
N ALA B 8 -19.97 8.90 9.83
CA ALA B 8 -20.88 10.04 10.04
C ALA B 8 -20.15 11.18 10.71
N ASP B 9 -20.50 12.40 10.34
CA ASP B 9 -20.12 13.56 11.12
C ASP B 9 -20.87 13.50 12.44
N VAL B 10 -20.21 13.99 13.49
CA VAL B 10 -20.86 14.33 14.75
C VAL B 10 -20.68 15.85 14.85
N LEU B 11 -21.79 16.58 14.78
CA LEU B 11 -21.72 18.04 14.61
C LEU B 11 -22.42 18.79 15.71
N PHE B 12 -21.87 19.95 16.03
CA PHE B 12 -22.59 20.97 16.83
C PHE B 12 -22.89 20.47 18.23
N GLU B 13 -24.15 20.40 18.66
CA GLU B 13 -24.40 20.02 20.05
C GLU B 13 -24.07 18.57 20.30
N ASP B 14 -24.21 17.73 19.29
CA ASP B 14 -23.78 16.34 19.39
C ASP B 14 -22.30 16.21 19.61
N ALA B 15 -21.54 17.07 18.95
CA ALA B 15 -20.10 17.04 19.07
C ALA B 15 -19.71 17.54 20.45
N HIS B 16 -20.35 18.62 20.88
CA HIS B 16 -20.17 19.11 22.22
C HIS B 16 -20.47 18.00 23.25
N LYS B 17 -21.57 17.29 23.06
CA LYS B 17 -21.94 16.24 23.98
C LYS B 17 -20.94 15.09 23.98
N GLN B 18 -20.51 14.68 22.79
CA GLN B 18 -19.44 13.69 22.65
C GLN B 18 -18.17 14.07 23.39
N GLU B 19 -17.78 15.33 23.28
CA GLU B 19 -16.58 15.86 23.98
C GLU B 19 -16.76 15.80 25.51
N VAL B 20 -17.91 16.20 26.00
CA VAL B 20 -18.22 16.10 27.43
C VAL B 20 -18.18 14.65 27.90
N LEU B 21 -18.83 13.74 27.18
CA LEU B 21 -18.85 12.34 27.57
C LEU B 21 -17.45 11.76 27.60
N ARG B 22 -16.69 11.98 26.52
CA ARG B 22 -15.33 11.45 26.45
C ARG B 22 -14.50 11.93 27.63
N HIS B 23 -14.60 13.22 27.90
CA HIS B 23 -13.83 13.84 28.96
C HIS B 23 -14.23 13.39 30.37
N GLN B 24 -15.53 13.37 30.65
CA GLN B 24 -16.02 12.96 31.96
C GLN B 24 -15.73 11.51 32.24
N LEU B 25 -16.02 10.65 31.27
CA LEU B 25 -15.80 9.22 31.43
C LEU B 25 -14.33 8.87 31.57
N THR B 26 -13.48 9.59 30.86
CA THR B 26 -12.03 9.41 30.97
C THR B 26 -11.58 9.79 32.38
N GLN B 27 -12.06 10.94 32.87
CA GLN B 27 -11.68 11.43 34.20
C GLN B 27 -12.15 10.48 35.32
N GLN B 28 -13.38 10.00 35.22
CA GLN B 28 -13.85 8.98 36.14
C GLN B 28 -12.94 7.75 36.23
N LEU B 29 -12.48 7.26 35.07
CA LEU B 29 -11.61 6.10 35.03
C LEU B 29 -10.30 6.43 35.71
N ILE B 30 -9.77 7.62 35.41
CA ILE B 30 -8.52 8.06 36.03
C ILE B 30 -8.63 8.12 37.55
N THR B 31 -9.76 8.62 38.06
CA THR B 31 -9.99 8.70 39.50
C THR B 31 -10.22 7.35 40.19
N HIS B 32 -10.54 6.31 39.42
CA HIS B 32 -10.56 4.93 39.95
C HIS B 32 -9.19 4.21 39.91
N GLY B 33 -8.14 4.91 39.48
CA GLY B 33 -6.78 4.37 39.53
C GLY B 33 -6.29 3.77 38.22
N TYR B 34 -7.08 3.92 37.16
CA TYR B 34 -6.69 3.46 35.83
C TYR B 34 -5.77 4.49 35.16
N GLN B 35 -4.65 4.03 34.63
CA GLN B 35 -3.70 4.94 33.99
C GLN B 35 -4.14 5.17 32.56
N LEU B 36 -4.32 6.44 32.18
CA LEU B 36 -4.68 6.77 30.82
C LEU B 36 -3.49 6.56 29.89
N VAL B 37 -3.74 5.91 28.75
CA VAL B 37 -2.75 5.80 27.71
C VAL B 37 -3.40 6.21 26.42
N SER B 38 -2.60 6.78 25.54
CA SER B 38 -3.09 7.25 24.26
C SER B 38 -2.15 6.72 23.20
N PRO B 39 -2.33 5.46 22.80
CA PRO B 39 -1.52 4.94 21.70
C PRO B 39 -1.93 5.54 20.37
N PRO B 40 -1.06 5.42 19.36
CA PRO B 40 -1.35 6.05 18.06
C PRO B 40 -2.37 5.23 17.25
N MET B 41 -2.91 5.86 16.21
CA MET B 41 -3.86 5.23 15.31
C MET B 41 -3.26 4.16 14.42
N ILE B 42 -1.94 4.22 14.18
CA ILE B 42 -1.25 3.28 13.29
C ILE B 42 -0.03 2.66 13.96
N GLU B 43 0.21 1.40 13.64
CA GLU B 43 1.37 0.65 14.05
C GLU B 43 1.74 -0.32 12.95
N PHE B 44 2.93 -0.91 13.06
CA PHE B 44 3.29 -2.02 12.21
C PHE B 44 2.38 -3.17 12.58
N THR B 45 1.94 -3.94 11.58
CA THR B 45 1.07 -5.12 11.82
C THR B 45 1.70 -6.16 12.73
N GLU B 46 3.04 -6.24 12.76
CA GLU B 46 3.78 -7.11 13.72
C GLU B 46 3.24 -6.99 15.12
N SER B 47 3.10 -5.74 15.60
CA SER B 47 2.59 -5.45 16.95
C SER B 47 1.07 -5.36 16.99
N LEU B 48 0.49 -4.67 16.02
CA LEU B 48 -0.95 -4.40 16.05
C LEU B 48 -1.79 -5.64 15.94
N LEU B 49 -1.37 -6.57 15.10
CA LEU B 49 -2.10 -7.82 14.85
C LEU B 49 -1.39 -9.05 15.41
N SER B 50 -0.48 -8.85 16.36
CA SER B 50 0.14 -9.97 17.07
C SER B 50 -0.91 -10.84 17.78
N GLY B 51 -0.98 -12.11 17.41
CA GLY B 51 -1.97 -13.04 17.96
C GLY B 51 -3.40 -12.60 17.75
N ALA B 52 -3.66 -11.86 16.68
CA ALA B 52 -4.99 -11.39 16.37
C ALA B 52 -5.84 -12.55 15.84
N SER B 53 -7.14 -12.43 16.07
CA SER B 53 -8.12 -13.33 15.47
C SER B 53 -8.16 -13.06 13.97
N GLU B 54 -8.72 -13.99 13.21
CA GLU B 54 -8.89 -13.78 11.77
C GLU B 54 -9.82 -12.59 11.52
N ASP B 55 -10.79 -12.40 12.43
CA ASP B 55 -11.76 -11.34 12.33
C ASP B 55 -11.13 -9.94 12.49
N LEU B 56 -10.28 -9.81 13.50
CA LEU B 56 -9.56 -8.58 13.74
C LEU B 56 -8.69 -8.23 12.56
N LYS B 57 -8.07 -9.24 11.93
CA LYS B 57 -7.25 -9.03 10.74
C LYS B 57 -8.06 -8.48 9.56
N ARG B 58 -9.22 -9.08 9.30
CA ARG B 58 -10.08 -8.59 8.23
C ARG B 58 -10.61 -7.19 8.54
N GLN B 59 -10.88 -6.92 9.82
CA GLN B 59 -11.38 -5.58 10.23
C GLN B 59 -10.34 -4.44 10.15
N THR B 60 -9.05 -4.78 10.06
CA THR B 60 -7.98 -3.82 10.09
C THR B 60 -7.52 -3.42 8.67
N PHE B 61 -7.75 -2.18 8.29
CA PHE B 61 -7.18 -1.60 7.06
C PHE B 61 -5.65 -1.66 7.03
N LYS B 62 -5.09 -2.01 5.88
CA LYS B 62 -3.62 -2.07 5.72
C LYS B 62 -3.13 -0.90 4.94
N ILE B 63 -1.97 -0.39 5.33
CA ILE B 63 -1.29 0.70 4.61
C ILE B 63 0.21 0.40 4.65
N ILE B 64 0.95 1.07 3.78
CA ILE B 64 2.39 0.85 3.65
C ILE B 64 3.15 2.01 4.21
N ASP B 65 4.08 1.70 5.10
CA ASP B 65 5.04 2.68 5.58
C ASP B 65 6.07 2.95 4.52
N GLN B 66 5.96 4.12 3.89
CA GLN B 66 6.90 4.59 2.88
C GLN B 66 8.35 4.77 3.36
N LEU B 67 8.59 4.77 4.66
CA LEU B 67 9.95 4.91 5.18
C LEU B 67 10.70 3.57 5.27
N THR B 68 9.97 2.46 5.39
CA THR B 68 10.57 1.14 5.53
C THR B 68 10.09 0.07 4.53
N GLY B 69 9.08 0.39 3.73
CA GLY B 69 8.40 -0.63 2.92
C GLY B 69 7.54 -1.64 3.68
N ARG B 70 7.47 -1.54 5.01
CA ARG B 70 6.76 -2.53 5.83
C ARG B 70 5.29 -2.20 5.97
N LEU B 71 4.52 -3.22 6.38
CA LEU B 71 3.07 -3.13 6.47
C LEU B 71 2.63 -2.56 7.83
N MET B 72 1.77 -1.54 7.77
CA MET B 72 1.14 -0.99 8.97
C MET B 72 -0.35 -1.24 8.88
N GLY B 73 -1.02 -1.20 10.03
CA GLY B 73 -2.49 -1.12 10.05
C GLY B 73 -3.01 0.15 10.72
N ILE B 74 -4.25 0.51 10.41
CA ILE B 74 -5.00 1.49 11.19
C ILE B 74 -5.74 0.62 12.21
N ARG B 75 -5.62 0.95 13.49
CA ARG B 75 -6.22 0.13 14.51
C ARG B 75 -7.72 -0.01 14.36
N ALA B 76 -8.17 -1.24 14.49
CA ALA B 76 -9.58 -1.56 14.62
C ALA B 76 -9.94 -1.81 16.09
N ASP B 77 -8.93 -1.98 16.93
CA ASP B 77 -9.13 -2.22 18.36
C ASP B 77 -7.93 -1.75 19.14
N ILE B 78 -8.15 -1.21 20.33
CA ILE B 78 -7.08 -0.63 21.15
C ILE B 78 -6.44 -1.64 22.07
N THR B 79 -7.19 -2.69 22.43
CA THR B 79 -6.70 -3.69 23.42
C THR B 79 -5.32 -4.30 23.08
N PRO B 80 -5.07 -4.67 21.81
CA PRO B 80 -3.71 -5.16 21.50
C PRO B 80 -2.61 -4.13 21.79
N GLN B 81 -2.95 -2.86 21.65
CA GLN B 81 -1.99 -1.80 21.97
C GLN B 81 -1.74 -1.72 23.46
N ILE B 82 -2.78 -1.95 24.25
CA ILE B 82 -2.63 -2.01 25.70
C ILE B 82 -1.72 -3.20 26.09
N LEU B 83 -1.89 -4.35 25.46
CA LEU B 83 -0.95 -5.48 25.62
C LEU B 83 0.49 -5.08 25.35
N ARG B 84 0.74 -4.49 24.20
CA ARG B 84 2.07 -3.99 23.86
C ARG B 84 2.60 -3.08 24.98
N ILE B 85 1.79 -2.09 25.39
CA ILE B 85 2.17 -1.12 26.41
C ILE B 85 2.43 -1.81 27.76
N ASP B 86 1.57 -2.73 28.16
CA ASP B 86 1.77 -3.45 29.41
C ASP B 86 3.02 -4.36 29.42
N ALA B 87 3.36 -4.94 28.28
CA ALA B 87 4.56 -5.75 28.16
C ALA B 87 5.80 -4.93 28.49
N HIS B 88 5.89 -3.73 27.90
CA HIS B 88 7.04 -2.87 28.11
C HIS B 88 7.04 -2.18 29.50
N HIS B 89 5.87 -1.76 30.01
CA HIS B 89 5.80 -0.87 31.20
C HIS B 89 5.20 -1.44 32.48
N GLY B 90 4.48 -2.56 32.41
CA GLY B 90 3.62 -3.01 33.52
C GLY B 90 4.18 -3.89 34.63
N GLY B 91 5.31 -4.57 34.36
CA GLY B 91 5.86 -5.52 35.34
C GLY B 91 4.98 -6.73 35.61
N ASP B 92 5.22 -7.37 36.74
CA ASP B 92 4.56 -8.65 37.11
C ASP B 92 3.32 -8.46 37.98
N GLY B 93 3.18 -7.28 38.58
CA GLY B 93 2.06 -7.02 39.48
C GLY B 93 0.83 -6.52 38.75
N ILE B 94 -0.14 -6.07 39.54
CA ILE B 94 -1.37 -5.56 38.96
C ILE B 94 -1.11 -4.23 38.29
N ALA B 95 -1.71 -4.03 37.11
CA ALA B 95 -1.64 -2.78 36.40
C ALA B 95 -3.02 -2.47 35.81
N ARG B 96 -3.39 -1.19 35.86
CA ARG B 96 -4.69 -0.73 35.37
C ARG B 96 -4.48 0.29 34.26
N TYR B 97 -5.23 0.16 33.18
CA TYR B 97 -5.15 1.08 32.02
C TYR B 97 -6.55 1.49 31.57
N CYS B 98 -6.67 2.73 31.11
CA CYS B 98 -7.86 3.19 30.40
C CYS B 98 -7.45 3.98 29.16
N TYR B 99 -8.42 4.21 28.29
CA TYR B 99 -8.15 4.78 26.99
C TYR B 99 -9.45 5.25 26.38
N ALA B 100 -9.31 6.15 25.43
CA ALA B 100 -10.40 6.59 24.60
C ALA B 100 -9.81 7.12 23.31
N GLY B 101 -10.20 6.50 22.20
CA GLY B 101 -9.64 6.88 20.91
C GLY B 101 -10.43 6.28 19.78
N ASP B 102 -10.27 6.90 18.62
CA ASP B 102 -10.89 6.46 17.39
C ASP B 102 -10.27 5.15 16.91
N VAL B 103 -11.12 4.23 16.48
CA VAL B 103 -10.71 3.03 15.78
C VAL B 103 -11.53 2.96 14.49
N ILE B 104 -11.01 2.24 13.50
CA ILE B 104 -11.66 2.15 12.20
C ILE B 104 -11.83 0.67 11.85
N HIS B 105 -12.97 0.34 11.29
CA HIS B 105 -13.24 -1.03 10.86
C HIS B 105 -13.49 -1.01 9.36
N THR B 106 -13.00 -2.05 8.67
CA THR B 106 -13.27 -2.21 7.22
C THR B 106 -14.75 -2.43 6.89
N LEU B 107 -15.45 -3.17 7.75
CA LEU B 107 -16.88 -3.43 7.58
C LEU B 107 -17.69 -3.13 8.86
N PRO B 108 -18.95 -2.69 8.70
CA PRO B 108 -19.80 -2.53 9.87
C PRO B 108 -20.08 -3.86 10.51
N SER B 109 -20.19 -3.93 11.84
CA SER B 109 -21.01 -4.97 12.53
C SER B 109 -22.39 -4.35 12.62
N GLY B 110 -23.42 -5.16 12.52
CA GLY B 110 -24.76 -4.64 12.59
C GLY B 110 -25.22 -3.81 11.40
N LEU B 111 -26.48 -4.04 11.00
CA LEU B 111 -27.11 -3.30 9.90
C LEU B 111 -27.04 -1.79 10.18
N PHE B 112 -26.39 -1.06 9.28
CA PHE B 112 -26.15 0.37 9.44
C PHE B 112 -25.30 0.80 10.65
N GLY B 113 -24.48 -0.11 11.15
CA GLY B 113 -23.56 0.19 12.24
C GLY B 113 -22.36 1.01 11.78
N SER B 114 -21.67 1.58 12.77
CA SER B 114 -20.57 2.47 12.54
C SER B 114 -19.31 1.70 12.18
N ARG B 115 -18.50 2.25 11.30
CA ARG B 115 -17.15 1.79 11.05
C ARG B 115 -16.11 2.69 11.76
N THR B 116 -16.55 3.78 12.43
CA THR B 116 -15.65 4.72 13.07
C THR B 116 -16.04 5.01 14.53
N PRO B 117 -16.02 3.97 15.36
CA PRO B 117 -16.38 4.19 16.74
C PRO B 117 -15.32 4.94 17.52
N LEU B 118 -15.76 5.68 18.55
CA LEU B 118 -14.85 6.31 19.51
C LEU B 118 -14.75 5.34 20.68
N GLN B 119 -13.72 4.52 20.65
CA GLN B 119 -13.63 3.37 21.57
C GLN B 119 -13.05 3.82 22.91
N LEU B 120 -13.85 3.64 23.96
CA LEU B 120 -13.40 3.93 25.31
C LEU B 120 -13.38 2.65 26.12
N GLY B 121 -12.33 2.44 26.90
CA GLY B 121 -12.23 1.24 27.72
C GLY B 121 -11.30 1.28 28.91
N ALA B 122 -11.36 0.20 29.68
CA ALA B 122 -10.58 0.02 30.89
C ALA B 122 -10.15 -1.41 30.95
N GLU B 123 -8.93 -1.65 31.44
CA GLU B 123 -8.40 -2.99 31.52
C GLU B 123 -7.54 -3.20 32.75
N ILE B 124 -7.68 -4.37 33.38
CA ILE B 124 -6.89 -4.73 34.55
C ILE B 124 -6.03 -5.92 34.18
N PHE B 125 -4.71 -5.75 34.29
CA PHE B 125 -3.76 -6.82 34.02
C PHE B 125 -3.21 -7.35 35.33
N GLY B 126 -2.82 -8.62 35.33
CA GLY B 126 -2.07 -9.21 36.45
C GLY B 126 -2.80 -9.65 37.70
N CYS B 127 -4.12 -9.88 37.60
CA CYS B 127 -4.90 -10.41 38.74
C CYS B 127 -5.75 -11.59 38.29
N GLU B 128 -5.58 -12.73 38.94
CA GLU B 128 -6.27 -13.98 38.59
C GLU B 128 -7.71 -13.96 39.13
N SER B 129 -7.91 -13.27 40.25
CA SER B 129 -9.16 -13.34 40.98
C SER B 129 -10.36 -12.76 40.22
N ILE B 130 -11.51 -13.37 40.46
CA ILE B 130 -12.80 -12.81 40.05
C ILE B 130 -13.04 -11.38 40.64
N ALA B 131 -12.30 -11.00 41.69
CA ALA B 131 -12.32 -9.64 42.24
C ALA B 131 -11.98 -8.53 41.22
N ALA B 132 -11.08 -8.81 40.29
CA ALA B 132 -10.75 -7.85 39.20
C ALA B 132 -11.93 -7.62 38.27
N ASP B 133 -12.64 -8.68 37.93
CA ASP B 133 -13.85 -8.58 37.13
C ASP B 133 -14.96 -7.83 37.88
N ILE B 134 -15.02 -8.00 39.20
CA ILE B 134 -16.00 -7.28 40.01
C ILE B 134 -15.67 -5.78 40.11
N GLU B 135 -14.38 -5.44 40.21
CA GLU B 135 -13.95 -4.03 40.23
C GLU B 135 -14.34 -3.31 38.94
N LEU B 136 -14.08 -3.97 37.80
CA LEU B 136 -14.48 -3.46 36.49
C LEU B 136 -15.97 -3.20 36.35
N ILE B 137 -16.77 -4.13 36.86
CA ILE B 137 -18.21 -3.96 36.89
C ILE B 137 -18.56 -2.73 37.71
N ASP B 138 -17.88 -2.54 38.83
CA ASP B 138 -18.16 -1.40 39.69
C ASP B 138 -17.82 -0.09 38.98
N VAL B 139 -16.66 -0.07 38.33
CA VAL B 139 -16.23 1.10 37.58
C VAL B 139 -17.23 1.42 36.45
N LEU B 140 -17.56 0.40 35.66
CA LEU B 140 -18.51 0.55 34.58
C LEU B 140 -19.84 1.10 35.03
N PHE B 141 -20.41 0.50 36.06
CA PHE B 141 -21.72 0.94 36.54
C PHE B 141 -21.71 2.31 37.19
N SER B 142 -20.61 2.67 37.84
CA SER B 142 -20.45 4.03 38.33
C SER B 142 -20.49 5.02 37.16
N MET B 143 -19.80 4.68 36.07
CA MET B 143 -19.82 5.49 34.86
C MET B 143 -21.21 5.58 34.25
N ILE B 144 -21.86 4.44 34.07
CA ILE B 144 -23.20 4.42 33.49
C ILE B 144 -24.15 5.26 34.32
N ASN B 145 -24.08 5.13 35.65
CA ASN B 145 -24.97 5.87 36.55
C ASN B 145 -24.74 7.36 36.50
N SER B 146 -23.49 7.79 36.33
CA SER B 146 -23.17 9.21 36.18
C SER B 146 -23.81 9.86 34.97
N LEU B 147 -24.20 9.07 33.96
CA LEU B 147 -24.80 9.60 32.74
C LEU B 147 -26.27 9.98 32.86
N ASP B 148 -26.97 9.60 33.93
CA ASP B 148 -28.38 10.00 34.12
C ASP B 148 -29.22 9.75 32.85
N MET B 149 -29.15 8.52 32.37
CA MET B 149 -29.96 8.05 31.28
C MET B 149 -31.27 7.48 31.80
N SER B 150 -32.29 7.55 30.97
CA SER B 150 -33.56 6.85 31.16
C SER B 150 -33.48 5.48 30.52
N ALA B 151 -32.66 5.32 29.49
CA ALA B 151 -32.36 4.01 28.91
C ALA B 151 -31.77 3.10 29.97
N VAL B 152 -32.14 1.82 29.89
CA VAL B 152 -31.67 0.83 30.86
C VAL B 152 -30.66 -0.11 30.20
N LEU B 153 -29.57 -0.37 30.92
CA LEU B 153 -28.58 -1.33 30.50
C LEU B 153 -28.95 -2.74 31.01
N HIS B 154 -29.14 -3.69 30.09
CA HIS B 154 -29.32 -5.11 30.42
CA HIS B 154 -29.33 -5.11 30.42
C HIS B 154 -27.97 -5.81 30.29
N VAL B 155 -27.60 -6.63 31.27
CA VAL B 155 -26.33 -7.35 31.22
C VAL B 155 -26.55 -8.84 30.96
N ASP B 156 -25.80 -9.37 29.98
CA ASP B 156 -25.76 -10.80 29.68
C ASP B 156 -24.39 -11.31 30.08
N LEU B 157 -24.34 -12.33 30.93
CA LEU B 157 -23.09 -12.97 31.29
C LEU B 157 -22.98 -14.31 30.60
N GLY B 158 -21.77 -14.61 30.18
CA GLY B 158 -21.44 -15.91 29.63
C GLY B 158 -20.14 -16.35 30.27
N HIS B 159 -19.61 -17.45 29.78
CA HIS B 159 -18.35 -17.99 30.29
C HIS B 159 -17.88 -19.08 29.33
N VAL B 160 -16.93 -18.72 28.46
CA VAL B 160 -16.50 -19.64 27.41
C VAL B 160 -15.85 -20.95 27.91
N THR B 161 -15.21 -20.90 29.09
CA THR B 161 -14.58 -22.06 29.69
C THR B 161 -15.51 -23.27 29.75
N ILE B 162 -16.80 -23.07 30.10
CA ILE B 162 -17.74 -24.18 30.29
C ILE B 162 -17.86 -25.05 29.03
N PHE B 163 -18.20 -24.44 27.90
CA PHE B 163 -18.27 -25.15 26.64
C PHE B 163 -16.91 -25.71 26.18
N LYS B 164 -15.82 -25.00 26.46
CA LYS B 164 -14.49 -25.47 26.05
C LYS B 164 -14.05 -26.73 26.82
N ARG B 165 -14.38 -26.78 28.11
CA ARG B 165 -14.11 -27.97 28.92
C ARG B 165 -14.99 -29.15 28.50
N LEU B 166 -16.27 -28.89 28.24
CA LEU B 166 -17.14 -29.92 27.72
C LEU B 166 -16.65 -30.42 26.37
N ALA B 167 -16.19 -29.51 25.50
CA ALA B 167 -15.64 -29.92 24.20
C ALA B 167 -14.38 -30.76 24.34
N GLU B 168 -13.56 -30.46 25.33
CA GLU B 168 -12.35 -31.26 25.65
C GLU B 168 -12.74 -32.64 26.16
N LEU B 169 -13.43 -32.67 27.29
CA LEU B 169 -13.84 -33.93 27.95
C LEU B 169 -14.60 -34.89 27.03
N ALA B 170 -15.44 -34.35 26.14
CA ALA B 170 -16.16 -35.14 25.15
C ALA B 170 -15.35 -35.37 23.84
N ALA B 171 -14.10 -34.89 23.82
CA ALA B 171 -13.18 -35.06 22.69
C ALA B 171 -13.82 -34.79 21.33
N LEU B 172 -14.44 -33.61 21.19
CA LEU B 172 -15.12 -33.22 19.93
C LEU B 172 -14.10 -32.81 18.87
N SER B 173 -14.45 -33.10 17.62
CA SER B 173 -13.66 -32.64 16.48
C SER B 173 -13.94 -31.17 16.20
N ALA B 174 -13.12 -30.59 15.34
CA ALA B 174 -13.32 -29.22 14.87
C ALA B 174 -14.69 -29.08 14.24
N SER B 175 -15.02 -30.00 13.34
CA SER B 175 -16.31 -30.03 12.65
C SER B 175 -17.50 -29.95 13.61
N ASP B 176 -17.49 -30.82 14.64
CA ASP B 176 -18.60 -30.92 15.59
C ASP B 176 -18.72 -29.69 16.51
N THR B 177 -17.56 -29.15 16.93
CA THR B 177 -17.52 -27.90 17.68
C THR B 177 -18.17 -26.75 16.87
N GLU B 178 -17.72 -26.55 15.63
CA GLU B 178 -18.33 -25.56 14.71
C GLU B 178 -19.84 -25.69 14.56
N GLN B 179 -20.32 -26.91 14.45
CA GLN B 179 -21.74 -27.18 14.22
C GLN B 179 -22.57 -26.84 15.48
N LEU B 180 -22.07 -27.22 16.65
CA LEU B 180 -22.74 -26.87 17.90
C LEU B 180 -22.78 -25.34 18.09
N MET B 181 -21.65 -24.69 17.80
CA MET B 181 -21.54 -23.23 17.93
C MET B 181 -22.51 -22.52 17.01
N GLN B 182 -22.62 -23.00 15.78
CA GLN B 182 -23.58 -22.45 14.81
C GLN B 182 -25.00 -22.62 15.32
N LEU B 183 -25.31 -23.80 15.85
CA LEU B 183 -26.65 -24.12 16.36
C LEU B 183 -27.01 -23.31 17.61
N TYR B 184 -26.02 -23.12 18.48
CA TYR B 184 -26.16 -22.23 19.63
C TYR B 184 -26.47 -20.80 19.21
N ALA B 185 -25.64 -20.25 18.31
CA ALA B 185 -25.83 -18.90 17.77
C ALA B 185 -27.22 -18.64 17.22
N ASN B 186 -27.82 -19.67 16.60
CA ASN B 186 -29.18 -19.60 16.03
C ASN B 186 -30.29 -20.06 16.95
N LYS B 187 -29.97 -20.46 18.18
CA LYS B 187 -30.96 -21.02 19.10
C LYS B 187 -31.85 -22.09 18.41
N ASN B 188 -31.23 -22.94 17.61
CA ASN B 188 -31.95 -23.98 16.91
C ASN B 188 -32.01 -25.23 17.82
N LEU B 189 -33.05 -25.31 18.67
CA LEU B 189 -33.16 -26.38 19.67
C LEU B 189 -33.45 -27.79 19.07
N PRO B 190 -34.40 -27.88 18.11
CA PRO B 190 -34.69 -29.18 17.47
C PRO B 190 -33.48 -29.83 16.80
N GLU B 191 -32.80 -29.11 15.91
CA GLU B 191 -31.63 -29.68 15.23
C GLU B 191 -30.48 -29.92 16.20
N LEU B 192 -30.39 -29.12 17.27
CA LEU B 192 -29.39 -29.33 18.31
C LEU B 192 -29.64 -30.64 19.06
N LYS B 193 -30.90 -30.88 19.38
CA LYS B 193 -31.34 -32.10 20.06
C LYS B 193 -30.95 -33.35 19.25
N GLN B 194 -31.20 -33.31 17.95
CA GLN B 194 -30.84 -34.39 17.02
C GLN B 194 -29.33 -34.63 17.04
N VAL B 195 -28.56 -33.57 16.78
CA VAL B 195 -27.09 -33.67 16.73
C VAL B 195 -26.50 -34.16 18.05
N CYS B 196 -27.11 -33.76 19.16
CA CYS B 196 -26.66 -34.16 20.50
C CYS B 196 -26.96 -35.61 20.89
N GLN B 197 -27.96 -36.25 20.28
CA GLN B 197 -28.24 -37.69 20.54
C GLN B 197 -27.09 -38.59 20.09
N VAL B 198 -26.41 -38.16 19.02
CA VAL B 198 -25.31 -38.91 18.40
C VAL B 198 -23.90 -38.38 18.74
N LEU B 199 -23.78 -37.49 19.74
CA LEU B 199 -22.48 -36.98 20.18
C LEU B 199 -22.14 -37.52 21.56
N PRO B 200 -20.84 -37.73 21.85
CA PRO B 200 -20.46 -38.09 23.21
C PRO B 200 -20.73 -36.92 24.19
N MET B 201 -21.32 -37.24 25.35
CA MET B 201 -21.78 -36.26 26.34
C MET B 201 -22.76 -35.23 25.76
N GLY B 202 -23.44 -35.59 24.67
CA GLY B 202 -24.31 -34.66 23.92
C GLY B 202 -25.43 -34.09 24.76
N SER B 203 -25.80 -34.85 25.78
CA SER B 203 -26.75 -34.42 26.78
C SER B 203 -26.32 -33.14 27.49
N ASP B 204 -25.03 -33.01 27.80
CA ASP B 204 -24.52 -31.80 28.44
C ASP B 204 -24.58 -30.58 27.48
N PHE B 205 -24.18 -30.78 26.24
CA PHE B 205 -24.26 -29.69 25.24
C PHE B 205 -25.70 -29.22 25.03
N TYR B 206 -26.66 -30.13 25.08
CA TYR B 206 -28.06 -29.76 24.96
C TYR B 206 -28.51 -28.96 26.18
N THR B 207 -28.08 -29.41 27.36
CA THR B 207 -28.38 -28.76 28.64
C THR B 207 -27.93 -27.29 28.69
N LEU B 208 -26.74 -27.01 28.15
CA LEU B 208 -26.23 -25.64 28.07
C LEU B 208 -27.24 -24.72 27.38
N ALA B 209 -27.76 -25.14 26.23
CA ALA B 209 -28.71 -24.33 25.47
C ALA B 209 -30.09 -24.25 26.09
N ARG B 210 -30.51 -25.33 26.71
CA ARG B 210 -31.88 -25.47 27.22
C ARG B 210 -32.01 -24.95 28.65
N PHE B 211 -31.00 -25.19 29.49
CA PHE B 211 -31.03 -24.82 30.91
C PHE B 211 -29.85 -23.94 31.39
N GLY B 212 -29.05 -23.40 30.48
CA GLY B 212 -27.90 -22.56 30.84
C GLY B 212 -28.25 -21.26 31.55
N HIS B 213 -29.39 -20.68 31.18
CA HIS B 213 -29.93 -19.50 31.84
C HIS B 213 -30.14 -19.64 33.37
N ASP B 214 -30.39 -20.86 33.84
CA ASP B 214 -30.64 -21.11 35.26
C ASP B 214 -29.34 -21.61 35.91
N ILE B 215 -28.48 -20.66 36.22
CA ILE B 215 -27.11 -20.94 36.65
C ILE B 215 -27.03 -21.56 38.05
N ALA B 216 -28.04 -21.34 38.87
CA ALA B 216 -28.15 -21.97 40.22
C ALA B 216 -28.18 -23.50 40.17
N ASN B 217 -28.77 -24.04 39.11
CA ASN B 217 -28.96 -25.48 38.91
C ASN B 217 -28.21 -26.09 37.75
N LEU B 218 -27.46 -25.29 36.99
CA LEU B 218 -26.72 -25.83 35.86
C LEU B 218 -25.74 -26.95 36.24
N LEU B 219 -25.02 -26.79 37.35
CA LEU B 219 -24.03 -27.81 37.74
C LEU B 219 -24.69 -29.17 37.96
N GLY B 220 -25.77 -29.19 38.75
CA GLY B 220 -26.55 -30.39 39.01
C GLY B 220 -27.26 -31.08 37.84
N ARG B 221 -27.45 -30.36 36.73
CA ARG B 221 -27.98 -30.96 35.49
C ARG B 221 -26.89 -31.60 34.63
N LEU B 222 -25.63 -31.32 34.94
CA LEU B 222 -24.54 -31.78 34.10
C LEU B 222 -24.15 -33.19 34.48
N SER B 223 -23.48 -33.85 33.53
CA SER B 223 -23.01 -35.21 33.70
C SER B 223 -21.97 -35.33 34.83
N GLU B 224 -21.69 -36.55 35.23
CA GLU B 224 -20.75 -36.80 36.34
C GLU B 224 -19.34 -36.35 35.96
N ASN B 225 -18.92 -36.68 34.75
CA ASN B 225 -17.62 -36.23 34.21
C ASN B 225 -17.49 -34.70 34.18
N ALA B 226 -18.57 -34.02 33.81
CA ALA B 226 -18.62 -32.56 33.82
C ALA B 226 -18.55 -32.03 35.23
N GLN B 227 -19.41 -32.54 36.12
CA GLN B 227 -19.44 -32.13 37.54
C GLN B 227 -18.12 -32.29 38.29
N GLN B 228 -17.27 -33.22 37.84
CA GLN B 228 -15.96 -33.46 38.48
C GLN B 228 -14.80 -32.68 37.85
N ASP B 229 -15.10 -31.91 36.80
CA ASP B 229 -14.12 -30.98 36.20
C ASP B 229 -14.07 -29.70 37.03
N THR B 230 -12.92 -29.41 37.63
CA THR B 230 -12.73 -28.22 38.48
C THR B 230 -12.97 -26.90 37.72
N LYS B 231 -12.49 -26.84 36.48
CA LYS B 231 -12.65 -25.65 35.65
C LYS B 231 -14.12 -25.33 35.35
N ILE B 232 -14.89 -26.37 35.04
CA ILE B 232 -16.34 -26.22 34.90
C ILE B 232 -16.96 -25.72 36.19
N VAL B 233 -16.53 -26.27 37.33
CA VAL B 233 -17.12 -25.89 38.64
C VAL B 233 -16.80 -24.44 38.97
N THR B 234 -15.54 -24.06 38.78
CA THR B 234 -15.07 -22.70 39.06
C THR B 234 -15.80 -21.67 38.16
N ALA B 235 -15.89 -21.99 36.87
CA ALA B 235 -16.58 -21.13 35.92
C ALA B 235 -18.01 -20.84 36.35
N ILE B 236 -18.76 -21.90 36.65
CA ILE B 236 -20.14 -21.76 37.12
C ILE B 236 -20.15 -20.96 38.42
N ASP B 237 -19.14 -21.16 39.27
CA ASP B 237 -19.06 -20.38 40.52
C ASP B 237 -18.87 -18.89 40.24
N GLU B 238 -17.95 -18.58 39.31
CA GLU B 238 -17.71 -17.18 38.89
C GLU B 238 -18.97 -16.50 38.39
N LEU B 239 -19.71 -17.17 37.50
CA LEU B 239 -20.98 -16.65 37.01
C LEU B 239 -21.95 -16.31 38.13
N GLN B 240 -22.04 -17.19 39.11
CA GLN B 240 -22.94 -16.98 40.25
C GLN B 240 -22.53 -15.78 41.09
N ARG B 241 -21.22 -15.56 41.28
CA ARG B 241 -20.74 -14.41 42.03
C ARG B 241 -21.02 -13.09 41.32
N LEU B 242 -20.66 -13.01 40.03
CA LEU B 242 -20.94 -11.80 39.27
C LEU B 242 -22.42 -11.46 39.20
N LYS B 243 -23.24 -12.48 39.02
CA LYS B 243 -24.68 -12.30 38.92
C LYS B 243 -25.23 -11.69 40.19
N ALA B 244 -24.84 -12.27 41.32
CA ALA B 244 -25.27 -11.82 42.63
C ALA B 244 -24.80 -10.40 42.90
N HIS B 245 -23.50 -10.17 42.65
CA HIS B 245 -22.93 -8.84 42.81
C HIS B 245 -23.67 -7.79 42.02
N LEU B 246 -23.94 -8.06 40.74
CA LEU B 246 -24.69 -7.11 39.89
C LEU B 246 -26.10 -6.80 40.40
N GLN B 247 -26.81 -7.83 40.85
CA GLN B 247 -28.19 -7.67 41.34
C GLN B 247 -28.21 -6.93 42.69
N VAL B 248 -27.42 -7.44 43.66
CA VAL B 248 -27.30 -6.81 44.99
C VAL B 248 -26.75 -5.38 44.92
N GLN B 249 -25.49 -5.23 44.53
CA GLN B 249 -24.81 -3.93 44.56
C GLN B 249 -25.41 -2.89 43.59
N TRP B 250 -25.87 -3.33 42.43
CA TRP B 250 -26.24 -2.40 41.35
C TRP B 250 -27.67 -2.50 40.82
N GLN B 251 -28.49 -3.40 41.37
CA GLN B 251 -29.87 -3.59 40.90
C GLN B 251 -29.90 -3.75 39.37
N CYS B 252 -29.07 -4.67 38.88
CA CYS B 252 -29.00 -4.95 37.45
C CYS B 252 -29.81 -6.20 37.10
N ALA B 253 -30.65 -6.06 36.06
CA ALA B 253 -31.23 -7.20 35.35
C ALA B 253 -30.11 -8.01 34.67
N VAL B 254 -29.89 -9.25 35.13
CA VAL B 254 -28.86 -10.14 34.57
C VAL B 254 -29.46 -11.42 33.97
N SER B 255 -29.15 -11.69 32.72
CA SER B 255 -29.43 -12.97 32.11
C SER B 255 -28.11 -13.71 31.96
N ILE B 256 -28.19 -15.04 31.95
CA ILE B 256 -27.03 -15.91 31.79
C ILE B 256 -27.25 -16.64 30.47
N ASP B 257 -26.20 -16.69 29.66
CA ASP B 257 -26.19 -17.48 28.44
C ASP B 257 -24.79 -18.03 28.28
N VAL B 258 -24.63 -19.27 28.74
CA VAL B 258 -23.35 -19.99 28.65
C VAL B 258 -23.07 -20.52 27.25
N THR B 259 -24.01 -20.34 26.31
CA THR B 259 -23.78 -20.63 24.90
C THR B 259 -23.36 -19.41 24.09
N GLU B 260 -23.14 -18.27 24.76
CA GLU B 260 -22.64 -17.06 24.11
C GLU B 260 -21.16 -17.31 23.88
N LEU B 261 -20.78 -17.57 22.61
CA LEU B 261 -19.41 -17.90 22.24
C LEU B 261 -18.80 -17.06 21.10
N SER B 262 -19.30 -15.82 20.91
CA SER B 262 -18.57 -14.82 20.13
C SER B 262 -17.17 -14.67 20.74
N GLY B 263 -16.19 -14.44 19.89
CA GLY B 263 -14.82 -14.33 20.40
C GLY B 263 -14.37 -15.53 21.22
N TYR B 264 -14.70 -16.71 20.73
CA TYR B 264 -14.16 -17.98 21.20
C TYR B 264 -12.64 -17.89 21.20
N HIS B 265 -12.09 -17.23 20.17
CA HIS B 265 -10.64 -16.98 20.01
C HIS B 265 -10.02 -16.22 21.19
N TYR B 266 -10.52 -15.01 21.46
CA TYR B 266 -9.85 -14.08 22.37
C TYR B 266 -10.29 -14.23 23.81
N HIS B 267 -11.55 -14.57 24.05
CA HIS B 267 -12.01 -14.78 25.41
C HIS B 267 -11.50 -16.08 25.98
N THR B 268 -11.13 -16.02 27.27
CA THR B 268 -10.57 -17.13 27.99
C THR B 268 -11.33 -17.45 29.26
N GLY B 269 -12.51 -16.90 29.43
CA GLY B 269 -13.27 -17.13 30.65
C GLY B 269 -14.58 -16.38 30.62
N ILE B 270 -14.83 -15.69 31.73
CA ILE B 270 -16.08 -14.95 31.89
C ILE B 270 -16.22 -13.86 30.80
N VAL B 271 -17.46 -13.64 30.34
CA VAL B 271 -17.73 -12.55 29.40
C VAL B 271 -18.96 -11.77 29.85
N PHE B 272 -18.93 -10.46 29.53
CA PHE B 272 -20.02 -9.55 29.81
C PHE B 272 -20.41 -8.79 28.56
N ASN B 273 -21.72 -8.65 28.36
CA ASN B 273 -22.28 -7.94 27.24
C ASN B 273 -23.40 -7.08 27.78
N GLY B 274 -23.25 -5.76 27.61
CA GLY B 274 -24.26 -4.82 28.08
C GLY B 274 -25.03 -4.29 26.91
N TYR B 275 -26.34 -4.45 26.95
CA TYR B 275 -27.23 -4.01 25.87
C TYR B 275 -28.01 -2.83 26.37
N ILE B 276 -28.20 -1.83 25.52
CA ILE B 276 -28.93 -0.62 25.86
C ILE B 276 -30.32 -0.77 25.28
N ASN B 277 -31.34 -0.67 26.13
CA ASN B 277 -32.73 -0.94 25.75
C ASN B 277 -32.85 -2.24 24.93
N SER B 278 -33.29 -2.18 23.68
CA SER B 278 -33.45 -3.37 22.86
C SER B 278 -32.56 -3.33 21.61
N GLU B 279 -31.43 -2.63 21.72
CA GLU B 279 -30.49 -2.51 20.62
C GLU B 279 -29.75 -3.85 20.45
N THR B 280 -29.68 -4.29 19.22
CA THR B 280 -29.14 -5.61 18.89
C THR B 280 -27.67 -5.73 19.22
N GLN B 281 -26.88 -4.72 18.87
CA GLN B 281 -25.45 -4.77 19.11
C GLN B 281 -25.17 -4.24 20.54
N PRO B 282 -24.36 -4.97 21.31
CA PRO B 282 -24.01 -4.52 22.69
C PRO B 282 -23.37 -3.17 22.71
N LEU B 283 -23.74 -2.35 23.68
CA LEU B 283 -23.01 -1.11 23.97
C LEU B 283 -21.68 -1.41 24.57
N VAL B 284 -21.65 -2.36 25.50
CA VAL B 284 -20.42 -2.66 26.21
C VAL B 284 -20.08 -4.14 26.01
N ARG B 285 -18.83 -4.42 25.65
CA ARG B 285 -18.36 -5.81 25.56
C ARG B 285 -17.17 -5.90 26.47
N GLY B 286 -17.17 -6.92 27.32
CA GLY B 286 -16.05 -7.15 28.19
C GLY B 286 -15.89 -8.59 28.57
N GLY B 287 -14.79 -8.86 29.25
CA GLY B 287 -14.48 -10.20 29.69
C GLY B 287 -12.99 -10.51 29.75
N ARG B 288 -12.73 -11.69 30.27
CA ARG B 288 -11.38 -12.17 30.46
C ARG B 288 -10.68 -12.45 29.13
N PHE B 289 -9.40 -12.17 29.08
CA PHE B 289 -8.59 -12.44 27.90
C PHE B 289 -7.13 -12.68 28.31
N ASP B 290 -6.22 -12.69 27.37
CA ASP B 290 -4.84 -13.11 27.61
C ASP B 290 -3.86 -11.93 27.46
N GLY B 291 -2.93 -11.78 28.40
CA GLY B 291 -1.79 -10.84 28.29
C GLY B 291 -0.43 -11.48 27.90
N PRO B 302 3.17 -15.34 31.00
CA PRO B 302 1.78 -15.81 31.20
C PRO B 302 0.96 -14.82 32.06
N ARG B 303 0.32 -13.84 31.39
CA ARG B 303 -0.30 -12.68 32.09
C ARG B 303 -1.83 -12.60 32.02
N GLN B 304 -2.43 -12.49 33.20
CA GLN B 304 -3.88 -12.36 33.31
C GLN B 304 -4.35 -10.97 32.85
N ALA B 305 -5.56 -10.92 32.27
CA ALA B 305 -6.13 -9.68 31.79
C ALA B 305 -7.65 -9.75 31.71
N THR B 306 -8.29 -8.66 32.11
CA THR B 306 -9.73 -8.52 31.90
C THR B 306 -10.04 -7.06 31.63
N GLY B 307 -11.13 -6.81 30.91
CA GLY B 307 -11.46 -5.43 30.54
C GLY B 307 -12.76 -5.27 29.82
N PHE B 308 -13.12 -4.03 29.49
CA PHE B 308 -14.28 -3.74 28.67
C PHE B 308 -14.02 -2.58 27.74
N SER B 309 -14.87 -2.44 26.74
CA SER B 309 -14.82 -1.27 25.90
C SER B 309 -16.19 -0.93 25.37
N MET B 310 -16.36 0.28 24.87
CA MET B 310 -17.62 0.77 24.36
C MET B 310 -17.41 1.87 23.36
N ASP B 311 -18.38 2.03 22.47
CA ASP B 311 -18.39 3.15 21.52
C ASP B 311 -19.10 4.32 22.21
N VAL B 312 -18.33 5.33 22.58
CA VAL B 312 -18.87 6.53 23.20
C VAL B 312 -19.98 7.12 22.33
N SER B 313 -19.81 7.10 21.01
CA SER B 313 -20.79 7.70 20.12
C SER B 313 -22.19 7.10 20.23
N ARG B 314 -22.28 5.85 20.63
CA ARG B 314 -23.59 5.22 20.84
C ARG B 314 -24.32 5.70 22.10
N LEU B 315 -23.62 6.37 23.00
CA LEU B 315 -24.27 7.02 24.14
C LEU B 315 -24.99 8.31 23.78
N LEU B 316 -24.69 8.93 22.62
CA LEU B 316 -25.21 10.26 22.31
C LEU B 316 -26.74 10.30 22.27
N ALA B 317 -27.35 9.27 21.70
CA ALA B 317 -28.79 9.18 21.65
C ALA B 317 -29.48 9.00 22.99
N HIS B 318 -28.77 8.58 24.01
CA HIS B 318 -29.34 8.28 25.32
C HIS B 318 -28.92 9.22 26.45
N THR B 319 -28.22 10.31 26.10
CA THR B 319 -27.68 11.24 27.09
C THR B 319 -28.12 12.64 26.73
N GLN B 320 -28.17 13.52 27.71
CA GLN B 320 -28.70 14.88 27.53
C GLN B 320 -27.81 15.87 28.23
N LEU B 321 -27.51 16.99 27.59
CA LEU B 321 -26.94 18.12 28.34
C LEU B 321 -27.94 19.22 28.48
N ASP B 322 -27.71 20.09 29.48
CA ASP B 322 -28.54 21.28 29.62
C ASP B 322 -28.42 22.12 28.35
N ALA B 323 -29.48 22.86 28.04
CA ALA B 323 -29.45 23.80 26.95
C ALA B 323 -28.27 24.74 27.17
N PRO B 324 -27.51 25.05 26.11
CA PRO B 324 -26.44 25.98 26.26
C PRO B 324 -26.94 27.43 26.21
N PHE B 325 -26.17 28.33 26.81
CA PHE B 325 -26.39 29.75 26.71
C PHE B 325 -25.48 30.33 25.62
N ILE B 326 -26.09 30.75 24.52
CA ILE B 326 -25.36 31.25 23.37
C ILE B 326 -25.68 32.75 23.30
N VAL B 327 -24.66 33.57 23.53
CA VAL B 327 -24.78 35.00 23.76
C VAL B 327 -24.11 35.79 22.65
N LEU B 328 -24.80 36.83 22.17
CA LEU B 328 -24.20 37.79 21.23
C LEU B 328 -24.11 39.17 21.86
N ILE B 329 -22.93 39.75 21.82
CA ILE B 329 -22.78 41.13 22.28
C ILE B 329 -23.35 42.02 21.19
N ASP B 330 -24.08 43.08 21.59
CA ASP B 330 -24.71 44.01 20.62
C ASP B 330 -23.59 44.81 19.92
N TYR B 331 -23.58 44.75 18.59
CA TYR B 331 -22.50 45.34 17.80
C TYR B 331 -22.41 46.88 17.98
N ASP B 332 -23.53 47.57 17.73
CA ASP B 332 -23.59 49.03 17.72
C ASP B 332 -23.25 49.60 19.12
N ALA B 333 -23.94 49.11 20.14
CA ALA B 333 -23.66 49.50 21.52
C ALA B 333 -22.19 49.34 21.92
N PHE B 334 -21.57 48.22 21.52
CA PHE B 334 -20.16 47.98 21.85
C PHE B 334 -19.22 48.99 21.20
N ASN B 335 -19.43 49.26 19.90
CA ASN B 335 -18.58 50.21 19.18
C ASN B 335 -18.76 51.68 19.60
N ASN B 336 -19.87 51.99 20.27
CA ASN B 336 -20.09 53.29 20.90
C ASN B 336 -19.38 53.48 22.23
N LEU B 337 -18.75 52.44 22.76
CA LEU B 337 -18.10 52.52 24.08
C LEU B 337 -16.75 53.20 23.98
N ASP B 338 -16.39 53.89 25.06
CA ASP B 338 -15.02 54.38 25.21
C ASP B 338 -14.13 53.22 25.63
N SER B 339 -12.83 53.42 25.54
CA SER B 339 -11.85 52.37 25.82
C SER B 339 -12.03 51.72 27.20
N ALA B 340 -12.27 52.53 28.22
CA ALA B 340 -12.43 52.03 29.59
C ALA B 340 -13.73 51.24 29.81
N GLN B 341 -14.80 51.67 29.13
CA GLN B 341 -16.05 50.91 29.08
C GLN B 341 -15.86 49.55 28.39
N ARG B 342 -15.06 49.52 27.31
CA ARG B 342 -14.77 48.27 26.63
C ARG B 342 -14.08 47.29 27.56
N GLN B 343 -13.07 47.77 28.28
CA GLN B 343 -12.29 46.93 29.17
C GLN B 343 -13.15 46.31 30.26
N LEU B 344 -14.15 47.05 30.75
CA LEU B 344 -15.03 46.52 31.76
C LEU B 344 -15.97 45.48 31.17
N LEU B 345 -16.48 45.74 29.97
CA LEU B 345 -17.30 44.74 29.30
C LEU B 345 -16.55 43.42 29.07
N LEU B 346 -15.32 43.54 28.61
CA LEU B 346 -14.51 42.37 28.31
C LEU B 346 -14.26 41.54 29.56
N GLN B 347 -14.08 42.21 30.69
CA GLN B 347 -13.93 41.56 31.99
C GLN B 347 -15.19 40.77 32.34
N GLN B 348 -16.34 41.38 32.07
CA GLN B 348 -17.63 40.75 32.29
C GLN B 348 -17.82 39.54 31.36
N VAL B 349 -17.40 39.71 30.09
CA VAL B 349 -17.50 38.65 29.09
C VAL B 349 -16.61 37.46 29.48
N ALA B 350 -15.38 37.76 29.90
CA ALA B 350 -14.45 36.75 30.40
C ALA B 350 -15.02 35.92 31.56
N SER B 351 -15.77 36.59 32.43
CA SER B 351 -16.38 35.94 33.57
C SER B 351 -17.50 35.00 33.10
N LEU B 352 -18.34 35.50 32.17
CA LEU B 352 -19.40 34.67 31.60
C LEU B 352 -18.84 33.43 30.93
N ARG B 353 -17.75 33.60 30.20
CA ARG B 353 -17.10 32.48 29.51
C ARG B 353 -16.49 31.45 30.45
N GLN B 354 -15.98 31.91 31.59
CA GLN B 354 -15.47 31.05 32.63
C GLN B 354 -16.59 30.16 33.21
N GLN B 355 -17.80 30.69 33.28
CA GLN B 355 -18.97 29.94 33.70
C GLN B 355 -19.56 29.09 32.58
N GLY B 356 -18.99 29.13 31.37
CA GLY B 356 -19.45 28.29 30.25
C GLY B 356 -20.47 28.88 29.30
N TYR B 357 -20.74 30.18 29.43
CA TYR B 357 -21.52 30.91 28.42
C TYR B 357 -20.74 31.00 27.14
N ARG B 358 -21.42 30.79 26.02
CA ARG B 358 -20.77 30.94 24.74
C ARG B 358 -21.02 32.34 24.21
N VAL B 359 -20.02 33.21 24.37
CA VAL B 359 -20.12 34.62 24.00
C VAL B 359 -19.37 34.95 22.70
N THR B 360 -20.13 35.43 21.71
CA THR B 360 -19.59 35.90 20.43
C THR B 360 -19.41 37.41 20.49
N MET B 361 -18.22 37.88 20.13
CA MET B 361 -17.93 39.30 19.95
C MET B 361 -18.07 39.56 18.46
N PRO B 362 -19.12 40.29 18.06
CA PRO B 362 -19.49 40.40 16.64
C PRO B 362 -18.47 41.17 15.80
N LEU B 363 -18.20 40.68 14.60
CA LEU B 363 -17.32 41.36 13.64
C LEU B 363 -18.09 42.43 12.87
N THR B 364 -19.40 42.21 12.74
CA THR B 364 -20.29 43.09 12.02
C THR B 364 -21.65 43.09 12.69
N ALA B 365 -22.48 44.02 12.25
CA ALA B 365 -23.87 44.13 12.70
C ALA B 365 -24.72 42.94 12.33
N GLU B 366 -24.35 42.18 11.26
CA GLU B 366 -25.10 40.97 10.86
C GLU B 366 -24.57 39.67 11.49
N ASP B 367 -23.46 39.75 12.22
CA ASP B 367 -22.80 38.59 12.82
C ASP B 367 -23.71 37.93 13.87
N MET B 368 -24.19 36.73 13.54
CA MET B 368 -25.27 36.09 14.26
C MET B 368 -24.86 34.66 14.61
N PRO B 369 -24.62 34.36 15.90
CA PRO B 369 -24.34 32.97 16.30
C PRO B 369 -25.50 32.03 16.03
N VAL B 370 -25.19 30.82 15.63
CA VAL B 370 -26.22 29.79 15.41
C VAL B 370 -26.82 29.47 16.78
N GLY B 371 -28.13 29.25 16.82
CA GLY B 371 -28.82 28.84 18.04
C GLY B 371 -28.87 29.89 19.15
N LEU B 372 -28.79 31.17 18.75
CA LEU B 372 -28.72 32.29 19.68
C LEU B 372 -29.81 32.22 20.72
N THR B 373 -29.43 32.44 21.98
CA THR B 373 -30.39 32.42 23.08
C THR B 373 -30.51 33.74 23.84
N HIS B 374 -29.42 34.51 23.90
CA HIS B 374 -29.40 35.77 24.60
C HIS B 374 -28.58 36.82 23.87
N ARG B 375 -28.96 38.09 24.06
CA ARG B 375 -28.11 39.22 23.71
C ARG B 375 -27.56 39.81 24.99
N LEU B 376 -26.32 40.28 24.96
CA LEU B 376 -25.78 41.06 26.05
C LEU B 376 -25.92 42.49 25.56
N SER B 377 -26.79 43.25 26.23
CA SER B 377 -27.23 44.57 25.77
C SER B 377 -27.01 45.64 26.82
N LEU B 378 -27.00 46.88 26.35
CA LEU B 378 -26.78 48.05 27.21
C LEU B 378 -28.10 48.77 27.49
N ALA B 379 -28.44 48.87 28.77
CA ALA B 379 -29.70 49.45 29.23
C ALA B 379 -29.42 50.07 30.59
N ASP B 380 -29.82 51.34 30.71
CA ASP B 380 -29.34 52.24 31.77
C ASP B 380 -27.78 52.22 31.71
N ASN B 381 -27.15 52.15 32.85
CA ASN B 381 -25.67 52.13 32.90
C ASN B 381 -25.17 50.68 32.95
N GLN B 382 -25.78 49.73 32.22
CA GLN B 382 -25.59 48.31 32.68
C GLN B 382 -25.68 47.35 31.51
N TRP B 383 -24.71 46.43 31.41
CA TRP B 383 -24.78 45.34 30.41
C TRP B 383 -25.45 44.14 31.05
N ARG B 384 -26.48 43.60 30.39
CA ARG B 384 -27.26 42.49 30.93
C ARG B 384 -27.75 41.55 29.83
N LEU B 385 -27.93 40.29 30.19
CA LEU B 385 -28.48 39.29 29.27
C LEU B 385 -29.99 39.41 29.17
N HIS B 386 -30.53 39.34 27.96
CA HIS B 386 -31.97 39.21 27.77
C HIS B 386 -32.21 38.17 26.68
N ALA B 387 -33.13 37.24 26.95
CA ALA B 387 -33.47 36.19 26.01
C ALA B 387 -34.13 36.78 24.76
N VAL B 388 -34.13 36.02 23.66
CA VAL B 388 -34.49 36.58 22.35
C VAL B 388 -35.98 36.49 22.01
N MET C 2 19.81 7.96 -13.93
CA MET C 2 18.34 7.80 -13.92
C MET C 2 17.78 6.57 -13.23
N LEU C 3 18.44 5.42 -13.32
CA LEU C 3 17.84 4.16 -12.80
C LEU C 3 18.29 3.82 -11.39
N PRO C 4 17.46 3.10 -10.62
CA PRO C 4 17.87 2.74 -9.26
C PRO C 4 19.06 1.82 -9.23
N ASP C 5 19.76 1.77 -8.10
CA ASP C 5 20.88 0.88 -7.96
C ASP C 5 20.40 -0.56 -8.09
N GLY C 6 21.18 -1.35 -8.82
CA GLY C 6 20.87 -2.75 -9.08
C GLY C 6 19.75 -2.99 -10.08
N VAL C 7 19.50 -1.98 -10.92
CA VAL C 7 18.43 -2.04 -11.91
C VAL C 7 19.01 -1.49 -13.20
N ALA C 8 18.95 -2.25 -14.28
CA ALA C 8 19.64 -1.91 -15.52
C ALA C 8 18.79 -2.22 -16.73
N ASP C 9 18.91 -1.41 -17.75
CA ASP C 9 18.44 -1.78 -19.06
C ASP C 9 19.32 -2.91 -19.59
N VAL C 10 18.71 -3.80 -20.36
CA VAL C 10 19.44 -4.70 -21.25
C VAL C 10 19.00 -4.29 -22.65
N LEU C 11 19.91 -3.76 -23.45
CA LEU C 11 19.55 -3.10 -24.71
C LEU C 11 20.23 -3.73 -25.91
N PHE C 12 19.51 -3.69 -27.04
CA PHE C 12 20.11 -3.92 -28.35
C PHE C 12 20.66 -5.33 -28.48
N GLU C 13 21.96 -5.52 -28.77
CA GLU C 13 22.47 -6.87 -28.98
C GLU C 13 22.47 -7.67 -27.70
N ASP C 14 22.63 -7.01 -26.56
CA ASP C 14 22.51 -7.68 -25.27
C ASP C 14 21.11 -8.23 -25.04
N ALA C 15 20.11 -7.46 -25.47
CA ALA C 15 18.74 -7.86 -25.31
C ALA C 15 18.45 -9.03 -26.24
N HIS C 16 18.92 -8.92 -27.46
CA HIS C 16 18.82 -10.01 -28.41
C HIS C 16 19.46 -11.27 -27.82
N LYS C 17 20.66 -11.13 -27.26
CA LYS C 17 21.35 -12.28 -26.72
C LYS C 17 20.60 -12.89 -25.52
N GLN C 18 20.10 -12.03 -24.63
CA GLN C 18 19.26 -12.49 -23.52
C GLN C 18 18.03 -13.26 -23.98
N GLU C 19 17.38 -12.79 -25.05
CA GLU C 19 16.20 -13.47 -25.63
C GLU C 19 16.58 -14.85 -26.18
N VAL C 20 17.69 -14.94 -26.90
CA VAL C 20 18.19 -16.22 -27.38
C VAL C 20 18.50 -17.19 -26.22
N LEU C 21 19.22 -16.71 -25.22
CA LEU C 21 19.58 -17.55 -24.07
C LEU C 21 18.33 -18.04 -23.37
N ARG C 22 17.42 -17.14 -23.06
CA ARG C 22 16.20 -17.50 -22.36
C ARG C 22 15.45 -18.59 -23.12
N HIS C 23 15.30 -18.37 -24.42
CA HIS C 23 14.56 -19.29 -25.27
C HIS C 23 15.25 -20.66 -25.43
N GLN C 24 16.55 -20.67 -25.69
CA GLN C 24 17.28 -21.91 -25.88
C GLN C 24 17.35 -22.72 -24.62
N LEU C 25 17.67 -22.08 -23.52
CA LEU C 25 17.78 -22.77 -22.22
C LEU C 25 16.43 -23.30 -21.75
N THR C 26 15.37 -22.56 -22.02
CA THR C 26 14.02 -23.00 -21.71
C THR C 26 13.70 -24.24 -22.51
N GLN C 27 13.99 -24.21 -23.81
CA GLN C 27 13.70 -25.35 -24.71
C GLN C 27 14.49 -26.60 -24.31
N GLN C 28 15.78 -26.44 -24.00
CA GLN C 28 16.57 -27.52 -23.46
C GLN C 28 15.94 -28.20 -22.24
N LEU C 29 15.45 -27.40 -21.30
CA LEU C 29 14.84 -27.94 -20.09
C LEU C 29 13.58 -28.72 -20.48
N ILE C 30 12.79 -28.15 -21.38
CA ILE C 30 11.58 -28.80 -21.84
C ILE C 30 11.88 -30.15 -22.48
N THR C 31 12.94 -30.22 -23.29
CA THR C 31 13.34 -31.48 -23.95
C THR C 31 13.94 -32.52 -23.00
N HIS C 32 14.36 -32.11 -21.81
CA HIS C 32 14.73 -33.06 -20.74
C HIS C 32 13.55 -33.54 -19.88
N GLY C 33 12.33 -33.12 -20.22
CA GLY C 33 11.12 -33.63 -19.55
C GLY C 33 10.60 -32.75 -18.44
N TYR C 34 11.18 -31.56 -18.28
CA TYR C 34 10.72 -30.59 -17.30
C TYR C 34 9.54 -29.81 -17.85
N GLN C 35 8.47 -29.71 -17.07
CA GLN C 35 7.26 -29.00 -17.52
C GLN C 35 7.45 -27.52 -17.27
N LEU C 36 7.32 -26.70 -18.33
CA LEU C 36 7.42 -25.26 -18.16
C LEU C 36 6.19 -24.72 -17.43
N VAL C 37 6.43 -23.87 -16.45
CA VAL C 37 5.35 -23.14 -15.80
C VAL C 37 5.73 -21.70 -15.79
N SER C 38 4.71 -20.85 -15.89
CA SER C 38 4.91 -19.43 -15.90
C SER C 38 3.92 -18.85 -14.89
N PRO C 39 4.31 -18.88 -13.60
CA PRO C 39 3.48 -18.22 -12.60
C PRO C 39 3.56 -16.70 -12.71
N PRO C 40 2.60 -15.99 -12.12
CA PRO C 40 2.59 -14.53 -12.23
C PRO C 40 3.61 -13.85 -11.33
N MET C 41 3.87 -12.58 -11.60
CA MET C 41 4.81 -11.78 -10.82
C MET C 41 4.32 -11.45 -9.42
N ILE C 42 3.00 -11.47 -9.19
CA ILE C 42 2.39 -11.10 -7.92
C ILE C 42 1.41 -12.16 -7.44
N GLU C 43 1.36 -12.34 -6.13
CA GLU C 43 0.43 -13.23 -5.44
C GLU C 43 0.13 -12.59 -4.09
N PHE C 44 -0.89 -13.12 -3.43
CA PHE C 44 -1.15 -12.78 -2.03
C PHE C 44 0.01 -13.36 -1.23
N THR C 45 0.46 -12.61 -0.22
CA THR C 45 1.57 -13.07 0.65
C THR C 45 1.29 -14.40 1.35
N GLU C 46 0.02 -14.72 1.60
CA GLU C 46 -0.40 -16.04 2.14
C GLU C 46 0.29 -17.17 1.42
N SER C 47 0.24 -17.16 0.09
CA SER C 47 0.85 -18.20 -0.76
C SER C 47 2.32 -17.91 -1.07
N LEU C 48 2.61 -16.68 -1.41
CA LEU C 48 3.95 -16.32 -1.88
C LEU C 48 5.01 -16.49 -0.80
N LEU C 49 4.67 -16.12 0.42
CA LEU C 49 5.58 -16.18 1.55
C LEU C 49 5.22 -17.27 2.57
N SER C 50 4.42 -18.25 2.15
CA SER C 50 4.14 -19.42 2.98
C SER C 50 5.44 -20.16 3.34
N GLY C 51 5.70 -20.27 4.64
CA GLY C 51 6.93 -20.91 5.13
C GLY C 51 8.19 -20.29 4.62
N ALA C 52 8.14 -18.98 4.32
CA ALA C 52 9.31 -18.26 3.84
C ALA C 52 10.26 -17.99 5.00
N SER C 53 11.54 -17.91 4.68
CA SER C 53 12.56 -17.47 5.61
C SER C 53 12.34 -16.00 5.91
N GLU C 54 12.94 -15.50 7.00
CA GLU C 54 12.86 -14.07 7.28
C GLU C 54 13.52 -13.23 6.19
N ASP C 55 14.53 -13.82 5.57
CA ASP C 55 15.29 -13.17 4.50
C ASP C 55 14.45 -12.98 3.23
N LEU C 56 13.73 -14.02 2.85
CA LEU C 56 12.85 -13.96 1.71
C LEU C 56 11.76 -12.93 1.92
N LYS C 57 11.26 -12.83 3.15
CA LYS C 57 10.26 -11.82 3.50
C LYS C 57 10.79 -10.39 3.35
N ARG C 58 11.99 -10.13 3.84
CA ARG C 58 12.60 -8.81 3.68
C ARG C 58 12.88 -8.51 2.22
N GLN C 59 13.28 -9.53 1.45
CA GLN C 59 13.55 -9.36 0.01
C GLN C 59 12.32 -9.09 -0.89
N THR C 60 11.12 -9.38 -0.36
CA THR C 60 9.89 -9.28 -1.11
C THR C 60 9.19 -7.95 -0.90
N PHE C 61 9.10 -7.12 -1.93
CA PHE C 61 8.27 -5.91 -1.93
C PHE C 61 6.79 -6.19 -1.65
N LYS C 62 6.16 -5.35 -0.84
CA LYS C 62 4.73 -5.50 -0.53
C LYS C 62 3.92 -4.48 -1.27
N ILE C 63 2.75 -4.89 -1.71
CA ILE C 63 1.78 -4.00 -2.36
C ILE C 63 0.38 -4.41 -1.90
N ILE C 64 -0.58 -3.52 -2.09
CA ILE C 64 -1.94 -3.74 -1.64
C ILE C 64 -2.85 -4.00 -2.82
N ASP C 65 -3.58 -5.11 -2.74
CA ASP C 65 -4.63 -5.41 -3.70
C ASP C 65 -5.83 -4.54 -3.40
N GLN C 66 -6.05 -3.53 -4.26
CA GLN C 66 -7.20 -2.64 -4.15
C GLN C 66 -8.56 -3.30 -4.30
N LEU C 67 -8.64 -4.54 -4.78
CA LEU C 67 -9.90 -5.24 -4.91
C LEU C 67 -10.35 -5.93 -3.64
N THR C 68 -9.41 -6.28 -2.77
CA THR C 68 -9.72 -6.99 -1.52
C THR C 68 -9.18 -6.33 -0.24
N GLY C 69 -8.37 -5.29 -0.36
CA GLY C 69 -7.61 -4.75 0.78
C GLY C 69 -6.48 -5.63 1.31
N ARG C 70 -6.25 -6.81 0.72
CA ARG C 70 -5.26 -7.75 1.24
C ARG C 70 -3.86 -7.47 0.70
N LEU C 71 -2.88 -8.05 1.39
CA LEU C 71 -1.46 -7.85 1.07
C LEU C 71 -0.97 -8.81 -0.01
N MET C 72 -0.34 -8.25 -1.04
CA MET C 72 0.32 -9.06 -2.06
C MET C 72 1.81 -8.76 -2.01
N GLY C 73 2.61 -9.67 -2.56
CA GLY C 73 4.02 -9.38 -2.85
C GLY C 73 4.36 -9.44 -4.34
N ILE C 74 5.45 -8.79 -4.72
CA ILE C 74 6.10 -9.06 -6.00
C ILE C 74 7.12 -10.15 -5.70
N ARG C 75 7.11 -11.23 -6.44
CA ARG C 75 7.99 -12.34 -6.15
C ARG C 75 9.47 -11.96 -6.17
N ALA C 76 10.18 -12.39 -5.16
CA ALA C 76 11.62 -12.34 -5.09
C ALA C 76 12.22 -13.69 -5.46
N ASP C 77 11.40 -14.74 -5.47
CA ASP C 77 11.86 -16.08 -5.84
C ASP C 77 10.71 -16.88 -6.39
N ILE C 78 10.98 -17.73 -7.36
CA ILE C 78 9.94 -18.48 -8.06
C ILE C 78 9.66 -19.81 -7.38
N THR C 79 10.65 -20.36 -6.66
CA THR C 79 10.51 -21.70 -6.05
C THR C 79 9.25 -21.88 -5.19
N PRO C 80 8.90 -20.91 -4.32
CA PRO C 80 7.65 -21.09 -3.57
C PRO C 80 6.42 -21.20 -4.47
N GLN C 81 6.46 -20.56 -5.64
CA GLN C 81 5.35 -20.68 -6.58
C GLN C 81 5.32 -22.07 -7.20
N ILE C 82 6.48 -22.66 -7.43
CA ILE C 82 6.56 -24.06 -7.89
C ILE C 82 5.98 -25.00 -6.83
N LEU C 83 6.28 -24.79 -5.55
CA LEU C 83 5.64 -25.54 -4.45
C LEU C 83 4.12 -25.44 -4.51
N ARG C 84 3.60 -24.22 -4.60
CA ARG C 84 2.16 -24.01 -4.75
C ARG C 84 1.61 -24.83 -5.93
N ILE C 85 2.25 -24.70 -7.09
CA ILE C 85 1.84 -25.38 -8.31
C ILE C 85 1.91 -26.90 -8.16
N ASP C 86 2.99 -27.41 -7.59
CA ASP C 86 3.11 -28.86 -7.37
C ASP C 86 2.09 -29.43 -6.38
N ALA C 87 1.72 -28.65 -5.37
CA ALA C 87 0.70 -29.08 -4.41
C ALA C 87 -0.61 -29.34 -5.11
N HIS C 88 -1.03 -28.39 -5.96
CA HIS C 88 -2.30 -28.52 -6.67
C HIS C 88 -2.27 -29.52 -7.82
N HIS C 89 -1.16 -29.61 -8.57
CA HIS C 89 -1.12 -30.36 -9.85
C HIS C 89 -0.24 -31.61 -9.91
N GLY C 90 0.69 -31.79 -8.98
CA GLY C 90 1.75 -32.80 -9.14
C GLY C 90 1.55 -34.23 -8.65
N GLY C 91 0.57 -34.44 -7.77
CA GLY C 91 0.36 -35.76 -7.16
C GLY C 91 1.48 -36.24 -6.27
N ASP C 92 1.53 -37.56 -6.06
CA ASP C 92 2.47 -38.21 -5.13
C ASP C 92 3.73 -38.70 -5.81
N GLY C 93 3.72 -38.81 -7.14
CA GLY C 93 4.85 -39.31 -7.89
C GLY C 93 5.90 -38.25 -8.21
N ILE C 94 6.85 -38.62 -9.05
CA ILE C 94 7.88 -37.70 -9.48
C ILE C 94 7.26 -36.67 -10.41
N ALA C 95 7.66 -35.41 -10.23
CA ALA C 95 7.23 -34.33 -11.10
C ALA C 95 8.41 -33.39 -11.35
N ARG C 96 8.52 -32.90 -12.58
CA ARG C 96 9.60 -32.04 -12.99
C ARG C 96 9.04 -30.72 -13.49
N TYR C 97 9.64 -29.60 -13.05
CA TYR C 97 9.21 -28.25 -13.45
C TYR C 97 10.42 -27.42 -13.86
N CYS C 98 10.21 -26.52 -14.84
CA CYS C 98 11.18 -25.48 -15.15
C CYS C 98 10.46 -24.16 -15.36
N TYR C 99 11.25 -23.08 -15.38
CA TYR C 99 10.68 -21.74 -15.36
C TYR C 99 11.76 -20.76 -15.73
N ALA C 100 11.31 -19.60 -16.19
CA ALA C 100 12.17 -18.47 -16.45
C ALA C 100 11.34 -17.23 -16.36
N GLY C 101 11.67 -16.37 -15.41
CA GLY C 101 10.88 -15.17 -15.20
C GLY C 101 11.60 -14.17 -14.33
N ASP C 102 11.15 -12.93 -14.44
CA ASP C 102 11.67 -11.83 -13.66
C ASP C 102 11.26 -11.97 -12.18
N VAL C 103 12.21 -11.74 -11.30
CA VAL C 103 11.95 -11.61 -9.89
C VAL C 103 12.59 -10.28 -9.44
N ILE C 104 12.09 -9.72 -8.35
CA ILE C 104 12.55 -8.42 -7.85
C ILE C 104 12.96 -8.57 -6.40
N HIS C 105 14.06 -7.93 -6.03
CA HIS C 105 14.53 -7.96 -4.66
C HIS C 105 14.57 -6.54 -4.15
N THR C 106 14.21 -6.36 -2.87
CA THR C 106 14.32 -5.04 -2.21
C THR C 106 15.76 -4.54 -2.08
N LEU C 107 16.70 -5.45 -1.82
CA LEU C 107 18.11 -5.10 -1.70
C LEU C 107 19.02 -6.00 -2.54
N PRO C 108 20.14 -5.45 -3.06
CA PRO C 108 21.12 -6.30 -3.74
C PRO C 108 21.76 -7.27 -2.76
N SER C 109 22.08 -8.47 -3.21
CA SER C 109 22.79 -9.49 -2.43
C SER C 109 24.27 -9.28 -2.33
N GLY C 110 24.85 -8.68 -3.36
CA GLY C 110 26.32 -8.61 -3.45
C GLY C 110 26.67 -7.21 -3.97
N LEU C 111 27.89 -6.75 -3.77
CA LEU C 111 28.28 -5.37 -4.12
C LEU C 111 27.98 -5.06 -5.58
N PHE C 112 27.11 -4.08 -5.80
CA PHE C 112 26.62 -3.71 -7.14
C PHE C 112 25.82 -4.78 -7.87
N GLY C 113 25.27 -5.73 -7.16
CA GLY C 113 24.49 -6.82 -7.75
C GLY C 113 23.09 -6.37 -8.08
N SER C 114 22.44 -7.22 -8.90
CA SER C 114 21.17 -6.90 -9.48
C SER C 114 20.04 -7.10 -8.48
N ARG C 115 19.06 -6.22 -8.53
CA ARG C 115 17.80 -6.42 -7.84
C ARG C 115 16.70 -6.92 -8.80
N THR C 116 16.99 -7.06 -10.11
CA THR C 116 16.02 -7.51 -11.10
C THR C 116 16.53 -8.65 -11.96
N PRO C 117 16.84 -9.78 -11.33
CA PRO C 117 17.37 -10.88 -12.11
C PRO C 117 16.29 -11.56 -12.94
N LEU C 118 16.70 -12.16 -14.05
CA LEU C 118 15.83 -13.00 -14.88
C LEU C 118 16.09 -14.44 -14.43
N GLN C 119 15.25 -14.91 -13.51
CA GLN C 119 15.53 -16.16 -12.79
C GLN C 119 15.07 -17.36 -13.61
N LEU C 120 16.02 -18.23 -13.97
CA LEU C 120 15.72 -19.44 -14.68
C LEU C 120 16.09 -20.63 -13.82
N GLY C 121 15.21 -21.64 -13.77
CA GLY C 121 15.47 -22.82 -12.97
C GLY C 121 14.73 -24.08 -13.34
N ALA C 122 15.13 -25.16 -12.65
CA ALA C 122 14.56 -26.48 -12.85
C ALA C 122 14.44 -27.13 -11.49
N GLU C 123 13.38 -27.89 -11.28
CA GLU C 123 13.16 -28.55 -10.00
C GLU C 123 12.53 -29.92 -10.17
N ILE C 124 12.99 -30.87 -9.35
CA ILE C 124 12.45 -32.23 -9.35
C ILE C 124 11.83 -32.50 -8.00
N PHE C 125 10.54 -32.82 -8.01
CA PHE C 125 9.81 -33.14 -6.79
C PHE C 125 9.56 -34.63 -6.73
N GLY C 126 9.42 -35.16 -5.50
CA GLY C 126 8.97 -36.53 -5.28
C GLY C 126 9.95 -37.67 -5.47
N CYS C 127 11.26 -37.40 -5.44
CA CYS C 127 12.28 -38.45 -5.50
C CYS C 127 13.31 -38.29 -4.37
N GLU C 128 13.46 -39.33 -3.56
CA GLU C 128 14.33 -39.32 -2.38
C GLU C 128 15.80 -39.51 -2.81
N SER C 129 16.00 -40.25 -3.89
CA SER C 129 17.32 -40.68 -4.31
C SER C 129 18.25 -39.54 -4.71
N ILE C 130 19.53 -39.73 -4.42
CA ILE C 130 20.60 -38.90 -4.97
C ILE C 130 20.61 -38.89 -6.54
N ALA C 131 19.94 -39.87 -7.17
CA ALA C 131 19.75 -39.88 -8.63
C ALA C 131 19.04 -38.64 -9.21
N ALA C 132 18.12 -38.06 -8.45
CA ALA C 132 17.46 -36.80 -8.86
C ALA C 132 18.43 -35.61 -8.90
N ASP C 133 19.30 -35.54 -7.91
CA ASP C 133 20.36 -34.53 -7.87
C ASP C 133 21.37 -34.75 -9.01
N ILE C 134 21.63 -36.00 -9.37
CA ILE C 134 22.52 -36.31 -10.48
C ILE C 134 21.91 -35.93 -11.83
N GLU C 135 20.60 -36.14 -11.99
CA GLU C 135 19.90 -35.75 -13.22
C GLU C 135 19.95 -34.23 -13.43
N LEU C 136 19.69 -33.49 -12.35
CA LEU C 136 19.80 -32.03 -12.36
C LEU C 136 21.17 -31.52 -12.76
N ILE C 137 22.21 -32.15 -12.24
CA ILE C 137 23.59 -31.83 -12.63
C ILE C 137 23.76 -32.06 -14.12
N ASP C 138 23.20 -33.15 -14.62
CA ASP C 138 23.31 -33.46 -16.04
C ASP C 138 22.62 -32.41 -16.90
N VAL C 139 21.41 -32.04 -16.48
CA VAL C 139 20.64 -31.02 -17.17
C VAL C 139 21.39 -29.67 -17.18
N LEU C 140 21.84 -29.26 -15.99
CA LEU C 140 22.58 -28.03 -15.84
C LEU C 140 23.82 -27.98 -16.73
N PHE C 141 24.63 -29.02 -16.67
CA PHE C 141 25.86 -29.03 -17.44
C PHE C 141 25.65 -29.14 -18.94
N SER C 142 24.59 -29.82 -19.35
CA SER C 142 24.22 -29.83 -20.76
C SER C 142 23.92 -28.43 -21.22
N MET C 143 23.17 -27.67 -20.40
CA MET C 143 22.85 -26.27 -20.68
C MET C 143 24.11 -25.41 -20.72
N ILE C 144 24.95 -25.51 -19.70
CA ILE C 144 26.19 -24.73 -19.66
C ILE C 144 27.04 -25.00 -20.90
N ASN C 145 27.18 -26.28 -21.26
CA ASN C 145 28.01 -26.66 -22.41
C ASN C 145 27.47 -26.12 -23.73
N SER C 146 26.15 -26.07 -23.87
CA SER C 146 25.53 -25.51 -25.07
C SER C 146 25.85 -24.02 -25.29
N LEU C 147 26.24 -23.31 -24.23
CA LEU C 147 26.57 -21.90 -24.33
C LEU C 147 27.94 -21.56 -24.93
N ASP C 148 28.83 -22.53 -25.10
CA ASP C 148 30.14 -22.27 -25.74
C ASP C 148 30.85 -21.05 -25.13
N MET C 149 30.98 -21.10 -23.80
CA MET C 149 31.70 -20.08 -23.07
C MET C 149 33.16 -20.41 -22.94
N SER C 150 33.97 -19.37 -22.79
CA SER C 150 35.38 -19.51 -22.42
C SER C 150 35.52 -19.48 -20.91
N ALA C 151 34.61 -18.77 -20.24
CA ALA C 151 34.54 -18.77 -18.77
C ALA C 151 34.30 -20.19 -18.28
N VAL C 152 34.91 -20.50 -17.14
CA VAL C 152 34.77 -21.83 -16.54
C VAL C 152 33.89 -21.76 -15.28
N LEU C 153 33.00 -22.73 -15.15
CA LEU C 153 32.19 -22.89 -13.96
C LEU C 153 32.91 -23.78 -12.93
N HIS C 154 33.18 -23.23 -11.74
CA HIS C 154 33.67 -24.01 -10.60
C HIS C 154 32.49 -24.40 -9.72
N VAL C 155 32.43 -25.65 -9.29
CA VAL C 155 31.34 -26.12 -8.42
C VAL C 155 31.84 -26.38 -7.01
N ASP C 156 31.10 -25.84 -6.03
CA ASP C 156 31.33 -26.08 -4.59
C ASP C 156 30.17 -26.90 -4.08
N LEU C 157 30.45 -28.05 -3.47
CA LEU C 157 29.42 -28.88 -2.86
C LEU C 157 29.49 -28.77 -1.35
N GLY C 158 28.31 -28.73 -0.74
CA GLY C 158 28.19 -28.76 0.71
C GLY C 158 27.09 -29.77 1.02
N HIS C 159 26.75 -29.86 2.30
CA HIS C 159 25.73 -30.78 2.76
C HIS C 159 25.36 -30.43 4.20
N VAL C 160 24.26 -29.70 4.37
CA VAL C 160 23.90 -29.18 5.67
C VAL C 160 23.58 -30.26 6.74
N THR C 161 23.11 -31.43 6.32
CA THR C 161 22.83 -32.55 7.21
C THR C 161 23.99 -32.86 8.17
N ILE C 162 25.23 -32.82 7.68
CA ILE C 162 26.40 -33.22 8.47
C ILE C 162 26.53 -32.39 9.75
N PHE C 163 26.59 -31.06 9.60
CA PHE C 163 26.62 -30.17 10.75
C PHE C 163 25.35 -30.25 11.63
N LYS C 164 24.19 -30.48 11.01
CA LYS C 164 22.94 -30.55 11.78
C LYS C 164 22.87 -31.80 12.67
N ARG C 165 23.37 -32.92 12.15
CA ARG C 165 23.48 -34.14 12.93
C ARG C 165 24.51 -34.04 14.06
N LEU C 166 25.67 -33.46 13.75
CA LEU C 166 26.65 -33.19 14.79
C LEU C 166 26.07 -32.27 15.86
N ALA C 167 25.34 -31.23 15.46
CA ALA C 167 24.72 -30.31 16.42
C ALA C 167 23.68 -31.03 17.30
N GLU C 168 22.95 -31.97 16.72
CA GLU C 168 21.99 -32.79 17.47
C GLU C 168 22.71 -33.72 18.46
N LEU C 169 23.54 -34.63 17.92
CA LEU C 169 24.25 -35.60 18.74
C LEU C 169 25.09 -35.01 19.88
N ALA C 170 25.68 -33.84 19.64
CA ALA C 170 26.41 -33.10 20.68
C ALA C 170 25.53 -32.20 21.55
N ALA C 171 24.21 -32.22 21.29
CA ALA C 171 23.23 -31.46 22.06
C ALA C 171 23.65 -30.00 22.29
N LEU C 172 23.99 -29.29 21.21
CA LEU C 172 24.41 -27.89 21.30
C LEU C 172 23.22 -26.97 21.52
N SER C 173 23.48 -25.88 22.25
CA SER C 173 22.48 -24.84 22.43
C SER C 173 22.36 -23.96 21.18
N ALA C 174 21.33 -23.13 21.16
CA ALA C 174 21.16 -22.16 20.09
C ALA C 174 22.36 -21.25 20.00
N SER C 175 22.78 -20.74 21.15
CA SER C 175 23.95 -19.85 21.24
C SER C 175 25.19 -20.45 20.58
N ASP C 176 25.50 -21.70 20.94
CA ASP C 176 26.71 -22.38 20.46
C ASP C 176 26.66 -22.73 18.97
N THR C 177 25.48 -23.13 18.49
CA THR C 177 25.24 -23.35 17.06
C THR C 177 25.53 -22.05 16.27
N GLU C 178 24.89 -20.94 16.66
CA GLU C 178 25.12 -19.63 16.04
C GLU C 178 26.61 -19.24 15.98
N GLN C 179 27.33 -19.48 17.07
CA GLN C 179 28.73 -19.11 17.16
C GLN C 179 29.61 -19.94 16.23
N LEU C 180 29.37 -21.24 16.17
CA LEU C 180 30.11 -22.10 15.25
C LEU C 180 29.83 -21.69 13.79
N MET C 181 28.54 -21.41 13.50
CA MET C 181 28.14 -21.01 12.15
C MET C 181 28.81 -19.71 11.73
N GLN C 182 28.86 -18.75 12.65
CA GLN C 182 29.53 -17.48 12.40
C GLN C 182 31.02 -17.71 12.14
N LEU C 183 31.64 -18.57 12.94
CA LEU C 183 33.07 -18.87 12.85
C LEU C 183 33.42 -19.63 11.56
N TYR C 184 32.53 -20.55 11.17
CA TYR C 184 32.65 -21.23 9.89
C TYR C 184 32.58 -20.24 8.70
N ALA C 185 31.53 -19.40 8.69
CA ALA C 185 31.36 -18.36 7.67
C ALA C 185 32.58 -17.47 7.48
N ASN C 186 33.29 -17.18 8.59
CA ASN C 186 34.50 -16.35 8.57
C ASN C 186 35.81 -17.10 8.50
N LYS C 187 35.76 -18.43 8.38
CA LYS C 187 36.95 -19.27 8.37
C LYS C 187 37.94 -18.89 9.50
N ASN C 188 37.42 -18.63 10.69
CA ASN C 188 38.22 -18.25 11.82
C ASN C 188 38.64 -19.54 12.56
N LEU C 189 39.78 -20.11 12.15
CA LEU C 189 40.25 -21.39 12.70
C LEU C 189 40.74 -21.31 14.18
N PRO C 190 41.55 -20.28 14.52
CA PRO C 190 42.00 -20.10 15.91
C PRO C 190 40.89 -20.01 16.94
N GLU C 191 39.93 -19.10 16.74
CA GLU C 191 38.83 -18.93 17.70
C GLU C 191 37.91 -20.14 17.68
N LEU C 192 37.82 -20.83 16.54
CA LEU C 192 37.04 -22.06 16.46
C LEU C 192 37.67 -23.16 17.32
N LYS C 193 38.99 -23.28 17.22
CA LYS C 193 39.76 -24.25 17.99
C LYS C 193 39.56 -24.07 19.50
N GLN C 194 39.62 -22.81 19.95
CA GLN C 194 39.35 -22.47 21.36
C GLN C 194 37.97 -22.89 21.78
N VAL C 195 36.95 -22.44 21.03
CA VAL C 195 35.54 -22.72 21.36
C VAL C 195 35.25 -24.23 21.37
N CYS C 196 35.91 -24.95 20.47
CA CYS C 196 35.74 -26.39 20.36
C CYS C 196 36.40 -27.23 21.47
N GLN C 197 37.43 -26.71 22.14
CA GLN C 197 38.04 -27.41 23.29
C GLN C 197 37.06 -27.60 24.44
N VAL C 198 36.16 -26.64 24.60
CA VAL C 198 35.14 -26.64 25.68
C VAL C 198 33.73 -27.05 25.24
N LEU C 199 33.57 -27.62 24.05
CA LEU C 199 32.26 -28.08 23.58
C LEU C 199 32.21 -29.59 23.51
N PRO C 200 31.02 -30.18 23.73
CA PRO C 200 30.89 -31.63 23.54
C PRO C 200 31.06 -32.00 22.06
N MET C 201 31.83 -33.05 21.78
CA MET C 201 32.22 -33.45 20.42
C MET C 201 32.90 -32.32 19.62
N GLY C 202 33.48 -31.35 20.31
CA GLY C 202 34.04 -30.16 19.70
C GLY C 202 35.14 -30.47 18.68
N SER C 203 35.79 -31.60 18.91
CA SER C 203 36.74 -32.19 17.98
C SER C 203 36.16 -32.40 16.57
N ASP C 204 34.91 -32.88 16.49
CA ASP C 204 34.24 -33.07 15.21
C ASP C 204 33.93 -31.76 14.49
N PHE C 205 33.45 -30.77 15.23
CA PHE C 205 33.20 -29.46 14.65
C PHE C 205 34.48 -28.82 14.09
N TYR C 206 35.60 -29.02 14.79
CA TYR C 206 36.89 -28.52 14.30
C TYR C 206 37.28 -29.28 13.00
N THR C 207 37.06 -30.60 12.99
CA THR C 207 37.41 -31.44 11.85
C THR C 207 36.70 -31.03 10.56
N LEU C 208 35.41 -30.66 10.67
CA LEU C 208 34.64 -30.15 9.55
C LEU C 208 35.35 -28.98 8.86
N ALA C 209 35.79 -28.02 9.65
CA ALA C 209 36.44 -26.82 9.12
C ALA C 209 37.85 -27.08 8.60
N ARG C 210 38.57 -27.97 9.26
CA ARG C 210 39.98 -28.22 8.96
C ARG C 210 40.15 -29.27 7.87
N PHE C 211 39.34 -30.33 7.90
CA PHE C 211 39.47 -31.47 6.97
C PHE C 211 38.20 -31.80 6.13
N GLY C 212 37.20 -30.91 6.14
CA GLY C 212 35.98 -31.10 5.36
C GLY C 212 36.16 -31.19 3.85
N HIS C 213 37.08 -30.41 3.33
CA HIS C 213 37.44 -30.42 1.92
C HIS C 213 37.90 -31.79 1.38
N ASP C 214 38.45 -32.67 2.25
CA ASP C 214 38.94 -33.98 1.86
C ASP C 214 37.87 -35.01 2.19
N ILE C 215 36.88 -35.11 1.30
CA ILE C 215 35.66 -35.88 1.58
C ILE C 215 35.88 -37.39 1.58
N ALA C 216 36.93 -37.84 0.89
CA ALA C 216 37.33 -39.25 0.88
C ALA C 216 37.68 -39.81 2.26
N ASN C 217 38.23 -38.94 3.13
CA ASN C 217 38.67 -39.31 4.47
C ASN C 217 37.91 -38.65 5.61
N LEU C 218 36.93 -37.79 5.31
CA LEU C 218 36.18 -37.13 6.36
C LEU C 218 35.51 -38.09 7.37
N LEU C 219 34.92 -39.17 6.90
CA LEU C 219 34.22 -40.10 7.81
C LEU C 219 35.18 -40.67 8.87
N GLY C 220 36.30 -41.18 8.38
CA GLY C 220 37.35 -41.74 9.24
C GLY C 220 38.06 -40.80 10.22
N ARG C 221 37.97 -39.49 10.01
CA ARG C 221 38.45 -38.50 10.98
C ARG C 221 37.44 -38.15 12.05
N LEU C 222 36.18 -38.56 11.87
CA LEU C 222 35.14 -38.15 12.79
C LEU C 222 35.10 -39.09 13.98
N SER C 223 34.48 -38.62 15.06
CA SER C 223 34.34 -39.39 16.30
C SER C 223 33.50 -40.65 16.08
N GLU C 224 33.54 -41.55 17.07
CA GLU C 224 32.81 -42.80 17.01
C GLU C 224 31.30 -42.57 16.94
N ASN C 225 30.80 -41.68 17.77
CA ASN C 225 29.38 -41.28 17.75
C ASN C 225 28.94 -40.71 16.40
N ALA C 226 29.79 -39.91 15.78
CA ALA C 226 29.54 -39.35 14.45
C ALA C 226 29.55 -40.46 13.41
N GLN C 227 30.60 -41.29 13.41
CA GLN C 227 30.72 -42.40 12.45
C GLN C 227 29.59 -43.42 12.50
N GLN C 228 28.89 -43.53 13.62
CA GLN C 228 27.76 -44.47 13.78
C GLN C 228 26.40 -43.84 13.48
N ASP C 229 26.37 -42.54 13.17
CA ASP C 229 25.16 -41.87 12.72
C ASP C 229 24.93 -42.14 11.23
N THR C 230 23.83 -42.82 10.90
CA THR C 230 23.50 -43.18 9.51
C THR C 230 23.38 -41.95 8.59
N LYS C 231 22.74 -40.89 9.10
CA LYS C 231 22.55 -39.67 8.33
C LYS C 231 23.86 -39.00 7.96
N ILE C 232 24.78 -38.94 8.91
CA ILE C 232 26.14 -38.47 8.62
C ILE C 232 26.81 -39.33 7.57
N VAL C 233 26.66 -40.64 7.68
CA VAL C 233 27.30 -41.58 6.71
C VAL C 233 26.74 -41.40 5.31
N THR C 234 25.41 -41.35 5.23
CA THR C 234 24.71 -41.18 3.94
C THR C 234 25.07 -39.83 3.28
N ALA C 235 25.06 -38.77 4.07
CA ALA C 235 25.42 -37.44 3.57
C ALA C 235 26.79 -37.44 2.94
N ILE C 236 27.78 -37.95 3.68
CA ILE C 236 29.15 -38.05 3.16
C ILE C 236 29.17 -38.93 1.91
N ASP C 237 28.36 -39.99 1.90
CA ASP C 237 28.27 -40.84 0.72
C ASP C 237 27.72 -40.07 -0.50
N GLU C 238 26.64 -39.29 -0.28
CA GLU C 238 26.07 -38.44 -1.34
C GLU C 238 27.10 -37.49 -1.93
N LEU C 239 27.82 -36.77 -1.07
CA LEU C 239 28.89 -35.87 -1.53
C LEU C 239 29.91 -36.57 -2.42
N GLN C 240 30.31 -37.78 -2.01
CA GLN C 240 31.30 -38.53 -2.79
C GLN C 240 30.77 -38.93 -4.16
N ARG C 241 29.48 -39.29 -4.25
CA ARG C 241 28.88 -39.65 -5.53
C ARG C 241 28.76 -38.46 -6.47
N LEU C 242 28.23 -37.34 -5.99
CA LEU C 242 28.13 -36.14 -6.81
C LEU C 242 29.49 -35.65 -7.31
N LYS C 243 30.48 -35.69 -6.42
CA LYS C 243 31.82 -35.23 -6.74
C LYS C 243 32.39 -36.05 -7.90
N ALA C 244 32.28 -37.37 -7.76
CA ALA C 244 32.77 -38.31 -8.76
C ALA C 244 32.05 -38.14 -10.08
N HIS C 245 30.73 -38.09 -10.02
CA HIS C 245 29.91 -37.87 -11.18
C HIS C 245 30.29 -36.62 -11.93
N LEU C 246 30.42 -35.50 -11.22
CA LEU C 246 30.83 -34.23 -11.84
C LEU C 246 32.20 -34.28 -12.53
N GLN C 247 33.18 -34.92 -11.88
CA GLN C 247 34.54 -35.02 -12.43
C GLN C 247 34.59 -35.97 -13.62
N VAL C 248 34.07 -37.19 -13.43
CA VAL C 248 34.02 -38.22 -14.50
C VAL C 248 33.18 -37.77 -15.69
N GLN C 249 31.87 -37.64 -15.50
CA GLN C 249 30.94 -37.35 -16.59
C GLN C 249 31.17 -35.98 -17.25
N TRP C 250 31.53 -34.96 -16.46
CA TRP C 250 31.53 -33.57 -16.94
C TRP C 250 32.84 -32.80 -16.85
N GLN C 251 33.91 -33.45 -16.35
CA GLN C 251 35.21 -32.78 -16.20
C GLN C 251 35.05 -31.44 -15.47
N CYS C 252 34.37 -31.50 -14.31
CA CYS C 252 34.17 -30.33 -13.48
C CYS C 252 35.18 -30.30 -12.33
N ALA C 253 35.82 -29.15 -12.16
CA ALA C 253 36.54 -28.79 -10.94
C ALA C 253 35.58 -28.72 -9.74
N VAL C 254 35.69 -29.64 -8.78
CA VAL C 254 34.84 -29.66 -7.58
C VAL C 254 35.60 -29.45 -6.26
N SER C 255 35.19 -28.48 -5.46
CA SER C 255 35.66 -28.33 -4.11
C SER C 255 34.52 -28.73 -3.17
N ILE C 256 34.87 -29.16 -1.96
CA ILE C 256 33.91 -29.58 -0.96
C ILE C 256 34.10 -28.61 0.21
N ASP C 257 32.98 -28.12 0.75
CA ASP C 257 32.99 -27.34 1.97
C ASP C 257 31.74 -27.70 2.74
N VAL C 258 31.91 -28.61 3.70
CA VAL C 258 30.80 -29.07 4.55
C VAL C 258 30.44 -28.05 5.63
N THR C 259 31.19 -26.96 5.73
CA THR C 259 30.84 -25.84 6.61
C THR C 259 30.06 -24.73 5.90
N GLU C 260 29.71 -24.95 4.63
CA GLU C 260 28.88 -24.00 3.87
C GLU C 260 27.46 -24.17 4.40
N LEU C 261 26.99 -23.19 5.19
CA LEU C 261 25.68 -23.26 5.82
C LEU C 261 24.74 -22.05 5.60
N SER C 262 24.96 -21.30 4.50
CA SER C 262 23.93 -20.36 3.99
C SER C 262 22.65 -21.14 3.78
N GLY C 263 21.52 -20.50 4.04
CA GLY C 263 20.23 -21.18 3.92
C GLY C 263 20.14 -22.46 4.74
N TYR C 264 20.65 -22.40 5.96
CA TYR C 264 20.47 -23.42 6.98
C TYR C 264 18.97 -23.72 7.12
N HIS C 265 18.17 -22.68 7.02
CA HIS C 265 16.68 -22.73 7.06
C HIS C 265 16.08 -23.61 5.97
N TYR C 266 16.35 -23.26 4.71
CA TYR C 266 15.62 -23.88 3.58
C TYR C 266 16.28 -25.17 3.07
N HIS C 267 17.60 -25.25 3.11
CA HIS C 267 18.27 -26.45 2.68
C HIS C 267 18.13 -27.57 3.68
N THR C 268 17.93 -28.79 3.17
CA THR C 268 17.72 -29.97 3.97
C THR C 268 18.69 -31.09 3.67
N GLY C 269 19.74 -30.81 2.94
CA GLY C 269 20.69 -31.84 2.54
C GLY C 269 21.78 -31.27 1.69
N ILE C 270 22.05 -31.98 0.59
CA ILE C 270 23.12 -31.58 -0.32
C ILE C 270 22.88 -30.16 -0.90
N VAL C 271 23.96 -29.41 -1.10
CA VAL C 271 23.87 -28.08 -1.73
C VAL C 271 24.97 -27.92 -2.79
N PHE C 272 24.63 -27.16 -3.84
CA PHE C 272 25.53 -26.88 -4.93
CA PHE C 272 25.50 -26.91 -4.98
C PHE C 272 25.59 -25.39 -5.19
N ASN C 273 26.80 -24.90 -5.45
CA ASN C 273 27.05 -23.52 -5.76
C ASN C 273 28.03 -23.48 -6.90
N GLY C 274 27.60 -22.90 -8.02
CA GLY C 274 28.43 -22.81 -9.22
C GLY C 274 28.90 -21.38 -9.36
N TYR C 275 30.21 -21.21 -9.43
CA TYR C 275 30.82 -19.89 -9.55
C TYR C 275 31.40 -19.75 -10.94
N ILE C 276 31.26 -18.58 -11.54
CA ILE C 276 31.77 -18.33 -12.88
C ILE C 276 33.08 -17.57 -12.71
N ASN C 277 34.16 -18.13 -13.25
CA ASN C 277 35.51 -17.59 -13.06
C ASN C 277 35.77 -17.25 -11.58
N SER C 278 36.03 -15.99 -11.25
CA SER C 278 36.33 -15.61 -9.87
C SER C 278 35.28 -14.64 -9.30
N GLU C 279 34.06 -14.70 -9.84
CA GLU C 279 32.99 -13.84 -9.41
C GLU C 279 32.51 -14.32 -8.02
N THR C 280 32.34 -13.36 -7.12
CA THR C 280 32.06 -13.64 -5.73
C THR C 280 30.71 -14.29 -5.53
N GLN C 281 29.67 -13.77 -6.19
CA GLN C 281 28.33 -14.34 -6.03
C GLN C 281 28.17 -15.50 -7.03
N PRO C 282 27.66 -16.66 -6.55
CA PRO C 282 27.43 -17.81 -7.43
C PRO C 282 26.51 -17.49 -8.59
N LEU C 283 26.84 -18.01 -9.76
CA LEU C 283 25.93 -17.98 -10.90
C LEU C 283 24.75 -18.91 -10.67
N VAL C 284 25.04 -20.10 -10.14
CA VAL C 284 24.01 -21.11 -9.97
C VAL C 284 23.97 -21.52 -8.50
N ARG C 285 22.76 -21.54 -7.92
CA ARG C 285 22.60 -22.06 -6.54
C ARG C 285 21.59 -23.17 -6.66
N GLY C 286 21.91 -24.29 -6.05
CA GLY C 286 20.99 -25.38 -6.00
C GLY C 286 21.15 -26.24 -4.76
N GLY C 287 20.22 -27.16 -4.62
CA GLY C 287 20.27 -28.11 -3.52
C GLY C 287 18.93 -28.62 -3.08
N ARG C 288 18.98 -29.57 -2.16
CA ARG C 288 17.79 -30.20 -1.62
C ARG C 288 17.02 -29.23 -0.75
N PHE C 289 15.69 -29.35 -0.81
CA PHE C 289 14.82 -28.53 0.01
C PHE C 289 13.50 -29.28 0.26
N ASP C 290 12.49 -28.59 0.77
CA ASP C 290 11.28 -29.24 1.25
C ASP C 290 10.08 -28.89 0.37
N GLY C 291 9.26 -29.90 0.01
CA GLY C 291 7.93 -29.69 -0.63
C GLY C 291 6.72 -29.83 0.30
N PRO C 302 4.53 -34.88 3.22
CA PRO C 302 6.00 -34.93 3.29
C PRO C 302 6.63 -35.16 1.89
N ARG C 303 6.94 -34.05 1.19
CA ARG C 303 7.39 -34.12 -0.23
C ARG C 303 8.85 -33.71 -0.48
N GLN C 304 9.57 -34.62 -1.13
CA GLN C 304 10.96 -34.40 -1.49
C GLN C 304 11.08 -33.38 -2.64
N ALA C 305 12.15 -32.60 -2.64
CA ALA C 305 12.39 -31.60 -3.68
C ALA C 305 13.86 -31.24 -3.79
N THR C 306 14.31 -31.10 -5.03
CA THR C 306 15.64 -30.57 -5.28
C THR C 306 15.61 -29.74 -6.57
N GLY C 307 16.51 -28.77 -6.67
CA GLY C 307 16.50 -27.89 -7.83
C GLY C 307 17.62 -26.89 -7.86
N PHE C 308 17.67 -26.10 -8.94
CA PHE C 308 18.63 -24.99 -9.06
C PHE C 308 18.02 -23.80 -9.73
N SER C 309 18.68 -22.67 -9.60
CA SER C 309 18.26 -21.48 -10.35
C SER C 309 19.44 -20.59 -10.64
N MET C 310 19.27 -19.68 -11.59
CA MET C 310 20.34 -18.78 -11.99
C MET C 310 19.75 -17.53 -12.62
N ASP C 311 20.53 -16.45 -12.56
CA ASP C 311 20.18 -15.21 -13.26
C ASP C 311 20.73 -15.29 -14.68
N VAL C 312 19.82 -15.43 -15.63
CA VAL C 312 20.19 -15.48 -17.04
C VAL C 312 21.02 -14.25 -17.43
N SER C 313 20.67 -13.09 -16.89
CA SER C 313 21.39 -11.85 -17.23
C SER C 313 22.87 -11.88 -16.91
N ARG C 314 23.27 -12.67 -15.93
CA ARG C 314 24.70 -12.81 -15.64
C ARG C 314 25.47 -13.63 -16.65
N LEU C 315 24.78 -14.38 -17.51
CA LEU C 315 25.42 -15.08 -18.62
C LEU C 315 25.82 -14.15 -19.75
N LEU C 316 25.26 -12.94 -19.83
CA LEU C 316 25.47 -12.08 -21.00
C LEU C 316 26.93 -11.71 -21.21
N ALA C 317 27.64 -11.44 -20.13
CA ALA C 317 29.05 -11.10 -20.21
C ALA C 317 29.94 -12.25 -20.66
N HIS C 318 29.47 -13.49 -20.56
CA HIS C 318 30.27 -14.66 -20.85
C HIS C 318 29.84 -15.45 -22.09
N THR C 319 28.91 -14.90 -22.86
CA THR C 319 28.34 -15.59 -24.02
C THR C 319 28.43 -14.67 -25.22
N GLN C 320 28.50 -15.27 -26.40
CA GLN C 320 28.72 -14.52 -27.64
C GLN C 320 27.79 -15.03 -28.70
N LEU C 321 27.15 -14.15 -29.45
CA LEU C 321 26.49 -14.55 -30.68
C LEU C 321 27.27 -14.10 -31.87
N ASP C 322 27.01 -14.74 -33.01
CA ASP C 322 27.61 -14.33 -34.27
C ASP C 322 27.17 -12.89 -34.55
N ALA C 323 27.99 -12.14 -35.26
CA ALA C 323 27.62 -10.82 -35.74
C ALA C 323 26.32 -10.95 -36.53
N PRO C 324 25.39 -10.02 -36.31
CA PRO C 324 24.15 -10.06 -37.08
C PRO C 324 24.35 -9.43 -38.45
N PHE C 325 23.50 -9.84 -39.38
CA PHE C 325 23.39 -9.21 -40.70
C PHE C 325 22.24 -8.22 -40.67
N ILE C 326 22.58 -6.93 -40.73
CA ILE C 326 21.60 -5.87 -40.69
C ILE C 326 21.57 -5.24 -42.08
N VAL C 327 20.43 -5.41 -42.75
CA VAL C 327 20.26 -5.10 -44.17
C VAL C 327 19.27 -3.94 -44.37
N LEU C 328 19.64 -3.02 -45.25
CA LEU C 328 18.75 -1.94 -45.70
C LEU C 328 18.43 -2.09 -47.17
N ILE C 329 17.15 -2.08 -47.50
CA ILE C 329 16.76 -2.08 -48.90
C ILE C 329 16.97 -0.66 -49.43
N ASP C 330 17.50 -0.55 -50.66
CA ASP C 330 17.72 0.76 -51.31
C ASP C 330 16.37 1.43 -51.59
N TYR C 331 16.20 2.64 -51.07
CA TYR C 331 14.93 3.36 -51.13
C TYR C 331 14.48 3.66 -52.58
N ASP C 332 15.37 4.33 -53.33
CA ASP C 332 15.04 4.80 -54.70
C ASP C 332 14.74 3.64 -55.65
N ALA C 333 15.64 2.67 -55.69
CA ALA C 333 15.44 1.47 -56.50
C ALA C 333 14.12 0.75 -56.20
N PHE C 334 13.77 0.64 -54.92
CA PHE C 334 12.52 -0.03 -54.54
C PHE C 334 11.28 0.72 -55.04
N ASN C 335 11.26 2.04 -54.85
CA ASN C 335 10.10 2.84 -55.30
C ASN C 335 9.94 2.95 -56.81
N ASN C 336 11.01 2.65 -57.56
CA ASN C 336 10.96 2.56 -59.02
C ASN C 336 10.38 1.24 -59.53
N LEU C 337 10.10 0.27 -58.65
CA LEU C 337 9.60 -1.04 -59.07
C LEU C 337 8.12 -1.00 -59.42
N ASP C 338 7.74 -1.82 -60.38
CA ASP C 338 6.33 -2.07 -60.65
C ASP C 338 5.81 -3.07 -59.60
N SER C 339 4.51 -3.21 -59.53
CA SER C 339 3.85 -4.07 -58.54
C SER C 339 4.40 -5.51 -58.50
N ALA C 340 4.60 -6.11 -59.68
CA ALA C 340 5.08 -7.49 -59.77
C ALA C 340 6.55 -7.64 -59.38
N GLN C 341 7.37 -6.64 -59.69
CA GLN C 341 8.74 -6.56 -59.20
C GLN C 341 8.79 -6.43 -57.67
N ARG C 342 7.88 -5.65 -57.09
CA ARG C 342 7.83 -5.51 -55.64
C ARG C 342 7.54 -6.87 -54.99
N GLN C 343 6.55 -7.59 -55.53
CA GLN C 343 6.16 -8.86 -54.96
C GLN C 343 7.31 -9.87 -54.98
N LEU C 344 8.15 -9.84 -56.00
CA LEU C 344 9.29 -10.73 -56.08
C LEU C 344 10.35 -10.32 -55.07
N LEU C 345 10.60 -9.03 -54.94
CA LEU C 345 11.55 -8.57 -53.94
C LEU C 345 11.10 -8.97 -52.51
N LEU C 346 9.83 -8.79 -52.22
CA LEU C 346 9.29 -9.08 -50.91
C LEU C 346 9.42 -10.55 -50.59
N GLN C 347 9.25 -11.41 -51.59
CA GLN C 347 9.46 -12.85 -51.45
C GLN C 347 10.91 -13.14 -51.08
N GLN C 348 11.83 -12.44 -51.74
CA GLN C 348 13.25 -12.57 -51.46
C GLN C 348 13.59 -12.05 -50.05
N VAL C 349 12.97 -10.93 -49.66
CA VAL C 349 13.18 -10.35 -48.35
C VAL C 349 12.65 -11.29 -47.25
N ALA C 350 11.44 -11.83 -47.47
CA ALA C 350 10.86 -12.84 -46.58
C ALA C 350 11.76 -14.04 -46.37
N SER C 351 12.45 -14.46 -47.42
CA SER C 351 13.38 -15.59 -47.35
C SER C 351 14.58 -15.23 -46.49
N LEU C 352 15.13 -14.05 -46.73
CA LEU C 352 16.27 -13.56 -45.93
C LEU C 352 15.90 -13.48 -44.45
N ARG C 353 14.71 -12.99 -44.18
CA ARG C 353 14.22 -12.85 -42.80
C ARG C 353 14.01 -14.19 -42.10
N GLN C 354 13.58 -15.20 -42.86
CA GLN C 354 13.44 -16.55 -42.37
C GLN C 354 14.79 -17.13 -41.94
N GLN C 355 15.85 -16.75 -42.65
CA GLN C 355 17.21 -17.13 -42.29
C GLN C 355 17.82 -16.26 -41.19
N GLY C 356 17.06 -15.27 -40.69
CA GLY C 356 17.51 -14.41 -39.58
C GLY C 356 18.21 -13.11 -39.93
N TYR C 357 18.20 -12.74 -41.21
CA TYR C 357 18.69 -11.41 -41.64
C TYR C 357 17.73 -10.37 -41.14
N ARG C 358 18.26 -9.27 -40.64
CA ARG C 358 17.41 -8.20 -40.18
C ARG C 358 17.26 -7.17 -41.29
N VAL C 359 16.13 -7.23 -42.00
CA VAL C 359 15.89 -6.40 -43.15
C VAL C 359 14.90 -5.25 -42.88
N THR C 360 15.40 -4.02 -43.04
CA THR C 360 14.61 -2.80 -42.89
C THR C 360 14.13 -2.35 -44.28
N MET C 361 12.82 -2.09 -44.37
CA MET C 361 12.21 -1.51 -45.56
C MET C 361 12.10 -0.02 -45.26
N PRO C 362 12.90 0.81 -45.98
CA PRO C 362 13.06 2.22 -45.62
C PRO C 362 11.79 3.05 -45.84
N LEU C 363 11.49 3.95 -44.90
CA LEU C 363 10.39 4.89 -45.01
C LEU C 363 10.77 6.11 -45.87
N THR C 364 12.06 6.42 -45.86
CA THR C 364 12.63 7.53 -46.58
C THR C 364 14.02 7.18 -47.06
N ALA C 365 14.56 8.06 -47.91
CA ALA C 365 15.92 7.93 -48.41
C ALA C 365 16.98 8.08 -47.33
N GLU C 366 16.67 8.70 -46.19
CA GLU C 366 17.61 8.87 -45.07
C GLU C 366 17.49 7.75 -44.01
N ASP C 367 16.50 6.88 -44.15
CA ASP C 367 16.20 5.81 -43.17
C ASP C 367 17.35 4.81 -43.08
N MET C 368 18.05 4.83 -41.97
CA MET C 368 19.32 4.16 -41.80
C MET C 368 19.27 3.27 -40.53
N PRO C 369 19.29 1.94 -40.69
CA PRO C 369 19.31 1.05 -39.51
C PRO C 369 20.58 1.20 -38.70
N VAL C 370 20.48 1.09 -37.39
CA VAL C 370 21.65 1.11 -36.51
C VAL C 370 22.47 -0.12 -36.82
N GLY C 371 23.80 0.04 -36.84
CA GLY C 371 24.72 -1.10 -37.04
C GLY C 371 24.68 -1.75 -38.41
N LEU C 372 24.28 -0.96 -39.42
CA LEU C 372 24.09 -1.44 -40.79
C LEU C 372 25.30 -2.18 -41.28
N THR C 373 25.07 -3.35 -41.88
CA THR C 373 26.16 -4.15 -42.44
C THR C 373 26.07 -4.37 -43.93
N HIS C 374 24.87 -4.41 -44.50
CA HIS C 374 24.68 -4.63 -45.92
C HIS C 374 23.53 -3.80 -46.48
N ARG C 375 23.62 -3.49 -47.77
CA ARG C 375 22.50 -2.97 -48.55
C ARG C 375 22.02 -4.07 -49.46
N LEU C 376 20.71 -4.13 -49.68
CA LEU C 376 20.15 -4.98 -50.70
C LEU C 376 19.89 -4.03 -51.86
N SER C 377 20.64 -4.21 -52.95
CA SER C 377 20.69 -3.27 -54.06
C SER C 377 20.36 -3.91 -55.38
N LEU C 378 20.00 -3.06 -56.34
CA LEU C 378 19.60 -3.48 -57.68
C LEU C 378 20.73 -3.19 -58.68
N ALA C 379 21.21 -4.25 -59.31
CA ALA C 379 22.30 -4.18 -60.28
C ALA C 379 22.11 -5.31 -61.25
N ASP C 380 22.14 -4.98 -62.55
CA ASP C 380 22.03 -5.97 -63.63
C ASP C 380 20.73 -6.81 -63.51
N ASN C 381 19.59 -6.15 -63.31
CA ASN C 381 18.30 -6.80 -63.12
C ASN C 381 18.25 -7.86 -61.98
N GLN C 382 18.99 -7.60 -60.91
CA GLN C 382 19.12 -8.58 -59.82
C GLN C 382 19.33 -7.88 -58.49
N TRP C 383 18.59 -8.31 -57.45
CA TRP C 383 18.77 -7.75 -56.09
C TRP C 383 19.78 -8.60 -55.34
N ARG C 384 20.80 -7.97 -54.75
CA ARG C 384 21.88 -8.68 -54.05
C ARG C 384 22.44 -7.88 -52.88
N LEU C 385 22.96 -8.60 -51.89
CA LEU C 385 23.61 -7.97 -50.74
C LEU C 385 25.01 -7.53 -51.06
N HIS C 386 25.38 -6.33 -50.62
CA HIS C 386 26.78 -5.88 -50.66
C HIS C 386 27.10 -5.17 -49.36
N ALA C 387 28.24 -5.51 -48.76
CA ALA C 387 28.65 -4.91 -47.50
C ALA C 387 28.96 -3.42 -47.67
N VAL C 388 29.01 -2.68 -46.58
CA VAL C 388 29.07 -1.19 -46.64
C VAL C 388 30.49 -0.66 -46.67
N GLY D 1 12.63 1.11 18.61
CA GLY D 1 11.70 0.13 19.24
C GLY D 1 10.61 -0.37 18.29
N MET D 2 9.52 -0.83 18.88
CA MET D 2 8.47 -1.47 18.10
C MET D 2 7.64 -0.56 17.17
N LEU D 3 7.61 0.76 17.36
CA LEU D 3 6.69 1.63 16.61
C LEU D 3 7.35 2.28 15.39
N PRO D 4 6.56 2.63 14.35
CA PRO D 4 7.13 3.30 13.19
C PRO D 4 7.71 4.66 13.50
N ASP D 5 8.59 5.14 12.65
CA ASP D 5 9.12 6.47 12.79
C ASP D 5 8.02 7.49 12.72
N GLY D 6 8.10 8.48 13.62
CA GLY D 6 7.09 9.57 13.69
C GLY D 6 5.78 9.12 14.32
N VAL D 7 5.79 8.02 15.07
CA VAL D 7 4.59 7.46 15.66
C VAL D 7 4.94 7.11 17.10
N ALA D 8 4.23 7.71 18.04
CA ALA D 8 4.60 7.62 19.45
C ALA D 8 3.39 7.40 20.32
N ASP D 9 3.55 6.56 21.35
CA ASP D 9 2.59 6.55 22.41
C ASP D 9 2.69 7.87 23.19
N VAL D 10 1.53 8.31 23.70
CA VAL D 10 1.49 9.30 24.75
C VAL D 10 0.91 8.57 25.96
N LEU D 11 1.70 8.41 27.02
CA LEU D 11 1.33 7.54 28.12
C LEU D 11 1.25 8.23 29.45
N PHE D 12 0.33 7.75 30.29
CA PHE D 12 0.33 8.03 31.73
C PHE D 12 0.09 9.52 31.98
N GLU D 13 0.98 10.21 32.69
CA GLU D 13 0.74 11.61 33.02
C GLU D 13 0.74 12.48 31.80
N ASP D 14 1.52 12.13 30.78
CA ASP D 14 1.51 12.85 29.52
C ASP D 14 0.18 12.74 28.82
N ALA D 15 -0.44 11.56 28.92
CA ALA D 15 -1.73 11.33 28.28
C ALA D 15 -2.79 12.12 29.03
N HIS D 16 -2.71 12.08 30.36
CA HIS D 16 -3.57 12.89 31.18
C HIS D 16 -3.44 14.35 30.82
N LYS D 17 -2.21 14.83 30.69
CA LYS D 17 -1.98 16.23 30.36
C LYS D 17 -2.52 16.59 28.99
N GLN D 18 -2.28 15.72 28.00
CA GLN D 18 -2.85 15.89 26.66
C GLN D 18 -4.37 15.99 26.68
N GLU D 19 -5.02 15.16 27.48
CA GLU D 19 -6.47 15.18 27.62
C GLU D 19 -6.98 16.51 28.24
N VAL D 20 -6.30 16.96 29.28
CA VAL D 20 -6.60 18.26 29.88
C VAL D 20 -6.43 19.41 28.87
N LEU D 21 -5.31 19.43 28.15
CA LEU D 21 -5.06 20.49 27.18
C LEU D 21 -6.10 20.48 26.09
N ARG D 22 -6.37 19.31 25.53
CA ARG D 22 -7.34 19.21 24.44
C ARG D 22 -8.70 19.73 24.91
N HIS D 23 -9.11 19.32 26.10
CA HIS D 23 -10.40 19.70 26.65
C HIS D 23 -10.49 21.19 26.98
N GLN D 24 -9.48 21.74 27.65
CA GLN D 24 -9.47 23.16 28.01
C GLN D 24 -9.45 24.05 26.79
N LEU D 25 -8.57 23.75 25.85
CA LEU D 25 -8.46 24.54 24.64
C LEU D 25 -9.71 24.48 23.76
N THR D 26 -10.33 23.32 23.73
CA THR D 26 -11.59 23.14 23.01
C THR D 26 -12.66 23.98 23.67
N GLN D 27 -12.74 23.95 24.99
CA GLN D 27 -13.76 24.70 25.75
C GLN D 27 -13.58 26.21 25.59
N GLN D 28 -12.34 26.69 25.67
CA GLN D 28 -12.06 28.08 25.36
C GLN D 28 -12.59 28.53 23.99
N LEU D 29 -12.38 27.70 22.97
CA LEU D 29 -12.86 28.03 21.63
C LEU D 29 -14.37 28.07 21.63
N ILE D 30 -14.99 27.09 22.27
CA ILE D 30 -16.45 27.03 22.35
C ILE D 30 -17.02 28.29 23.00
N THR D 31 -16.39 28.75 24.08
CA THR D 31 -16.84 29.95 24.79
C THR D 31 -16.60 31.25 24.03
N HIS D 32 -15.72 31.25 23.02
CA HIS D 32 -15.58 32.38 22.09
C HIS D 32 -16.54 32.33 20.90
N GLY D 33 -17.45 31.35 20.87
CA GLY D 33 -18.49 31.30 19.85
C GLY D 33 -18.19 30.40 18.69
N TYR D 34 -17.10 29.65 18.76
CA TYR D 34 -16.74 28.68 17.72
C TYR D 34 -17.54 27.38 17.92
N GLN D 35 -18.20 26.90 16.88
CA GLN D 35 -19.00 25.68 16.97
C GLN D 35 -18.10 24.48 16.83
N LEU D 36 -18.12 23.57 17.81
CA LEU D 36 -17.33 22.35 17.71
C LEU D 36 -17.92 21.41 16.65
N VAL D 37 -17.07 20.87 15.79
CA VAL D 37 -17.46 19.81 14.88
C VAL D 37 -16.46 18.69 15.01
N SER D 38 -16.94 17.47 14.81
CA SER D 38 -16.09 16.31 14.92
C SER D 38 -16.33 15.47 13.68
N PRO D 39 -15.69 15.83 12.57
CA PRO D 39 -15.81 14.99 11.37
C PRO D 39 -15.04 13.67 11.53
N PRO D 40 -15.35 12.67 10.69
CA PRO D 40 -14.72 11.38 10.83
C PRO D 40 -13.27 11.33 10.33
N MET D 41 -12.57 10.27 10.71
CA MET D 41 -11.18 10.07 10.28
C MET D 41 -11.04 9.70 8.81
N ILE D 42 -12.09 9.15 8.19
CA ILE D 42 -12.06 8.69 6.81
C ILE D 42 -13.25 9.19 6.04
N GLU D 43 -13.01 9.48 4.76
CA GLU D 43 -14.03 9.90 3.80
C GLU D 43 -13.62 9.32 2.46
N PHE D 44 -14.53 9.36 1.48
CA PHE D 44 -14.18 9.12 0.09
C PHE D 44 -13.26 10.24 -0.33
N THR D 45 -12.24 9.91 -1.13
CA THR D 45 -11.29 10.94 -1.64
C THR D 45 -11.95 12.05 -2.44
N GLU D 46 -13.09 11.77 -3.09
CA GLU D 46 -13.91 12.80 -3.77
C GLU D 46 -14.09 14.04 -2.91
N SER D 47 -14.52 13.84 -1.66
CA SER D 47 -14.74 14.94 -0.71
C SER D 47 -13.47 15.34 0.04
N LEU D 48 -12.72 14.34 0.52
CA LEU D 48 -11.58 14.61 1.39
C LEU D 48 -10.49 15.38 0.70
N LEU D 49 -10.24 15.02 -0.55
CA LEU D 49 -9.16 15.61 -1.33
C LEU D 49 -9.69 16.49 -2.47
N SER D 50 -10.93 16.95 -2.37
CA SER D 50 -11.48 17.93 -3.31
C SER D 50 -10.64 19.20 -3.33
N GLY D 51 -10.09 19.55 -4.49
CA GLY D 51 -9.23 20.71 -4.62
C GLY D 51 -8.01 20.70 -3.70
N ALA D 52 -7.53 19.50 -3.39
CA ALA D 52 -6.36 19.33 -2.53
C ALA D 52 -5.13 19.62 -3.36
N SER D 53 -4.09 20.14 -2.68
CA SER D 53 -2.79 20.33 -3.27
C SER D 53 -2.18 18.96 -3.54
N GLU D 54 -1.15 18.90 -4.37
CA GLU D 54 -0.44 17.66 -4.59
C GLU D 54 0.20 17.14 -3.31
N ASP D 55 0.59 18.08 -2.44
CA ASP D 55 1.22 17.75 -1.18
C ASP D 55 0.27 17.05 -0.20
N LEU D 56 -0.94 17.60 -0.10
CA LEU D 56 -1.97 17.02 0.74
C LEU D 56 -2.33 15.61 0.25
N LYS D 57 -2.33 15.42 -1.07
CA LYS D 57 -2.60 14.11 -1.66
C LYS D 57 -1.54 13.09 -1.29
N ARG D 58 -0.27 13.46 -1.39
CA ARG D 58 0.82 12.55 -1.02
C ARG D 58 0.77 12.26 0.47
N GLN D 59 0.40 13.26 1.28
CA GLN D 59 0.31 13.06 2.74
C GLN D 59 -0.86 12.16 3.23
N THR D 60 -1.84 11.92 2.37
CA THR D 60 -3.04 11.20 2.71
C THR D 60 -2.94 9.72 2.31
N PHE D 61 -2.93 8.84 3.29
CA PHE D 61 -3.04 7.39 3.05
C PHE D 61 -4.34 7.02 2.34
N LYS D 62 -4.26 6.11 1.36
CA LYS D 62 -5.44 5.62 0.65
C LYS D 62 -5.82 4.25 1.14
N ILE D 63 -7.12 4.01 1.24
CA ILE D 63 -7.67 2.71 1.59
C ILE D 63 -8.91 2.48 0.73
N ILE D 64 -9.33 1.23 0.64
CA ILE D 64 -10.42 0.84 -0.26
C ILE D 64 -11.65 0.50 0.54
N ASP D 65 -12.75 1.14 0.20
CA ASP D 65 -14.04 0.80 0.75
C ASP D 65 -14.52 -0.48 0.05
N GLN D 66 -14.46 -1.59 0.75
CA GLN D 66 -14.91 -2.90 0.24
C GLN D 66 -16.42 -2.98 -0.05
N LEU D 67 -17.22 -2.01 0.37
CA LEU D 67 -18.65 -2.02 0.06
C LEU D 67 -18.97 -1.39 -1.29
N THR D 68 -18.10 -0.51 -1.79
CA THR D 68 -18.33 0.15 -3.07
C THR D 68 -17.17 0.02 -4.09
N GLY D 69 -16.03 -0.56 -3.69
CA GLY D 69 -14.84 -0.52 -4.50
C GLY D 69 -14.13 0.83 -4.62
N ARG D 70 -14.69 1.89 -4.02
CA ARG D 70 -14.17 3.24 -4.18
C ARG D 70 -13.04 3.54 -3.22
N LEU D 71 -12.31 4.61 -3.54
CA LEU D 71 -11.16 5.03 -2.76
C LEU D 71 -11.54 5.95 -1.62
N MET D 72 -11.09 5.62 -0.42
CA MET D 72 -11.20 6.51 0.73
C MET D 72 -9.81 6.94 1.16
N GLY D 73 -9.74 8.05 1.87
CA GLY D 73 -8.49 8.48 2.55
C GLY D 73 -8.64 8.55 4.06
N ILE D 74 -7.53 8.44 4.78
CA ILE D 74 -7.45 8.79 6.18
C ILE D 74 -7.02 10.25 6.17
N ARG D 75 -7.74 11.12 6.85
CA ARG D 75 -7.46 12.53 6.80
C ARG D 75 -6.04 12.85 7.28
N ALA D 76 -5.37 13.69 6.51
CA ALA D 76 -4.12 14.27 6.91
C ALA D 76 -4.35 15.71 7.41
N ASP D 77 -5.53 16.27 7.13
CA ASP D 77 -5.87 17.61 7.57
C ASP D 77 -7.38 17.74 7.74
N ILE D 78 -7.81 18.52 8.72
CA ILE D 78 -9.23 18.65 9.04
C ILE D 78 -9.90 19.78 8.27
N THR D 79 -9.12 20.79 7.87
CA THR D 79 -9.68 21.98 7.21
C THR D 79 -10.58 21.68 5.99
N PRO D 80 -10.18 20.76 5.10
CA PRO D 80 -11.11 20.44 3.99
C PRO D 80 -12.45 19.91 4.47
N GLN D 81 -12.46 19.22 5.62
CA GLN D 81 -13.70 18.71 6.17
C GLN D 81 -14.55 19.85 6.73
N ILE D 82 -13.91 20.86 7.29
CA ILE D 82 -14.62 22.06 7.71
C ILE D 82 -15.27 22.78 6.52
N LEU D 83 -14.55 22.89 5.40
CA LEU D 83 -15.15 23.38 4.14
C LEU D 83 -16.40 22.61 3.74
N ARG D 84 -16.28 21.29 3.68
CA ARG D 84 -17.42 20.44 3.38
C ARG D 84 -18.61 20.76 4.32
N ILE D 85 -18.33 20.80 5.64
CA ILE D 85 -19.34 21.06 6.65
C ILE D 85 -19.97 22.45 6.49
N ASP D 86 -19.13 23.47 6.27
CA ASP D 86 -19.65 24.81 6.06
C ASP D 86 -20.50 24.98 4.78
N ALA D 87 -20.15 24.26 3.73
CA ALA D 87 -20.93 24.27 2.49
C ALA D 87 -22.35 23.81 2.75
N HIS D 88 -22.49 22.70 3.46
CA HIS D 88 -23.82 22.16 3.74
C HIS D 88 -24.60 22.94 4.81
N HIS D 89 -23.92 23.44 5.86
CA HIS D 89 -24.60 23.97 7.07
C HIS D 89 -24.47 25.47 7.34
N GLY D 90 -23.51 26.17 6.73
CA GLY D 90 -23.13 27.53 7.16
C GLY D 90 -23.87 28.75 6.61
N GLY D 91 -24.56 28.61 5.48
CA GLY D 91 -25.20 29.75 4.81
C GLY D 91 -24.22 30.82 4.30
N ASP D 92 -24.75 32.03 4.12
CA ASP D 92 -24.00 33.15 3.54
C ASP D 92 -23.34 34.05 4.57
N GLY D 93 -23.75 33.95 5.83
CA GLY D 93 -23.22 34.82 6.88
C GLY D 93 -21.92 34.35 7.48
N ILE D 94 -21.50 35.00 8.55
CA ILE D 94 -20.32 34.58 9.26
C ILE D 94 -20.61 33.28 10.00
N ALA D 95 -19.66 32.37 9.98
CA ALA D 95 -19.74 31.12 10.72
C ALA D 95 -18.39 30.79 11.32
N ARG D 96 -18.39 30.29 12.54
CA ARG D 96 -17.19 29.95 13.27
C ARG D 96 -17.21 28.46 13.61
N TYR D 97 -16.06 27.80 13.42
CA TYR D 97 -15.91 26.35 13.71
C TYR D 97 -14.62 26.11 14.48
N CYS D 98 -14.65 25.12 15.37
CA CYS D 98 -13.44 24.58 15.98
C CYS D 98 -13.49 23.07 15.98
N TYR D 99 -12.34 22.47 16.25
CA TYR D 99 -12.18 21.02 16.10
C TYR D 99 -10.93 20.59 16.81
N ALA D 100 -10.88 19.31 17.13
CA ALA D 100 -9.72 18.66 17.67
C ALA D 100 -9.82 17.19 17.35
N GLY D 101 -8.84 16.67 16.64
CA GLY D 101 -8.87 15.28 16.24
C GLY D 101 -7.57 14.82 15.66
N ASP D 102 -7.40 13.50 15.67
CA ASP D 102 -6.24 12.85 15.09
C ASP D 102 -6.25 12.99 13.57
N VAL D 103 -5.08 13.29 13.02
CA VAL D 103 -4.83 13.21 11.60
C VAL D 103 -3.58 12.38 11.41
N ILE D 104 -3.44 11.77 10.24
CA ILE D 104 -2.32 10.88 9.95
C ILE D 104 -1.63 11.35 8.68
N HIS D 105 -0.30 11.31 8.67
CA HIS D 105 0.48 11.71 7.52
C HIS D 105 1.30 10.52 7.09
N THR D 106 1.44 10.35 5.77
CA THR D 106 2.32 9.31 5.19
C THR D 106 3.81 9.52 5.53
N LEU D 107 4.24 10.78 5.53
CA LEU D 107 5.64 11.13 5.86
C LEU D 107 5.70 12.24 6.91
N PRO D 108 6.75 12.23 7.76
CA PRO D 108 6.95 13.34 8.69
C PRO D 108 7.20 14.65 7.92
N SER D 109 6.67 15.76 8.44
CA SER D 109 6.57 17.01 7.68
C SER D 109 7.84 17.81 7.79
N GLY D 110 8.57 17.67 8.89
CA GLY D 110 9.95 18.04 8.89
C GLY D 110 10.75 17.01 9.61
N LEU D 111 12.05 17.27 9.67
CA LEU D 111 13.03 16.48 10.40
C LEU D 111 12.54 16.07 11.79
N PHE D 112 12.41 14.77 11.96
CA PHE D 112 11.94 14.12 13.18
C PHE D 112 10.49 14.47 13.59
N GLY D 113 9.65 14.89 12.63
CA GLY D 113 8.27 15.24 12.94
C GLY D 113 7.36 14.04 13.22
N SER D 114 6.20 14.32 13.81
CA SER D 114 5.17 13.33 14.04
C SER D 114 4.41 13.06 12.76
N ARG D 115 4.02 11.82 12.57
CA ARG D 115 3.03 11.45 11.54
C ARG D 115 1.61 11.28 12.13
N THR D 116 1.45 11.39 13.47
CA THR D 116 0.14 11.24 14.12
C THR D 116 -0.19 12.38 15.05
N PRO D 117 -0.28 13.60 14.52
CA PRO D 117 -0.55 14.74 15.39
C PRO D 117 -2.01 14.75 15.85
N LEU D 118 -2.25 15.35 17.01
CA LEU D 118 -3.60 15.63 17.47
C LEU D 118 -3.92 17.07 17.06
N GLN D 119 -4.59 17.21 15.93
CA GLN D 119 -4.77 18.53 15.30
C GLN D 119 -5.95 19.29 15.92
N LEU D 120 -5.65 20.43 16.52
CA LEU D 120 -6.68 21.31 17.06
C LEU D 120 -6.69 22.63 16.32
N GLY D 121 -7.87 23.12 15.97
CA GLY D 121 -7.98 24.40 15.24
C GLY D 121 -9.28 25.15 15.33
N ALA D 122 -9.26 26.33 14.74
CA ALA D 122 -10.41 27.24 14.71
C ALA D 122 -10.44 27.89 13.36
N GLU D 123 -11.64 28.12 12.83
CA GLU D 123 -11.79 28.75 11.54
C GLU D 123 -12.99 29.68 11.49
N ILE D 124 -12.83 30.83 10.82
CA ILE D 124 -13.91 31.80 10.62
C ILE D 124 -14.19 31.89 9.15
N PHE D 125 -15.43 31.60 8.77
CA PHE D 125 -15.87 31.69 7.38
C PHE D 125 -16.74 32.92 7.22
N GLY D 126 -16.80 33.46 6.00
CA GLY D 126 -17.76 34.52 5.62
C GLY D 126 -17.48 35.95 6.04
N CYS D 127 -16.24 36.30 6.42
CA CYS D 127 -15.88 37.68 6.71
C CYS D 127 -14.63 38.11 5.93
N GLU D 128 -14.79 39.17 5.12
CA GLU D 128 -13.70 39.68 4.28
C GLU D 128 -12.68 40.47 5.07
N SER D 129 -13.14 41.10 6.13
CA SER D 129 -12.33 42.05 6.88
C SER D 129 -11.12 41.41 7.57
N ILE D 130 -10.06 42.19 7.63
CA ILE D 130 -8.89 41.87 8.48
C ILE D 130 -9.28 41.70 9.97
N ALA D 131 -10.45 42.21 10.38
CA ALA D 131 -10.99 41.98 11.72
C ALA D 131 -11.17 40.51 12.12
N ALA D 132 -11.53 39.65 11.16
CA ALA D 132 -11.61 38.19 11.41
C ALA D 132 -10.26 37.58 11.73
N ASP D 133 -9.23 38.00 11.00
CA ASP D 133 -7.87 37.57 11.28
C ASP D 133 -7.38 38.08 12.62
N ILE D 134 -7.80 39.27 13.01
CA ILE D 134 -7.44 39.85 14.30
C ILE D 134 -8.12 39.12 15.45
N GLU D 135 -9.38 38.72 15.26
CA GLU D 135 -10.11 37.94 16.29
C GLU D 135 -9.41 36.60 16.53
N LEU D 136 -9.06 35.90 15.45
CA LEU D 136 -8.32 34.64 15.52
C LEU D 136 -7.02 34.74 16.28
N ILE D 137 -6.27 35.81 16.01
CA ILE D 137 -5.03 36.06 16.73
C ILE D 137 -5.32 36.23 18.20
N ASP D 138 -6.39 36.96 18.51
CA ASP D 138 -6.73 37.21 19.91
C ASP D 138 -7.14 35.91 20.58
N VAL D 139 -7.94 35.09 19.91
CA VAL D 139 -8.35 33.79 20.45
C VAL D 139 -7.13 32.90 20.69
N LEU D 140 -6.27 32.79 19.67
CA LEU D 140 -5.05 32.00 19.79
C LEU D 140 -4.19 32.43 20.96
N PHE D 141 -3.90 33.71 21.06
CA PHE D 141 -3.04 34.20 22.14
C PHE D 141 -3.68 34.10 23.53
N SER D 142 -5.00 34.23 23.60
CA SER D 142 -5.71 34.00 24.85
C SER D 142 -5.54 32.53 25.27
N MET D 143 -5.62 31.60 24.32
CA MET D 143 -5.37 30.18 24.56
C MET D 143 -3.93 29.93 25.00
N ILE D 144 -2.97 30.47 24.26
CA ILE D 144 -1.55 30.30 24.61
C ILE D 144 -1.29 30.82 26.02
N ASN D 145 -1.83 32.00 26.34
CA ASN D 145 -1.61 32.62 27.65
C ASN D 145 -2.22 31.80 28.77
N SER D 146 -3.37 31.17 28.54
CA SER D 146 -3.99 30.30 29.54
C SER D 146 -3.13 29.11 29.94
N LEU D 147 -2.19 28.72 29.09
CA LEU D 147 -1.31 27.58 29.37
C LEU D 147 -0.18 27.84 30.36
N ASP D 148 0.10 29.09 30.72
CA ASP D 148 1.19 29.42 31.66
C ASP D 148 2.50 28.68 31.33
N MET D 149 2.92 28.85 30.09
CA MET D 149 4.21 28.34 29.63
C MET D 149 5.27 29.40 29.87
N SER D 150 6.51 28.93 30.07
CA SER D 150 7.69 29.81 30.06
C SER D 150 8.23 29.90 28.63
N ALA D 151 8.02 28.85 27.83
CA ALA D 151 8.28 28.89 26.40
C ALA D 151 7.53 30.03 25.73
N VAL D 152 8.19 30.66 24.76
CA VAL D 152 7.67 31.85 24.11
C VAL D 152 7.33 31.52 22.66
N LEU D 153 6.20 32.05 22.20
CA LEU D 153 5.80 31.92 20.80
C LEU D 153 6.37 33.09 19.99
N HIS D 154 7.19 32.80 18.97
CA HIS D 154 7.60 33.77 17.95
C HIS D 154 6.65 33.66 16.75
N VAL D 155 6.18 34.80 16.23
CA VAL D 155 5.29 34.79 15.07
C VAL D 155 5.98 35.29 13.82
N ASP D 156 5.85 34.53 12.73
CA ASP D 156 6.31 34.92 11.40
C ASP D 156 5.09 35.17 10.53
N LEU D 157 4.99 36.36 9.94
CA LEU D 157 3.89 36.66 9.03
C LEU D 157 4.40 36.68 7.60
N GLY D 158 3.56 36.19 6.71
CA GLY D 158 3.78 36.29 5.29
C GLY D 158 2.51 36.73 4.63
N HIS D 159 2.49 36.72 3.30
CA HIS D 159 1.33 37.13 2.54
C HIS D 159 1.51 36.72 1.08
N VAL D 160 0.89 35.62 0.69
CA VAL D 160 1.08 35.07 -0.65
C VAL D 160 0.60 35.97 -1.81
N THR D 161 -0.40 36.81 -1.57
CA THR D 161 -0.88 37.76 -2.57
C THR D 161 0.25 38.57 -3.23
N ILE D 162 1.23 39.02 -2.45
CA ILE D 162 2.31 39.89 -2.98
C ILE D 162 3.07 39.21 -4.12
N PHE D 163 3.60 38.03 -3.88
CA PHE D 163 4.27 37.25 -4.92
C PHE D 163 3.33 36.84 -6.07
N LYS D 164 2.07 36.56 -5.77
CA LYS D 164 1.11 36.17 -6.84
C LYS D 164 0.79 37.32 -7.79
N ARG D 165 0.68 38.53 -7.24
CA ARG D 165 0.49 39.73 -8.07
C ARG D 165 1.72 40.06 -8.89
N LEU D 166 2.90 39.97 -8.27
CA LEU D 166 4.15 40.15 -9.01
C LEU D 166 4.28 39.09 -10.10
N ALA D 167 3.91 37.84 -9.82
CA ALA D 167 3.95 36.78 -10.83
C ALA D 167 2.98 37.04 -11.99
N GLU D 168 1.83 37.62 -11.68
CA GLU D 168 0.86 38.03 -12.71
C GLU D 168 1.41 39.18 -13.57
N LEU D 169 1.67 40.31 -12.93
CA LEU D 169 2.16 41.53 -13.59
C LEU D 169 3.43 41.30 -14.45
N ALA D 170 4.32 40.42 -13.99
CA ALA D 170 5.51 40.03 -14.75
C ALA D 170 5.27 38.86 -15.72
N ALA D 171 4.03 38.38 -15.81
CA ALA D 171 3.63 37.30 -16.70
C ALA D 171 4.61 36.10 -16.68
N LEU D 172 4.89 35.57 -15.50
CA LEU D 172 5.83 34.44 -15.35
C LEU D 172 5.23 33.12 -15.79
N SER D 173 6.07 32.25 -16.33
CA SER D 173 5.67 30.89 -16.68
C SER D 173 5.62 30.01 -15.44
N ALA D 174 5.04 28.83 -15.59
CA ALA D 174 5.01 27.84 -14.51
C ALA D 174 6.43 27.51 -14.05
N SER D 175 7.29 27.24 -15.03
CA SER D 175 8.70 26.91 -14.77
C SER D 175 9.39 27.95 -13.90
N ASP D 176 9.26 29.22 -14.27
CA ASP D 176 9.94 30.32 -13.57
C ASP D 176 9.39 30.58 -12.16
N THR D 177 8.07 30.46 -12.00
CA THR D 177 7.44 30.51 -10.69
C THR D 177 7.99 29.41 -9.76
N GLU D 178 7.97 28.15 -10.21
CA GLU D 178 8.57 27.02 -9.46
C GLU D 178 10.02 27.27 -9.01
N GLN D 179 10.82 27.83 -9.91
CA GLN D 179 12.23 28.06 -9.62
C GLN D 179 12.43 29.15 -8.55
N LEU D 180 11.68 30.24 -8.68
CA LEU D 180 11.71 31.29 -7.66
C LEU D 180 11.26 30.75 -6.30
N MET D 181 10.18 29.97 -6.31
CA MET D 181 9.65 29.39 -5.07
C MET D 181 10.65 28.49 -4.38
N GLN D 182 11.34 27.66 -5.18
CA GLN D 182 12.37 26.77 -4.65
C GLN D 182 13.51 27.61 -4.02
N LEU D 183 13.91 28.68 -4.73
CA LEU D 183 14.99 29.56 -4.28
C LEU D 183 14.62 30.37 -3.03
N TYR D 184 13.37 30.81 -2.98
CA TYR D 184 12.81 31.46 -1.80
C TYR D 184 12.81 30.55 -0.59
N ALA D 185 12.28 29.33 -0.75
CA ALA D 185 12.28 28.31 0.32
C ALA D 185 13.65 28.07 0.93
N ASN D 186 14.70 28.15 0.11
CA ASN D 186 16.10 28.00 0.55
C ASN D 186 16.81 29.29 0.93
N LYS D 187 16.14 30.44 0.82
CA LYS D 187 16.76 31.78 0.80
C LYS D 187 18.16 31.80 0.22
N ASN D 188 18.21 31.27 -0.99
CA ASN D 188 19.44 31.22 -1.78
C ASN D 188 19.58 32.55 -2.52
N LEU D 189 20.24 33.53 -1.90
CA LEU D 189 20.32 34.90 -2.44
C LEU D 189 21.18 35.02 -3.71
N PRO D 190 22.39 34.40 -3.73
CA PRO D 190 23.25 34.44 -4.92
C PRO D 190 22.58 33.89 -6.19
N GLU D 191 22.06 32.67 -6.13
CA GLU D 191 21.42 32.07 -7.32
C GLU D 191 20.13 32.80 -7.68
N LEU D 192 19.47 33.37 -6.69
CA LEU D 192 18.26 34.16 -6.94
C LEU D 192 18.59 35.44 -7.69
N LYS D 193 19.68 36.10 -7.28
CA LYS D 193 20.19 37.31 -7.93
C LYS D 193 20.47 37.07 -9.41
N GLN D 194 21.13 35.95 -9.71
CA GLN D 194 21.42 35.54 -11.08
C GLN D 194 20.14 35.36 -11.88
N VAL D 195 19.24 34.52 -11.37
CA VAL D 195 17.97 34.21 -12.06
C VAL D 195 17.11 35.46 -12.27
N CYS D 196 17.17 36.39 -11.32
CA CYS D 196 16.41 37.63 -11.39
C CYS D 196 16.93 38.68 -12.38
N GLN D 197 18.22 38.63 -12.72
CA GLN D 197 18.77 39.53 -13.77
C GLN D 197 18.14 39.30 -15.13
N VAL D 198 17.77 38.06 -15.40
CA VAL D 198 17.19 37.62 -16.68
C VAL D 198 15.67 37.41 -16.65
N LEU D 199 14.97 37.87 -15.62
CA LEU D 199 13.50 37.73 -15.53
C LEU D 199 12.82 39.09 -15.63
N PRO D 200 11.60 39.13 -16.19
CA PRO D 200 10.85 40.39 -16.18
C PRO D 200 10.47 40.80 -14.76
N MET D 201 10.65 42.08 -14.42
CA MET D 201 10.47 42.62 -13.06
C MET D 201 11.32 41.89 -12.00
N GLY D 202 12.40 41.23 -12.43
CA GLY D 202 13.21 40.36 -11.57
C GLY D 202 13.77 41.10 -10.38
N SER D 203 13.95 42.40 -10.53
CA SER D 203 14.33 43.29 -9.45
C SER D 203 13.35 43.23 -8.26
N ASP D 204 12.05 43.19 -8.54
CA ASP D 204 11.05 43.08 -7.48
C ASP D 204 11.09 41.73 -6.77
N PHE D 205 11.22 40.64 -7.53
CA PHE D 205 11.34 39.32 -6.94
C PHE D 205 12.57 39.20 -6.03
N TYR D 206 13.67 39.85 -6.41
CA TYR D 206 14.88 39.85 -5.58
C TYR D 206 14.64 40.65 -4.31
N THR D 207 13.96 41.79 -4.44
CA THR D 207 13.63 42.66 -3.31
C THR D 207 12.81 41.96 -2.23
N LEU D 208 11.83 41.14 -2.64
CA LEU D 208 11.05 40.34 -1.70
C LEU D 208 11.93 39.52 -0.78
N ALA D 209 12.91 38.82 -1.34
CA ALA D 209 13.79 37.96 -0.55
C ALA D 209 14.82 38.72 0.28
N ARG D 210 15.29 39.84 -0.26
CA ARG D 210 16.37 40.60 0.35
C ARG D 210 15.86 41.64 1.35
N PHE D 211 14.74 42.28 1.05
CA PHE D 211 14.18 43.37 1.89
C PHE D 211 12.72 43.15 2.37
N GLY D 212 12.17 41.94 2.17
CA GLY D 212 10.79 41.62 2.60
C GLY D 212 10.56 41.72 4.11
N HIS D 213 11.58 41.34 4.89
CA HIS D 213 11.54 41.49 6.33
C HIS D 213 11.25 42.90 6.87
N ASP D 214 11.62 43.93 6.11
CA ASP D 214 11.41 45.33 6.51
C ASP D 214 10.14 45.85 5.84
N ILE D 215 9.01 45.50 6.44
CA ILE D 215 7.69 45.72 5.82
C ILE D 215 7.29 47.20 5.74
N ALA D 216 7.85 48.02 6.63
CA ALA D 216 7.63 49.48 6.62
C ALA D 216 8.09 50.15 5.32
N ASN D 217 9.14 49.60 4.71
CA ASN D 217 9.77 50.14 3.49
C ASN D 217 9.66 49.26 2.26
N LEU D 218 9.05 48.09 2.38
CA LEU D 218 8.93 47.21 1.22
C LEU D 218 8.21 47.86 0.03
N LEU D 219 7.13 48.61 0.27
CA LEU D 219 6.37 49.22 -0.84
C LEU D 219 7.26 50.16 -1.66
N GLY D 220 7.96 51.06 -0.97
CA GLY D 220 8.90 52.00 -1.58
C GLY D 220 10.11 51.44 -2.32
N ARG D 221 10.49 50.19 -2.04
CA ARG D 221 11.54 49.50 -2.80
C ARG D 221 11.03 48.80 -4.06
N LEU D 222 9.72 48.70 -4.20
CA LEU D 222 9.16 47.98 -5.33
C LEU D 222 9.04 48.87 -6.54
N SER D 223 8.94 48.23 -7.70
CA SER D 223 8.81 48.93 -8.99
C SER D 223 7.53 49.77 -9.05
N GLU D 224 7.46 50.64 -10.05
CA GLU D 224 6.30 51.52 -10.25
C GLU D 224 5.04 50.71 -10.53
N ASN D 225 5.16 49.73 -11.42
CA ASN D 225 4.03 48.83 -11.73
C ASN D 225 3.54 48.05 -10.48
N ALA D 226 4.47 47.62 -9.64
CA ALA D 226 4.13 46.96 -8.39
C ALA D 226 3.44 47.94 -7.44
N GLN D 227 4.04 49.10 -7.23
CA GLN D 227 3.49 50.15 -6.34
C GLN D 227 2.09 50.64 -6.70
N GLN D 228 1.72 50.51 -7.98
CA GLN D 228 0.38 50.93 -8.45
C GLN D 228 -0.65 49.80 -8.46
N ASP D 229 -0.23 48.59 -8.10
CA ASP D 229 -1.16 47.46 -7.91
C ASP D 229 -1.82 47.57 -6.53
N THR D 230 -3.15 47.73 -6.52
CA THR D 230 -3.92 47.87 -5.27
C THR D 230 -3.80 46.65 -4.35
N LYS D 231 -3.83 45.46 -4.94
CA LYS D 231 -3.71 44.21 -4.18
C LYS D 231 -2.37 44.10 -3.46
N ILE D 232 -1.30 44.46 -4.15
CA ILE D 232 0.02 44.53 -3.50
C ILE D 232 0.00 45.54 -2.36
N VAL D 233 -0.62 46.70 -2.57
CA VAL D 233 -0.65 47.76 -1.55
C VAL D 233 -1.43 47.31 -0.32
N THR D 234 -2.61 46.73 -0.56
CA THR D 234 -3.49 46.24 0.50
C THR D 234 -2.81 45.13 1.32
N ALA D 235 -2.20 44.17 0.62
CA ALA D 235 -1.50 43.06 1.27
C ALA D 235 -0.43 43.60 2.23
N ILE D 236 0.42 44.49 1.74
CA ILE D 236 1.47 45.10 2.57
C ILE D 236 0.81 45.87 3.73
N ASP D 237 -0.33 46.50 3.47
CA ASP D 237 -1.05 47.19 4.55
C ASP D 237 -1.56 46.23 5.62
N GLU D 238 -2.14 45.10 5.19
CA GLU D 238 -2.59 44.02 6.11
C GLU D 238 -1.47 43.54 7.00
N LEU D 239 -0.32 43.22 6.41
CA LEU D 239 0.86 42.83 7.20
C LEU D 239 1.23 43.84 8.28
N GLN D 240 1.21 45.11 7.93
CA GLN D 240 1.53 46.16 8.88
C GLN D 240 0.54 46.25 10.03
N ARG D 241 -0.74 46.03 9.74
CA ARG D 241 -1.79 46.05 10.77
C ARG D 241 -1.65 44.88 11.73
N LEU D 242 -1.52 43.67 11.21
CA LEU D 242 -1.32 42.48 12.06
C LEU D 242 -0.08 42.58 12.92
N LYS D 243 1.01 43.06 12.34
CA LYS D 243 2.27 43.21 13.04
C LYS D 243 2.09 44.15 14.25
N ALA D 244 1.48 45.29 13.99
CA ALA D 244 1.24 46.31 15.01
C ALA D 244 0.31 45.75 16.10
N HIS D 245 -0.79 45.14 15.68
CA HIS D 245 -1.72 44.51 16.59
C HIS D 245 -1.03 43.50 17.51
N LEU D 246 -0.23 42.63 16.94
CA LEU D 246 0.52 41.66 17.74
C LEU D 246 1.51 42.27 18.75
N GLN D 247 2.22 43.30 18.34
CA GLN D 247 3.18 44.00 19.21
C GLN D 247 2.47 44.80 20.31
N VAL D 248 1.53 45.64 19.92
CA VAL D 248 0.72 46.45 20.86
C VAL D 248 -0.09 45.57 21.83
N GLN D 249 -1.08 44.86 21.30
CA GLN D 249 -2.00 44.07 22.13
C GLN D 249 -1.35 42.93 22.91
N TRP D 250 -0.36 42.26 22.32
CA TRP D 250 0.17 41.00 22.89
C TRP D 250 1.67 41.00 23.20
N GLN D 251 2.39 42.08 22.94
CA GLN D 251 3.85 42.13 23.14
C GLN D 251 4.53 40.94 22.45
N CYS D 252 4.18 40.70 21.19
CA CYS D 252 4.72 39.59 20.43
C CYS D 252 5.85 40.06 19.52
N ALA D 253 6.94 39.30 19.60
CA ALA D 253 8.04 39.37 18.61
C ALA D 253 7.52 38.90 17.25
N VAL D 254 7.48 39.81 16.27
CA VAL D 254 7.04 39.49 14.89
C VAL D 254 8.15 39.68 13.85
N SER D 255 8.41 38.66 13.06
CA SER D 255 9.24 38.79 11.88
C SER D 255 8.33 38.68 10.66
N ILE D 256 8.77 39.25 9.54
CA ILE D 256 8.02 39.24 8.29
C ILE D 256 8.88 38.47 7.31
N ASP D 257 8.26 37.59 6.53
CA ASP D 257 8.89 36.96 5.39
C ASP D 257 7.82 36.79 4.33
N VAL D 258 7.81 37.73 3.38
CA VAL D 258 6.83 37.70 2.28
C VAL D 258 7.14 36.66 1.22
N THR D 259 8.28 35.98 1.35
CA THR D 259 8.62 34.85 0.49
C THR D 259 8.25 33.50 1.09
N GLU D 260 7.59 33.49 2.25
CA GLU D 260 7.04 32.27 2.84
C GLU D 260 5.85 31.85 1.98
N LEU D 261 6.04 30.81 1.17
CA LEU D 261 5.03 30.35 0.20
C LEU D 261 4.83 28.82 0.27
N SER D 262 5.03 28.18 1.43
CA SER D 262 4.42 26.86 1.70
C SER D 262 2.91 27.00 1.49
N GLY D 263 2.27 25.99 0.95
CA GLY D 263 0.85 26.08 0.65
C GLY D 263 0.46 27.29 -0.19
N TYR D 264 1.27 27.54 -1.22
CA TYR D 264 0.95 28.51 -2.27
C TYR D 264 -0.42 28.14 -2.86
N HIS D 265 -0.69 26.83 -2.96
CA HIS D 265 -1.95 26.27 -3.42
C HIS D 265 -3.17 26.72 -2.60
N TYR D 266 -3.16 26.44 -1.29
CA TYR D 266 -4.37 26.65 -0.47
C TYR D 266 -4.48 28.08 0.09
N HIS D 267 -3.35 28.71 0.42
CA HIS D 267 -3.41 30.06 0.94
C HIS D 267 -3.72 31.07 -0.15
N THR D 268 -4.54 32.07 0.21
CA THR D 268 -4.99 33.11 -0.69
C THR D 268 -4.67 34.51 -0.18
N GLY D 269 -3.84 34.62 0.85
CA GLY D 269 -3.55 35.94 1.40
C GLY D 269 -2.58 35.85 2.55
N ILE D 270 -2.91 36.53 3.63
CA ILE D 270 -2.06 36.57 4.81
C ILE D 270 -1.80 35.14 5.37
N VAL D 271 -0.59 34.90 5.87
CA VAL D 271 -0.25 33.65 6.52
C VAL D 271 0.51 33.88 7.83
N PHE D 272 0.33 32.95 8.77
CA PHE D 272 0.87 33.03 10.11
C PHE D 272 1.58 31.69 10.41
N ASN D 273 2.74 31.80 11.05
CA ASN D 273 3.50 30.67 11.51
C ASN D 273 4.03 31.02 12.88
N GLY D 274 3.62 30.26 13.88
CA GLY D 274 4.03 30.46 15.25
C GLY D 274 5.04 29.40 15.62
N TYR D 275 6.21 29.82 16.07
CA TYR D 275 7.28 28.91 16.44
C TYR D 275 7.41 28.95 17.95
N ILE D 276 7.61 27.78 18.56
CA ILE D 276 7.76 27.68 20.00
C ILE D 276 9.27 27.59 20.28
N ASN D 277 9.76 28.53 21.09
CA ASN D 277 11.20 28.69 21.32
C ASN D 277 11.99 28.67 20.00
N SER D 278 12.89 27.71 19.82
CA SER D 278 13.69 27.66 18.59
C SER D 278 13.45 26.36 17.81
N GLU D 279 12.25 25.80 17.98
CA GLU D 279 11.88 24.56 17.32
C GLU D 279 11.66 24.85 15.83
N THR D 280 12.20 24.00 15.00
CA THR D 280 12.26 24.18 13.57
C THR D 280 10.88 24.21 12.95
N GLN D 281 10.03 23.24 13.30
CA GLN D 281 8.69 23.17 12.73
C GLN D 281 7.74 24.06 13.54
N PRO D 282 6.94 24.89 12.86
CA PRO D 282 5.96 25.74 13.55
C PRO D 282 4.99 24.94 14.41
N LEU D 283 4.71 25.45 15.61
CA LEU D 283 3.65 24.94 16.46
C LEU D 283 2.28 25.27 15.87
N VAL D 284 2.13 26.48 15.37
CA VAL D 284 0.85 26.94 14.88
C VAL D 284 1.01 27.39 13.44
N ARG D 285 0.13 26.94 12.56
CA ARG D 285 0.10 27.35 11.18
C ARG D 285 -1.26 27.90 10.90
N GLY D 286 -1.32 29.05 10.26
CA GLY D 286 -2.60 29.72 10.01
C GLY D 286 -2.53 30.59 8.77
N GLY D 287 -3.70 30.98 8.28
CA GLY D 287 -3.78 31.85 7.14
C GLY D 287 -5.13 31.95 6.51
N ARG D 288 -5.27 32.94 5.64
CA ARG D 288 -6.44 33.07 4.76
C ARG D 288 -6.48 31.97 3.74
N PHE D 289 -7.68 31.51 3.42
CA PHE D 289 -7.87 30.47 2.41
C PHE D 289 -9.26 30.62 1.80
N ASP D 290 -9.65 29.64 1.00
CA ASP D 290 -10.83 29.75 0.15
C ASP D 290 -11.92 28.79 0.64
N GLY D 291 -13.17 29.28 0.73
CA GLY D 291 -14.35 28.44 1.04
C GLY D 291 -15.24 28.10 -0.17
N PRO D 302 -18.63 31.60 -3.64
CA PRO D 302 -17.42 32.42 -3.42
C PRO D 302 -17.27 32.90 -1.95
N ARG D 303 -16.65 32.05 -1.11
CA ARG D 303 -16.69 32.20 0.36
C ARG D 303 -15.34 32.47 1.04
N GLN D 304 -15.32 33.53 1.83
CA GLN D 304 -14.13 33.91 2.59
C GLN D 304 -13.86 32.95 3.75
N ALA D 305 -12.60 32.75 4.09
CA ALA D 305 -12.22 31.85 5.19
C ALA D 305 -10.84 32.13 5.72
N THR D 306 -10.68 32.07 7.03
CA THR D 306 -9.36 32.15 7.65
C THR D 306 -9.35 31.26 8.91
N GLY D 307 -8.18 30.79 9.30
CA GLY D 307 -8.07 29.90 10.44
C GLY D 307 -6.66 29.54 10.84
N PHE D 308 -6.54 28.72 11.91
CA PHE D 308 -5.27 28.15 12.32
C PHE D 308 -5.44 26.72 12.84
N SER D 309 -4.33 26.01 12.97
CA SER D 309 -4.32 24.72 13.62
C SER D 309 -2.99 24.45 14.27
N MET D 310 -2.97 23.47 15.17
CA MET D 310 -1.76 23.10 15.91
C MET D 310 -1.82 21.66 16.35
N ASP D 311 -0.66 21.05 16.54
CA ASP D 311 -0.54 19.75 17.14
C ASP D 311 -0.50 19.91 18.67
N VAL D 312 -1.59 19.50 19.31
CA VAL D 312 -1.70 19.58 20.75
C VAL D 312 -0.55 18.85 21.42
N SER D 313 -0.15 17.72 20.86
CA SER D 313 0.93 16.92 21.45
C SER D 313 2.25 17.67 21.61
N ARG D 314 2.50 18.64 20.73
CA ARG D 314 3.71 19.45 20.87
C ARG D 314 3.70 20.44 22.02
N LEU D 315 2.53 20.68 22.63
CA LEU D 315 2.47 21.45 23.86
C LEU D 315 2.94 20.72 25.11
N LEU D 316 3.01 19.38 25.04
CA LEU D 316 3.25 18.58 26.26
C LEU D 316 4.57 18.90 26.94
N ALA D 317 5.60 19.10 26.14
CA ALA D 317 6.92 19.42 26.68
C ALA D 317 7.00 20.79 27.35
N HIS D 318 6.05 21.69 27.07
CA HIS D 318 6.10 23.05 27.53
C HIS D 318 5.01 23.43 28.55
N THR D 319 4.26 22.43 29.02
CA THR D 319 3.13 22.65 29.91
C THR D 319 3.26 21.75 31.11
N GLN D 320 2.67 22.17 32.22
CA GLN D 320 2.82 21.50 33.51
C GLN D 320 1.47 21.43 34.19
N LEU D 321 1.14 20.30 34.79
CA LEU D 321 0.01 20.23 35.71
C LEU D 321 0.51 20.04 37.11
N ASP D 322 -0.35 20.36 38.07
CA ASP D 322 -0.06 20.07 39.47
C ASP D 322 0.16 18.59 39.66
N ALA D 323 0.96 18.25 40.65
CA ALA D 323 1.15 16.87 41.06
C ALA D 323 -0.23 16.25 41.33
N PRO D 324 -0.46 15.03 40.85
CA PRO D 324 -1.71 14.36 41.19
C PRO D 324 -1.64 13.72 42.57
N PHE D 325 -2.80 13.58 43.19
CA PHE D 325 -2.93 12.90 44.48
C PHE D 325 -3.40 11.46 44.24
N ILE D 326 -2.51 10.52 44.47
CA ILE D 326 -2.75 9.13 44.17
C ILE D 326 -2.85 8.40 45.50
N VAL D 327 -4.05 7.87 45.78
CA VAL D 327 -4.44 7.30 47.05
C VAL D 327 -4.66 5.78 46.95
N LEU D 328 -4.13 5.04 47.92
CA LEU D 328 -4.40 3.61 48.06
C LEU D 328 -5.16 3.35 49.35
N ILE D 329 -6.28 2.65 49.26
CA ILE D 329 -6.99 2.23 50.44
C ILE D 329 -6.22 1.04 51.03
N ASP D 330 -6.11 0.99 52.36
CA ASP D 330 -5.44 -0.11 53.08
C ASP D 330 -6.25 -1.40 52.91
N TYR D 331 -5.59 -2.43 52.38
CA TYR D 331 -6.26 -3.69 52.03
C TYR D 331 -6.89 -4.40 53.24
N ASP D 332 -6.06 -4.66 54.27
CA ASP D 332 -6.49 -5.44 55.44
C ASP D 332 -7.64 -4.75 56.19
N ALA D 333 -7.43 -3.48 56.54
CA ALA D 333 -8.47 -2.68 57.18
C ALA D 333 -9.82 -2.70 56.43
N PHE D 334 -9.77 -2.58 55.11
CA PHE D 334 -11.00 -2.58 54.30
C PHE D 334 -11.74 -3.93 54.38
N ASN D 335 -11.00 -5.02 54.23
CA ASN D 335 -11.62 -6.36 54.28
C ASN D 335 -12.13 -6.78 55.66
N ASN D 336 -11.66 -6.11 56.70
CA ASN D 336 -12.19 -6.28 58.07
C ASN D 336 -13.49 -5.55 58.32
N LEU D 337 -13.96 -4.74 57.38
CA LEU D 337 -15.18 -3.95 57.59
C LEU D 337 -16.43 -4.79 57.39
N ASP D 338 -17.47 -4.45 58.16
CA ASP D 338 -18.80 -5.00 57.93
C ASP D 338 -19.42 -4.28 56.74
N SER D 339 -20.51 -4.82 56.22
CA SER D 339 -21.17 -4.29 55.03
C SER D 339 -21.51 -2.79 55.14
N ALA D 340 -22.03 -2.36 56.29
CA ALA D 340 -22.43 -0.96 56.49
C ALA D 340 -21.23 0.00 56.61
N GLN D 341 -20.14 -0.49 57.21
CA GLN D 341 -18.88 0.23 57.21
C GLN D 341 -18.30 0.39 55.80
N ARG D 342 -18.43 -0.65 54.97
CA ARG D 342 -17.97 -0.57 53.59
C ARG D 342 -18.71 0.51 52.84
N GLN D 343 -20.03 0.54 52.99
CA GLN D 343 -20.85 1.51 52.28
C GLN D 343 -20.48 2.94 52.64
N LEU D 344 -20.11 3.18 53.90
CA LEU D 344 -19.69 4.50 54.32
C LEU D 344 -18.33 4.85 53.76
N LEU D 345 -17.41 3.91 53.75
CA LEU D 345 -16.11 4.15 53.14
C LEU D 345 -16.24 4.49 51.64
N LEU D 346 -17.09 3.74 50.93
CA LEU D 346 -17.26 3.95 49.51
C LEU D 346 -17.83 5.33 49.23
N GLN D 347 -18.72 5.80 50.10
CA GLN D 347 -19.26 7.16 50.02
C GLN D 347 -18.15 8.20 50.18
N GLN D 348 -17.26 7.94 51.14
CA GLN D 348 -16.10 8.79 51.38
C GLN D 348 -15.13 8.77 50.18
N VAL D 349 -14.93 7.60 49.61
CA VAL D 349 -14.05 7.44 48.44
C VAL D 349 -14.63 8.17 47.23
N ALA D 350 -15.93 8.00 47.01
CA ALA D 350 -16.66 8.75 45.97
C ALA D 350 -16.48 10.26 46.09
N SER D 351 -16.48 10.77 47.31
CA SER D 351 -16.30 12.19 47.57
C SER D 351 -14.88 12.61 47.22
N LEU D 352 -13.89 11.83 47.63
CA LEU D 352 -12.50 12.09 47.28
C LEU D 352 -12.29 12.12 45.76
N ARG D 353 -12.92 11.18 45.08
CA ARG D 353 -12.84 11.11 43.62
C ARG D 353 -13.48 12.29 42.91
N GLN D 354 -14.57 12.79 43.48
CA GLN D 354 -15.25 13.99 42.99
C GLN D 354 -14.34 15.22 43.07
N GLN D 355 -13.49 15.26 44.11
CA GLN D 355 -12.50 16.32 44.26
C GLN D 355 -11.24 16.07 43.42
N GLY D 356 -11.17 14.96 42.67
CA GLY D 356 -10.05 14.67 41.78
C GLY D 356 -8.92 13.81 42.33
N TYR D 357 -9.10 13.26 43.54
CA TYR D 357 -8.18 12.25 44.07
C TYR D 357 -8.29 10.98 43.26
N ARG D 358 -7.14 10.39 42.95
CA ARG D 358 -7.12 9.12 42.26
C ARG D 358 -7.04 7.99 43.26
N VAL D 359 -8.18 7.37 43.54
CA VAL D 359 -8.29 6.35 44.58
C VAL D 359 -8.38 4.92 44.04
N THR D 360 -7.41 4.09 44.41
CA THR D 360 -7.37 2.68 44.06
C THR D 360 -7.92 1.85 45.22
N MET D 361 -8.88 0.98 44.89
CA MET D 361 -9.41 -0.01 45.82
C MET D 361 -8.65 -1.30 45.55
N PRO D 362 -7.80 -1.72 46.50
CA PRO D 362 -6.82 -2.80 46.24
C PRO D 362 -7.45 -4.17 46.07
N LEU D 363 -6.97 -4.93 45.09
CA LEU D 363 -7.41 -6.31 44.85
C LEU D 363 -6.66 -7.29 45.75
N THR D 364 -5.46 -6.90 46.16
CA THR D 364 -4.60 -7.68 47.06
C THR D 364 -3.82 -6.73 47.95
N ALA D 365 -3.16 -7.33 48.93
CA ALA D 365 -2.27 -6.60 49.84
C ALA D 365 -1.05 -6.01 49.14
N GLU D 366 -0.66 -6.55 47.99
CA GLU D 366 0.51 -6.04 47.22
C GLU D 366 0.10 -5.03 46.14
N ASP D 367 -1.20 -4.83 45.92
CA ASP D 367 -1.74 -3.91 44.91
C ASP D 367 -1.31 -2.46 45.21
N MET D 368 -0.44 -1.95 44.35
CA MET D 368 0.26 -0.72 44.57
C MET D 368 0.11 0.20 43.37
N PRO D 369 -0.63 1.33 43.50
CA PRO D 369 -0.71 2.30 42.40
C PRO D 369 0.63 2.91 42.07
N VAL D 370 0.88 3.15 40.79
CA VAL D 370 2.10 3.84 40.36
C VAL D 370 2.02 5.27 40.90
N GLY D 371 3.15 5.80 41.36
CA GLY D 371 3.21 7.21 41.81
C GLY D 371 2.46 7.51 43.10
N LEU D 372 2.26 6.48 43.93
CA LEU D 372 1.50 6.58 45.18
C LEU D 372 1.96 7.76 46.03
N THR D 373 1.01 8.56 46.51
CA THR D 373 1.29 9.69 47.36
C THR D 373 0.65 9.65 48.74
N HIS D 374 -0.49 8.99 48.87
CA HIS D 374 -1.20 8.89 50.16
C HIS D 374 -1.85 7.53 50.35
N ARG D 375 -2.01 7.12 51.61
CA ARG D 375 -2.83 5.98 51.99
C ARG D 375 -4.08 6.50 52.66
N LEU D 376 -5.20 5.83 52.45
CA LEU D 376 -6.40 6.09 53.21
C LEU D 376 -6.42 4.98 54.23
N SER D 377 -6.28 5.34 55.51
CA SER D 377 -6.09 4.35 56.60
C SER D 377 -7.10 4.48 57.71
N LEU D 378 -7.26 3.43 58.48
CA LEU D 378 -8.23 3.33 59.56
C LEU D 378 -7.54 3.47 60.92
N ALA D 379 -7.95 4.48 61.68
CA ALA D 379 -7.44 4.75 63.01
C ALA D 379 -8.57 5.38 63.81
N ASP D 380 -8.81 4.85 65.00
CA ASP D 380 -9.85 5.37 65.92
C ASP D 380 -11.23 5.42 65.26
N ASN D 381 -11.65 4.33 64.61
CA ASN D 381 -12.91 4.25 63.86
C ASN D 381 -13.16 5.38 62.84
N GLN D 382 -12.09 5.81 62.17
CA GLN D 382 -12.14 6.91 61.23
C GLN D 382 -11.11 6.72 60.11
N TRP D 383 -11.51 6.95 58.86
CA TRP D 383 -10.62 6.82 57.70
C TRP D 383 -10.02 8.18 57.38
N ARG D 384 -8.69 8.25 57.26
CA ARG D 384 -8.01 9.52 56.96
C ARG D 384 -6.81 9.35 56.02
N LEU D 385 -6.53 10.38 55.24
CA LEU D 385 -5.36 10.38 54.34
C LEU D 385 -4.10 10.70 55.10
N HIS D 386 -3.01 9.96 54.84
CA HIS D 386 -1.67 10.37 55.29
C HIS D 386 -0.67 10.11 54.19
N ALA D 387 0.25 11.04 53.96
CA ALA D 387 1.29 10.89 52.94
C ALA D 387 2.23 9.74 53.27
N VAL D 388 2.95 9.23 52.27
CA VAL D 388 3.68 7.96 52.41
C VAL D 388 5.11 8.12 52.90
N PHE E 22 22.71 30.44 26.53
CA PHE E 22 23.36 31.44 25.63
C PHE E 22 22.35 32.08 24.68
N LEU E 23 22.19 33.40 24.81
CA LEU E 23 21.16 34.14 24.10
C LEU E 23 21.68 34.80 22.82
N GLY E 24 23.00 34.79 22.61
CA GLY E 24 23.60 35.36 21.42
C GLY E 24 23.60 34.46 20.19
N LEU E 25 24.52 34.75 19.26
CA LEU E 25 24.67 33.96 18.05
C LEU E 25 25.81 32.96 18.19
N THR E 26 25.57 31.75 17.72
CA THR E 26 26.61 30.72 17.62
C THR E 26 27.00 30.55 16.14
N LEU E 27 28.29 30.70 15.85
CA LEU E 27 28.81 30.68 14.48
C LEU E 27 29.65 29.43 14.26
N ALA E 28 29.29 28.66 13.24
CA ALA E 28 30.01 27.42 12.93
C ALA E 28 31.02 27.67 11.82
N LEU E 29 32.29 27.38 12.11
CA LEU E 29 33.34 27.50 11.09
C LEU E 29 33.98 26.14 10.76
N SER E 30 34.37 25.98 9.49
CA SER E 30 35.13 24.83 9.02
C SER E 30 36.60 24.95 9.49
N LYS E 31 37.24 23.80 9.65
CA LYS E 31 38.61 23.72 10.09
C LYS E 31 39.45 24.09 8.87
N GLY E 32 40.67 24.47 9.14
CA GLY E 32 41.71 24.58 8.06
C GLY E 32 41.76 25.87 7.25
N ARG E 33 41.59 25.75 5.94
CA ARG E 33 41.75 26.91 5.03
C ARG E 33 40.63 27.94 5.15
N ILE E 34 39.39 27.45 5.30
CA ILE E 34 38.23 28.34 5.47
C ILE E 34 38.47 29.27 6.66
N LEU E 35 38.90 28.70 7.79
CA LEU E 35 39.19 29.47 9.01
C LEU E 35 40.18 30.65 8.74
N GLU E 36 41.25 30.37 8.01
CA GLU E 36 42.24 31.39 7.65
C GLU E 36 41.57 32.54 6.87
N GLU E 37 40.89 32.19 5.77
CA GLU E 37 40.27 33.19 4.88
C GLU E 37 39.07 33.92 5.47
N THR E 38 38.41 33.33 6.47
CA THR E 38 37.25 33.92 7.17
C THR E 38 37.62 34.91 8.28
N MET E 39 38.75 34.69 8.95
CA MET E 39 39.23 35.58 10.06
C MET E 39 39.18 37.09 9.73
N PRO E 40 39.65 37.51 8.54
CA PRO E 40 39.48 38.90 8.07
C PRO E 40 38.04 39.44 8.11
N LEU E 41 37.12 38.68 7.53
CA LEU E 41 35.68 39.05 7.50
C LEU E 41 35.12 39.22 8.91
N LEU E 42 35.53 38.31 9.82
CA LEU E 42 35.11 38.34 11.21
C LEU E 42 35.63 39.57 11.95
N ARG E 43 36.92 39.86 11.76
CA ARG E 43 37.54 41.05 12.36
C ARG E 43 36.86 42.35 11.92
N ALA E 44 36.51 42.44 10.64
CA ALA E 44 35.79 43.58 10.09
C ALA E 44 34.39 43.75 10.67
N ALA E 45 33.74 42.65 11.03
CA ALA E 45 32.41 42.67 11.68
C ALA E 45 32.43 42.71 13.21
N GLY E 46 33.63 42.79 13.80
CA GLY E 46 33.79 42.95 15.25
C GLY E 46 33.84 41.65 16.03
N VAL E 47 34.25 40.56 15.38
CA VAL E 47 34.13 39.20 15.93
C VAL E 47 35.45 38.41 15.78
N GLU E 48 36.53 38.96 16.31
CA GLU E 48 37.83 38.25 16.32
C GLU E 48 37.81 37.18 17.42
N LEU E 49 38.43 36.04 17.17
CA LEU E 49 38.71 35.06 18.23
C LEU E 49 39.64 35.66 19.27
N LEU E 50 39.45 35.30 20.54
CA LEU E 50 40.36 35.74 21.60
C LEU E 50 41.68 34.95 21.62
N GLU E 51 41.71 33.76 21.02
CA GLU E 51 42.91 32.90 21.07
C GLU E 51 43.04 32.00 19.83
N ASP E 52 44.21 31.37 19.71
CA ASP E 52 44.51 30.45 18.61
C ASP E 52 43.81 29.10 18.85
N PRO E 53 42.97 28.64 17.90
CA PRO E 53 42.33 27.33 18.04
C PRO E 53 43.27 26.12 17.93
N GLU E 54 44.25 26.20 17.01
CA GLU E 54 45.27 25.13 16.79
C GLU E 54 45.99 24.67 18.05
N ALA E 55 46.35 25.63 18.92
CA ALA E 55 47.04 25.37 20.18
C ALA E 55 46.09 25.40 21.39
N SER E 56 44.89 24.85 21.23
CA SER E 56 43.84 24.90 22.26
C SER E 56 43.04 23.60 22.32
N ARG E 57 42.85 23.08 23.52
CA ARG E 57 42.04 21.89 23.78
C ARG E 57 40.60 22.35 24.12
N LYS E 58 40.01 23.17 23.25
CA LYS E 58 38.74 23.84 23.52
C LYS E 58 37.79 23.73 22.32
N LEU E 59 36.49 23.63 22.60
CA LEU E 59 35.45 23.33 21.60
C LEU E 59 34.57 24.55 21.26
N ILE E 60 34.17 25.30 22.29
CA ILE E 60 33.40 26.52 22.14
C ILE E 60 34.33 27.72 22.41
N PHE E 61 34.50 28.61 21.42
CA PHE E 61 35.41 29.76 21.52
C PHE E 61 34.65 31.08 21.66
N PRO E 62 35.00 31.90 22.67
CA PRO E 62 34.39 33.24 22.77
C PRO E 62 35.08 34.21 21.81
N THR E 63 34.43 35.34 21.56
CA THR E 63 34.96 36.39 20.67
C THR E 63 35.00 37.76 21.36
N SER E 64 35.56 38.76 20.68
CA SER E 64 35.62 40.14 21.18
C SER E 64 34.24 40.76 21.36
N ASN E 65 33.29 40.30 20.55
CA ASN E 65 31.86 40.52 20.76
C ASN E 65 31.37 39.47 21.73
N PRO E 66 30.75 39.88 22.86
CA PRO E 66 30.26 38.88 23.83
C PRO E 66 28.94 38.20 23.43
N ASN E 67 28.25 38.72 22.41
CA ASN E 67 27.04 38.07 21.86
C ASN E 67 27.33 36.99 20.81
N VAL E 68 28.60 36.74 20.49
CA VAL E 68 28.96 35.77 19.47
C VAL E 68 30.01 34.82 20.03
N ARG E 69 29.78 33.52 19.85
CA ARG E 69 30.79 32.49 20.12
C ARG E 69 30.96 31.69 18.84
N VAL E 70 32.08 30.98 18.67
CA VAL E 70 32.26 30.15 17.47
C VAL E 70 32.53 28.68 17.79
N LEU E 71 32.08 27.82 16.87
CA LEU E 71 32.38 26.39 16.89
C LEU E 71 33.30 26.08 15.71
N ILE E 72 34.32 25.25 15.98
CA ILE E 72 35.28 24.82 14.96
C ILE E 72 34.99 23.35 14.69
N LEU E 73 34.42 23.09 13.52
CA LEU E 73 33.90 21.77 13.14
C LEU E 73 34.59 21.24 11.90
N ARG E 74 34.50 19.94 11.67
CA ARG E 74 34.80 19.41 10.33
C ARG E 74 33.77 20.05 9.38
N ALA E 75 34.22 20.43 8.18
CA ALA E 75 33.39 21.12 7.21
C ALA E 75 32.05 20.46 6.92
N SER E 76 32.03 19.14 6.82
CA SER E 76 30.78 18.40 6.52
C SER E 76 29.72 18.46 7.62
N ASP E 77 30.14 18.77 8.86
CA ASP E 77 29.23 18.99 9.99
C ASP E 77 28.61 20.38 10.10
N VAL E 78 29.16 21.36 9.38
CA VAL E 78 28.64 22.73 9.45
C VAL E 78 27.14 22.80 9.12
N PRO E 79 26.71 22.27 7.95
CA PRO E 79 25.27 22.33 7.64
C PRO E 79 24.39 21.61 8.67
N THR E 80 24.91 20.54 9.27
CA THR E 80 24.19 19.76 10.27
C THR E 80 23.93 20.63 11.52
N TYR E 81 24.99 21.23 12.09
CA TYR E 81 24.83 22.09 13.25
C TYR E 81 23.90 23.27 12.99
N VAL E 82 23.99 23.85 11.79
CA VAL E 82 23.18 25.02 11.45
C VAL E 82 21.71 24.65 11.26
N GLU E 83 21.40 23.67 10.43
CA GLU E 83 19.97 23.33 10.18
C GLU E 83 19.20 22.89 11.45
N HIS E 84 19.87 22.18 12.36
CA HIS E 84 19.30 21.75 13.66
C HIS E 84 19.31 22.87 14.73
N GLY E 85 19.89 24.03 14.42
CA GLY E 85 19.88 25.18 15.32
C GLY E 85 20.91 25.15 16.45
N ALA E 86 21.81 24.18 16.46
CA ALA E 86 22.94 24.16 17.41
C ALA E 86 23.98 25.24 17.10
N ALA E 87 23.94 25.76 15.88
CA ALA E 87 24.59 27.01 15.53
C ALA E 87 23.60 27.81 14.72
N ASP E 88 23.59 29.11 14.90
CA ASP E 88 22.61 29.99 14.24
C ASP E 88 23.02 30.29 12.81
N PHE E 89 24.33 30.30 12.56
CA PHE E 89 24.86 30.54 11.22
C PHE E 89 26.24 29.92 11.08
N GLY E 90 26.69 29.76 9.83
CA GLY E 90 27.96 29.10 9.58
C GLY E 90 28.59 29.42 8.23
N VAL E 91 29.86 29.06 8.11
CA VAL E 91 30.58 29.18 6.84
C VAL E 91 30.87 27.77 6.33
N ALA E 92 30.38 27.47 5.12
CA ALA E 92 30.48 26.14 4.55
C ALA E 92 30.74 26.24 3.07
N GLY E 93 31.56 25.32 2.55
CA GLY E 93 31.77 25.20 1.12
C GLY E 93 30.49 24.75 0.43
N LYS E 94 30.29 25.26 -0.79
CA LYS E 94 29.15 24.89 -1.60
C LYS E 94 29.19 23.41 -2.01
N ASP E 95 30.40 22.84 -2.06
CA ASP E 95 30.56 21.40 -2.24
C ASP E 95 29.90 20.62 -1.11
N VAL E 96 30.12 21.07 0.12
CA VAL E 96 29.52 20.45 1.29
C VAL E 96 28.00 20.62 1.25
N LEU E 97 27.54 21.83 0.95
CA LEU E 97 26.12 22.13 0.89
C LEU E 97 25.41 21.31 -0.18
N LEU E 98 26.04 21.19 -1.34
CA LEU E 98 25.45 20.39 -2.43
C LEU E 98 25.36 18.92 -2.07
N GLU E 99 26.40 18.41 -1.42
CA GLU E 99 26.45 17.00 -1.03
C GLU E 99 25.47 16.72 0.08
N HIS E 100 25.40 17.60 1.06
CA HIS E 100 24.52 17.44 2.21
C HIS E 100 23.04 17.60 1.89
N GLY E 101 22.71 18.53 1.00
CA GLY E 101 21.35 19.09 0.88
C GLY E 101 21.28 20.37 1.70
N ALA E 102 20.89 21.48 1.07
CA ALA E 102 20.80 22.80 1.73
C ALA E 102 19.35 23.30 1.87
N ASN E 103 18.40 22.34 1.93
CA ASN E 103 16.95 22.66 1.97
C ASN E 103 16.50 23.31 3.27
N HIS E 104 17.15 22.98 4.39
CA HIS E 104 16.73 23.48 5.71
C HIS E 104 17.53 24.68 6.24
N VAL E 105 18.39 25.26 5.41
CA VAL E 105 19.10 26.48 5.77
C VAL E 105 18.88 27.55 4.70
N TYR E 106 19.29 28.76 5.02
CA TYR E 106 19.30 29.88 4.09
C TYR E 106 20.74 30.11 3.65
N GLU E 107 21.00 30.01 2.35
CA GLU E 107 22.31 30.38 1.75
C GLU E 107 22.28 31.88 1.40
N LEU E 108 22.67 32.70 2.37
CA LEU E 108 22.54 34.15 2.27
C LEU E 108 23.61 34.83 1.40
N LEU E 109 24.86 34.40 1.55
CA LEU E 109 25.98 35.07 0.92
C LEU E 109 26.95 34.12 0.29
N ASP E 110 27.37 34.44 -0.94
CA ASP E 110 28.60 33.90 -1.50
C ASP E 110 29.75 34.77 -0.99
N LEU E 111 30.56 34.22 -0.08
CA LEU E 111 31.70 34.93 0.49
C LEU E 111 32.91 35.03 -0.47
N LYS E 112 32.85 34.37 -1.65
CA LYS E 112 33.94 34.43 -2.63
C LYS E 112 35.32 34.16 -2.01
N ILE E 113 35.37 33.24 -1.05
CA ILE E 113 36.61 32.73 -0.47
C ILE E 113 36.69 31.22 -0.70
N ALA E 114 37.90 30.69 -0.53
CA ALA E 114 38.22 29.29 -0.80
C ALA E 114 37.60 28.79 -2.11
N GLN E 115 37.82 29.55 -3.19
CA GLN E 115 37.35 29.15 -4.51
C GLN E 115 38.13 27.93 -4.99
N CYS E 116 37.38 27.03 -5.59
CA CYS E 116 37.93 25.84 -6.20
C CYS E 116 36.79 25.34 -7.09
N LYS E 117 36.85 24.10 -7.54
CA LYS E 117 35.75 23.53 -8.31
C LYS E 117 35.66 22.02 -8.13
N LEU E 118 34.45 21.51 -8.24
CA LEU E 118 34.21 20.08 -8.17
C LEU E 118 34.50 19.52 -9.53
N MET E 119 35.29 18.45 -9.59
CA MET E 119 35.72 17.88 -10.84
C MET E 119 35.76 16.37 -10.75
N THR E 120 35.61 15.69 -11.89
CA THR E 120 36.02 14.31 -12.01
C THR E 120 37.53 14.27 -12.21
N ALA E 121 38.15 13.15 -11.88
CA ALA E 121 39.60 12.99 -12.05
C ALA E 121 39.95 11.51 -12.19
N GLY E 122 40.91 11.24 -13.06
CA GLY E 122 41.38 9.88 -13.35
C GLY E 122 42.90 9.87 -13.49
N VAL E 123 43.43 8.69 -13.79
CA VAL E 123 44.87 8.46 -13.97
C VAL E 123 45.38 9.27 -15.17
N LYS E 124 46.59 9.81 -15.06
CA LYS E 124 47.16 10.68 -16.12
C LYS E 124 47.26 9.92 -17.45
N ASP E 125 46.62 10.49 -18.47
CA ASP E 125 46.58 9.96 -19.85
C ASP E 125 46.02 8.55 -20.02
N ALA E 126 45.33 8.03 -19.01
CA ALA E 126 44.54 6.81 -19.13
C ALA E 126 43.24 7.23 -19.78
N PRO E 127 42.82 6.54 -20.86
CA PRO E 127 41.49 6.87 -21.43
C PRO E 127 40.33 6.29 -20.63
N LEU E 128 39.18 6.93 -20.69
CA LEU E 128 37.98 6.42 -20.02
C LEU E 128 37.61 5.11 -20.67
N PRO E 129 37.50 4.02 -19.86
CA PRO E 129 36.86 2.81 -20.39
C PRO E 129 35.40 3.03 -20.79
N ASN E 130 34.95 2.24 -21.76
CA ASN E 130 33.63 2.41 -22.41
C ASN E 130 32.56 1.44 -21.87
N ARG E 131 32.57 1.38 -20.54
CA ARG E 131 31.81 0.42 -19.69
C ARG E 131 31.11 1.19 -18.55
N ARG E 132 30.50 0.50 -17.58
CA ARG E 132 29.97 1.17 -16.38
C ARG E 132 31.12 1.68 -15.55
N LEU E 133 31.13 2.98 -15.23
CA LEU E 133 32.26 3.54 -14.48
C LEU E 133 32.06 3.29 -13.01
N ARG E 134 33.17 3.10 -12.29
CA ARG E 134 33.20 3.12 -10.84
C ARG E 134 33.74 4.47 -10.37
N ILE E 135 32.96 5.18 -9.54
CA ILE E 135 33.37 6.45 -8.95
C ILE E 135 33.61 6.21 -7.47
N ALA E 136 34.79 6.59 -6.99
CA ALA E 136 35.13 6.49 -5.58
C ALA E 136 35.18 7.92 -5.10
N THR E 137 34.31 8.28 -4.16
CA THR E 137 34.23 9.68 -3.74
C THR E 137 33.56 9.89 -2.38
N LYS E 138 34.00 10.94 -1.72
CA LYS E 138 33.27 11.57 -0.61
C LYS E 138 31.92 12.07 -1.12
N TYR E 139 31.93 12.70 -2.30
CA TYR E 139 30.77 13.43 -2.82
C TYR E 139 29.84 12.53 -3.62
N VAL E 140 29.24 11.59 -2.91
CA VAL E 140 28.40 10.55 -3.48
C VAL E 140 27.15 11.11 -4.16
N ASN E 141 26.45 12.01 -3.50
CA ASN E 141 25.23 12.62 -4.06
C ASN E 141 25.51 13.53 -5.25
N VAL E 142 26.56 14.33 -5.14
CA VAL E 142 27.03 15.17 -6.25
C VAL E 142 27.41 14.29 -7.45
N ALA E 143 28.19 13.25 -7.17
CA ALA E 143 28.59 12.30 -8.19
C ALA E 143 27.39 11.70 -8.89
N ARG E 144 26.43 11.16 -8.15
CA ARG E 144 25.22 10.56 -8.76
C ARG E 144 24.49 11.54 -9.64
N ALA E 145 24.30 12.75 -9.12
CA ALA E 145 23.60 13.83 -9.81
C ALA E 145 24.30 14.18 -11.12
N TYR E 146 25.61 14.43 -11.03
CA TYR E 146 26.41 14.81 -12.19
C TYR E 146 26.37 13.75 -13.31
N PHE E 147 26.77 12.52 -12.99
CA PHE E 147 26.76 11.45 -13.98
C PHE E 147 25.35 11.15 -14.51
N ALA E 148 24.32 11.43 -13.72
CA ALA E 148 22.94 11.34 -14.19
C ALA E 148 22.65 12.41 -15.26
N SER E 149 23.06 13.65 -15.00
CA SER E 149 22.88 14.75 -15.96
C SER E 149 23.66 14.55 -17.27
N GLN E 150 24.73 13.75 -17.24
CA GLN E 150 25.43 13.30 -18.45
C GLN E 150 24.87 12.01 -19.05
N GLY E 151 23.71 11.56 -18.58
CA GLY E 151 23.10 10.29 -19.02
C GLY E 151 24.01 9.09 -18.93
N GLN E 152 24.80 9.01 -17.87
CA GLN E 152 25.77 7.94 -17.71
C GLN E 152 25.52 7.13 -16.44
N GLN E 153 25.59 5.80 -16.59
CA GLN E 153 25.34 4.90 -15.48
C GLN E 153 26.65 4.68 -14.74
N VAL E 154 26.59 4.74 -13.40
CA VAL E 154 27.78 4.57 -12.56
C VAL E 154 27.51 3.70 -11.33
N ASP E 155 28.60 3.17 -10.81
CA ASP E 155 28.64 2.51 -9.54
C ASP E 155 29.45 3.44 -8.67
N VAL E 156 28.84 3.95 -7.60
CA VAL E 156 29.50 4.89 -6.70
C VAL E 156 29.95 4.17 -5.44
N ILE E 157 31.16 4.49 -4.99
CA ILE E 157 31.72 3.95 -3.75
C ILE E 157 32.03 5.11 -2.82
N LYS E 158 31.39 5.11 -1.64
CA LYS E 158 31.61 6.14 -0.62
C LYS E 158 33.00 5.98 -0.01
N LEU E 159 33.75 7.07 0.00
CA LEU E 159 34.98 7.21 0.78
C LEU E 159 34.83 8.34 1.77
N TYR E 160 35.36 8.14 2.97
CA TYR E 160 35.40 9.16 4.01
C TYR E 160 36.72 9.95 4.03
N GLY E 161 37.83 9.31 3.67
CA GLY E 161 39.15 9.96 3.69
C GLY E 161 39.56 10.52 2.34
N SER E 162 40.87 10.65 2.17
CA SER E 162 41.45 11.16 0.93
C SER E 162 41.20 10.20 -0.22
N MET E 163 41.07 10.76 -1.42
CA MET E 163 40.56 10.05 -2.58
C MET E 163 41.58 9.74 -3.68
N GLU E 164 42.76 10.37 -3.61
CA GLU E 164 43.74 10.30 -4.72
C GLU E 164 44.25 8.89 -4.94
N LEU E 165 44.34 8.11 -3.87
CA LEU E 165 44.75 6.72 -3.92
C LEU E 165 43.79 5.80 -4.69
N ALA E 166 42.49 6.11 -4.69
CA ALA E 166 41.49 5.15 -5.20
C ALA E 166 41.75 4.66 -6.64
N PRO E 167 41.97 5.58 -7.59
CA PRO E 167 42.27 5.12 -8.97
C PRO E 167 43.56 4.33 -9.14
N LEU E 168 44.57 4.64 -8.32
CA LEU E 168 45.89 4.01 -8.37
C LEU E 168 45.91 2.53 -7.96
N VAL E 169 44.91 2.09 -7.19
CA VAL E 169 44.80 0.67 -6.79
C VAL E 169 43.49 0.05 -7.31
N GLY E 170 42.88 0.71 -8.27
CA GLY E 170 41.72 0.18 -8.97
C GLY E 170 40.41 0.14 -8.21
N LEU E 171 40.31 0.86 -7.09
CA LEU E 171 39.06 0.93 -6.33
C LEU E 171 37.97 1.55 -7.19
N GLY E 172 38.30 2.63 -7.89
CA GLY E 172 37.43 3.19 -8.90
C GLY E 172 38.20 3.69 -10.10
N ASP E 173 37.48 3.95 -11.18
CA ASP E 173 38.06 4.50 -12.41
C ASP E 173 38.29 6.00 -12.27
N LEU E 174 37.31 6.70 -11.68
CA LEU E 174 37.43 8.12 -11.41
C LEU E 174 37.15 8.44 -9.95
N ILE E 175 37.55 9.65 -9.57
CA ILE E 175 37.12 10.24 -8.31
C ILE E 175 36.40 11.54 -8.61
N VAL E 176 35.58 11.98 -7.65
CA VAL E 176 35.03 13.32 -7.64
C VAL E 176 35.63 14.01 -6.43
N ASP E 177 36.22 15.19 -6.65
CA ASP E 177 36.87 15.93 -5.58
C ASP E 177 36.91 17.41 -5.93
N VAL E 178 37.17 18.23 -4.92
CA VAL E 178 37.39 19.66 -5.12
C VAL E 178 38.84 19.87 -5.56
N VAL E 179 39.05 20.65 -6.62
CA VAL E 179 40.41 20.93 -7.12
C VAL E 179 40.61 22.45 -7.23
N ASP E 180 41.71 22.95 -6.67
CA ASP E 180 42.09 24.36 -6.83
C ASP E 180 43.19 24.48 -7.90
N THR E 181 44.44 24.25 -7.50
CA THR E 181 45.59 24.35 -8.39
C THR E 181 45.68 23.07 -9.22
N GLY E 182 45.42 21.92 -8.60
CA GLY E 182 45.59 20.61 -9.23
C GLY E 182 46.89 19.94 -8.84
N ASN E 183 47.67 20.58 -7.97
CA ASN E 183 49.00 20.10 -7.61
C ASN E 183 48.96 18.72 -6.95
N THR E 184 47.91 18.50 -6.14
CA THR E 184 47.74 17.23 -5.45
C THR E 184 47.46 16.11 -6.43
N LEU E 185 46.68 16.42 -7.48
CA LEU E 185 46.35 15.43 -8.49
C LEU E 185 47.57 15.00 -9.30
N ARG E 186 48.32 15.98 -9.81
CA ARG E 186 49.52 15.73 -10.62
C ARG E 186 50.63 15.02 -9.84
N ALA E 187 50.87 15.45 -8.61
CA ALA E 187 51.82 14.78 -7.72
C ALA E 187 51.53 13.29 -7.46
N ASN E 188 50.28 12.87 -7.65
CA ASN E 188 49.87 11.46 -7.51
C ASN E 188 49.56 10.71 -8.81
N GLY E 189 50.00 11.27 -9.94
CA GLY E 189 49.76 10.68 -11.25
C GLY E 189 48.35 10.81 -11.77
N LEU E 190 47.56 11.72 -11.20
CA LEU E 190 46.17 11.96 -11.63
C LEU E 190 46.06 13.29 -12.36
N GLU E 191 44.98 13.46 -13.12
CA GLU E 191 44.66 14.72 -13.81
C GLU E 191 43.17 14.99 -13.72
N ALA E 192 42.80 16.25 -13.54
CA ALA E 192 41.41 16.67 -13.64
C ALA E 192 40.87 16.28 -15.02
N ARG E 193 39.64 15.79 -15.08
CA ARG E 193 39.00 15.42 -16.33
C ARG E 193 37.86 16.38 -16.65
N ASP E 194 36.67 16.20 -16.05
CA ASP E 194 35.50 17.05 -16.30
C ASP E 194 35.24 18.06 -15.18
N HIS E 195 34.71 19.21 -15.55
CA HIS E 195 34.31 20.24 -14.61
C HIS E 195 32.85 20.00 -14.27
N ILE E 196 32.55 19.88 -12.98
CA ILE E 196 31.20 19.59 -12.49
C ILE E 196 30.50 20.91 -12.18
N CYS E 197 31.09 21.69 -11.28
CA CYS E 197 30.60 23.04 -10.97
C CYS E 197 31.63 23.83 -10.15
N ASP E 198 31.40 25.13 -10.05
CA ASP E 198 32.29 26.03 -9.29
C ASP E 198 31.88 25.99 -7.83
N VAL E 199 32.86 26.14 -6.94
CA VAL E 199 32.67 26.03 -5.51
C VAL E 199 33.35 27.20 -4.81
N SER E 200 32.68 27.75 -3.80
CA SER E 200 33.24 28.74 -2.89
C SER E 200 32.53 28.59 -1.56
N SER E 201 33.05 29.25 -0.53
CA SER E 201 32.41 29.23 0.77
C SER E 201 31.21 30.19 0.80
N ARG E 202 30.18 29.75 1.53
CA ARG E 202 28.90 30.44 1.63
C ARG E 202 28.58 30.71 3.09
N LEU E 203 27.81 31.77 3.34
CA LEU E 203 27.27 32.00 4.66
C LEU E 203 25.87 31.42 4.70
N ILE E 204 25.70 30.42 5.57
CA ILE E 204 24.40 29.79 5.77
C ILE E 204 23.84 30.19 7.12
N VAL E 205 22.51 30.26 7.19
CA VAL E 205 21.81 30.70 8.40
C VAL E 205 20.65 29.76 8.68
N ASN E 206 20.48 29.42 9.95
CA ASN E 206 19.33 28.67 10.43
C ASN E 206 18.04 29.47 10.16
N GLN E 207 17.00 28.79 9.66
CA GLN E 207 15.73 29.46 9.32
C GLN E 207 15.07 30.19 10.48
N VAL E 208 15.07 29.55 11.66
CA VAL E 208 14.45 30.12 12.85
C VAL E 208 15.31 31.27 13.36
N SER E 209 16.61 31.07 13.45
CA SER E 209 17.52 32.14 13.89
C SER E 209 17.41 33.39 13.01
N TYR E 210 17.19 33.23 11.71
CA TYR E 210 17.03 34.39 10.82
C TYR E 210 15.78 35.22 11.16
N LYS E 211 14.73 34.54 11.62
CA LYS E 211 13.46 35.17 11.98
C LYS E 211 13.53 35.74 13.40
N ARG E 212 14.00 34.95 14.35
CA ARG E 212 14.09 35.36 15.77
C ARG E 212 15.21 36.32 16.12
N LYS E 213 16.36 36.22 15.44
CA LYS E 213 17.56 36.96 15.85
C LYS E 213 18.18 37.85 14.74
N PHE E 214 17.34 38.32 13.82
CA PHE E 214 17.77 39.22 12.75
C PHE E 214 18.54 40.45 13.24
N ALA E 215 18.13 41.02 14.38
CA ALA E 215 18.74 42.22 14.93
C ALA E 215 20.21 42.00 15.28
N LEU E 216 20.52 40.82 15.82
CA LEU E 216 21.91 40.44 16.06
C LEU E 216 22.65 40.10 14.76
N LEU E 217 21.97 39.43 13.82
CA LEU E 217 22.60 39.03 12.56
C LEU E 217 22.91 40.18 11.61
N GLU E 218 21.93 41.08 11.39
CA GLU E 218 22.03 42.12 10.34
C GLU E 218 23.37 42.89 10.25
N PRO E 219 23.86 43.50 11.36
CA PRO E 219 25.16 44.20 11.28
C PRO E 219 26.28 43.31 10.77
N ILE E 220 26.36 42.10 11.35
CA ILE E 220 27.35 41.12 10.95
C ILE E 220 27.21 40.73 9.48
N LEU E 221 25.99 40.57 8.99
CA LEU E 221 25.75 40.28 7.57
C LEU E 221 26.06 41.47 6.65
N ASP E 222 25.73 42.69 7.10
CA ASP E 222 26.10 43.89 6.35
C ASP E 222 27.62 44.03 6.27
N SER E 223 28.31 43.77 7.39
CA SER E 223 29.78 43.81 7.41
C SER E 223 30.42 42.78 6.48
N PHE E 224 29.94 41.55 6.52
CA PHE E 224 30.38 40.50 5.58
C PHE E 224 30.11 40.91 4.14
N LYS E 225 28.89 41.37 3.84
CA LYS E 225 28.52 41.83 2.48
C LYS E 225 29.49 42.93 1.98
N ASN E 226 29.82 43.86 2.87
CA ASN E 226 30.73 44.96 2.55
C ASN E 226 32.18 44.46 2.38
N SER E 227 32.64 43.62 3.31
CA SER E 227 33.95 42.95 3.20
C SER E 227 34.18 42.18 1.87
N ILE E 228 33.11 41.73 1.21
CA ILE E 228 33.19 41.04 -0.09
C ILE E 228 33.42 41.97 -1.32
N ASN E 229 32.94 43.21 -1.25
CA ASN E 229 33.22 44.23 -2.31
C ASN E 229 33.78 45.53 -1.72
N GLU F 21 -49.39 0.68 15.69
CA GLU F 21 -50.75 0.06 15.57
C GLU F 21 -50.77 -1.47 15.86
N PHE F 22 -49.80 -2.21 15.31
CA PHE F 22 -49.84 -3.69 15.37
C PHE F 22 -48.88 -4.28 16.40
N LEU F 23 -49.42 -4.93 17.43
CA LEU F 23 -48.63 -5.43 18.55
C LEU F 23 -48.27 -6.91 18.42
N GLY F 24 -48.87 -7.59 17.45
CA GLY F 24 -48.66 -9.03 17.26
C GLY F 24 -47.42 -9.40 16.45
N LEU F 25 -47.44 -10.59 15.87
CA LEU F 25 -46.36 -11.08 15.04
C LEU F 25 -46.66 -10.87 13.56
N THR F 26 -45.65 -10.40 12.82
CA THR F 26 -45.72 -10.30 11.36
C THR F 26 -44.85 -11.41 10.76
N LEU F 27 -45.47 -12.22 9.89
CA LEU F 27 -44.83 -13.40 9.31
C LEU F 27 -44.62 -13.18 7.83
N ALA F 28 -43.37 -13.33 7.39
CA ALA F 28 -43.02 -13.13 5.98
C ALA F 28 -42.95 -14.47 5.26
N LEU F 29 -43.74 -14.62 4.21
CA LEU F 29 -43.74 -15.85 3.40
C LEU F 29 -43.29 -15.59 1.97
N SER F 30 -42.59 -16.57 1.39
CA SER F 30 -42.20 -16.56 -0.04
C SER F 30 -43.43 -16.87 -0.90
N LYS F 31 -43.41 -16.36 -2.13
CA LYS F 31 -44.59 -16.43 -3.03
C LYS F 31 -45.13 -17.82 -3.48
N GLY F 32 -44.35 -18.61 -4.22
CA GLY F 32 -44.93 -19.71 -5.00
C GLY F 32 -45.12 -21.05 -4.32
N ARG F 33 -44.13 -21.94 -4.47
CA ARG F 33 -44.19 -23.30 -3.93
C ARG F 33 -44.09 -23.35 -2.41
N ILE F 34 -43.24 -22.50 -1.82
CA ILE F 34 -43.10 -22.41 -0.36
C ILE F 34 -44.47 -22.14 0.28
N LEU F 35 -45.21 -21.18 -0.25
CA LEU F 35 -46.56 -20.85 0.27
C LEU F 35 -47.50 -22.06 0.30
N GLU F 36 -47.49 -22.87 -0.77
CA GLU F 36 -48.31 -24.09 -0.82
C GLU F 36 -47.93 -25.04 0.34
N GLU F 37 -46.64 -25.37 0.44
CA GLU F 37 -46.15 -26.34 1.42
C GLU F 37 -46.17 -25.85 2.88
N THR F 38 -46.19 -24.52 3.08
CA THR F 38 -46.25 -23.90 4.41
C THR F 38 -47.66 -23.80 4.99
N MET F 39 -48.67 -23.61 4.14
CA MET F 39 -50.08 -23.48 4.59
C MET F 39 -50.55 -24.55 5.60
N PRO F 40 -50.22 -25.85 5.36
CA PRO F 40 -50.46 -26.92 6.36
C PRO F 40 -49.89 -26.66 7.74
N LEU F 41 -48.61 -26.29 7.81
CA LEU F 41 -47.93 -25.98 9.07
C LEU F 41 -48.61 -24.83 9.82
N LEU F 42 -49.04 -23.81 9.05
CA LEU F 42 -49.74 -22.66 9.60
C LEU F 42 -51.10 -23.03 10.16
N ARG F 43 -51.87 -23.82 9.42
CA ARG F 43 -53.18 -24.30 9.87
C ARG F 43 -53.08 -25.10 11.17
N ALA F 44 -52.06 -25.94 11.29
CA ALA F 44 -51.80 -26.72 12.50
C ALA F 44 -51.45 -25.85 13.71
N ALA F 45 -50.80 -24.70 13.47
CA ALA F 45 -50.48 -23.74 14.54
C ALA F 45 -51.53 -22.65 14.76
N GLY F 46 -52.66 -22.73 14.06
CA GLY F 46 -53.81 -21.84 14.27
C GLY F 46 -53.79 -20.57 13.46
N VAL F 47 -53.08 -20.58 12.32
CA VAL F 47 -52.77 -19.36 11.57
C VAL F 47 -53.08 -19.54 10.06
N GLU F 48 -54.32 -19.91 9.73
CA GLU F 48 -54.75 -19.99 8.32
C GLU F 48 -54.99 -18.59 7.78
N LEU F 49 -54.65 -18.39 6.51
CA LEU F 49 -55.05 -17.18 5.76
C LEU F 49 -56.57 -17.12 5.66
N LEU F 50 -57.13 -15.91 5.69
CA LEU F 50 -58.58 -15.74 5.49
C LEU F 50 -59.00 -15.84 4.01
N GLU F 51 -58.06 -15.67 3.08
CA GLU F 51 -58.39 -15.64 1.63
C GLU F 51 -57.24 -16.14 0.75
N ASP F 52 -57.53 -16.33 -0.54
CA ASP F 52 -56.52 -16.74 -1.52
C ASP F 52 -55.65 -15.53 -1.91
N PRO F 53 -54.31 -15.64 -1.73
CA PRO F 53 -53.42 -14.53 -2.12
C PRO F 53 -53.30 -14.33 -3.66
N GLU F 54 -53.27 -15.43 -4.42
CA GLU F 54 -53.18 -15.41 -5.91
C GLU F 54 -54.23 -14.51 -6.59
N ALA F 55 -55.46 -14.56 -6.09
CA ALA F 55 -56.58 -13.77 -6.63
C ALA F 55 -56.87 -12.54 -5.76
N SER F 56 -55.83 -11.86 -5.28
CA SER F 56 -55.96 -10.74 -4.35
C SER F 56 -54.92 -9.65 -4.61
N ARG F 57 -55.40 -8.42 -4.72
CA ARG F 57 -54.57 -7.22 -4.88
C ARG F 57 -54.28 -6.64 -3.48
N LYS F 58 -53.74 -7.47 -2.60
CA LYS F 58 -53.55 -7.13 -1.18
C LYS F 58 -52.16 -7.53 -0.69
N LEU F 59 -51.58 -6.68 0.18
CA LEU F 59 -50.17 -6.80 0.59
C LEU F 59 -49.98 -7.33 2.02
N ILE F 60 -50.81 -6.85 2.95
CA ILE F 60 -50.83 -7.37 4.32
C ILE F 60 -52.10 -8.24 4.47
N PHE F 61 -51.91 -9.52 4.82
CA PHE F 61 -53.02 -10.47 4.98
C PHE F 61 -53.27 -10.81 6.46
N PRO F 62 -54.54 -10.69 6.93
CA PRO F 62 -54.86 -11.13 8.29
C PRO F 62 -55.03 -12.65 8.34
N THR F 63 -55.00 -13.21 9.55
CA THR F 63 -55.16 -14.66 9.74
C THR F 63 -56.28 -14.97 10.76
N SER F 64 -56.59 -16.26 10.94
CA SER F 64 -57.61 -16.71 11.91
C SER F 64 -57.21 -16.38 13.35
N ASN F 65 -55.89 -16.33 13.59
CA ASN F 65 -55.31 -15.75 14.80
C ASN F 65 -55.20 -14.25 14.58
N PRO F 66 -55.80 -13.43 15.48
CA PRO F 66 -55.73 -11.98 15.30
C PRO F 66 -54.38 -11.35 15.74
N ASN F 67 -53.52 -12.12 16.42
CA ASN F 67 -52.15 -11.68 16.75
C ASN F 67 -51.12 -11.91 15.64
N VAL F 68 -51.53 -12.50 14.51
CA VAL F 68 -50.61 -12.81 13.42
C VAL F 68 -51.17 -12.27 12.11
N ARG F 69 -50.32 -11.59 11.36
CA ARG F 69 -50.63 -11.18 9.98
C ARG F 69 -49.49 -11.71 9.11
N VAL F 70 -49.72 -11.87 7.80
CA VAL F 70 -48.63 -12.32 6.92
C VAL F 70 -48.34 -11.38 5.77
N LEU F 71 -47.08 -11.36 5.37
CA LEU F 71 -46.61 -10.67 4.18
C LEU F 71 -46.22 -11.71 3.13
N ILE F 72 -46.62 -11.49 1.88
CA ILE F 72 -46.30 -12.36 0.75
C ILE F 72 -45.29 -11.61 -0.12
N LEU F 73 -44.04 -12.06 -0.05
CA LEU F 73 -42.89 -11.37 -0.63
C LEU F 73 -42.20 -12.23 -1.67
N ARG F 74 -41.43 -11.59 -2.56
CA ARG F 74 -40.46 -12.33 -3.34
C ARG F 74 -39.48 -12.98 -2.34
N ALA F 75 -39.08 -14.21 -2.64
CA ALA F 75 -38.33 -15.03 -1.67
C ALA F 75 -37.04 -14.36 -1.17
N SER F 76 -36.33 -13.69 -2.06
CA SER F 76 -35.07 -13.01 -1.71
C SER F 76 -35.21 -11.81 -0.77
N ASP F 77 -36.42 -11.26 -0.67
CA ASP F 77 -36.75 -10.19 0.28
C ASP F 77 -37.14 -10.65 1.69
N VAL F 78 -37.42 -11.94 1.87
CA VAL F 78 -37.81 -12.45 3.18
C VAL F 78 -36.74 -12.12 4.26
N PRO F 79 -35.46 -12.50 4.03
CA PRO F 79 -34.44 -12.16 5.03
C PRO F 79 -34.31 -10.68 5.33
N THR F 80 -34.53 -9.85 4.31
CA THR F 80 -34.44 -8.40 4.43
C THR F 80 -35.51 -7.88 5.39
N TYR F 81 -36.77 -8.21 5.15
CA TYR F 81 -37.85 -7.80 6.04
C TYR F 81 -37.66 -8.29 7.49
N VAL F 82 -37.17 -9.51 7.65
CA VAL F 82 -36.99 -10.09 8.97
C VAL F 82 -35.83 -9.44 9.73
N GLU F 83 -34.64 -9.36 9.13
CA GLU F 83 -33.49 -8.79 9.87
C GLU F 83 -33.69 -7.32 10.30
N HIS F 84 -34.37 -6.52 9.45
CA HIS F 84 -34.72 -5.12 9.75
C HIS F 84 -35.93 -4.97 10.70
N GLY F 85 -36.60 -6.07 11.05
CA GLY F 85 -37.72 -6.05 11.98
C GLY F 85 -39.07 -5.64 11.42
N ALA F 86 -39.17 -5.44 10.11
CA ALA F 86 -40.48 -5.21 9.45
C ALA F 86 -41.36 -6.46 9.43
N ALA F 87 -40.75 -7.61 9.63
CA ALA F 87 -41.44 -8.84 9.96
C ALA F 87 -40.69 -9.47 11.10
N ASP F 88 -41.40 -10.11 12.02
CA ASP F 88 -40.78 -10.69 13.21
C ASP F 88 -40.18 -12.04 12.90
N PHE F 89 -40.77 -12.75 11.94
CA PHE F 89 -40.26 -14.06 11.52
C PHE F 89 -40.69 -14.37 10.10
N GLY F 90 -40.04 -15.35 9.49
CA GLY F 90 -40.30 -15.67 8.09
C GLY F 90 -39.90 -17.06 7.66
N VAL F 91 -40.39 -17.47 6.51
CA VAL F 91 -40.01 -18.74 5.89
C VAL F 91 -39.21 -18.42 4.62
N ALA F 92 -37.98 -18.92 4.58
CA ALA F 92 -37.08 -18.67 3.47
C ALA F 92 -36.27 -19.90 3.15
N GLY F 93 -36.00 -20.09 1.87
CA GLY F 93 -35.11 -21.15 1.40
C GLY F 93 -33.69 -20.91 1.89
N LYS F 94 -32.99 -21.99 2.19
CA LYS F 94 -31.58 -21.92 2.62
C LYS F 94 -30.67 -21.40 1.50
N ASP F 95 -31.08 -21.58 0.26
CA ASP F 95 -30.41 -20.94 -0.89
C ASP F 95 -30.45 -19.43 -0.76
N VAL F 96 -31.61 -18.88 -0.43
CA VAL F 96 -31.78 -17.45 -0.23
C VAL F 96 -30.93 -16.98 0.96
N LEU F 97 -31.00 -17.71 2.07
CA LEU F 97 -30.27 -17.35 3.28
C LEU F 97 -28.77 -17.39 3.04
N LEU F 98 -28.28 -18.40 2.33
CA LEU F 98 -26.86 -18.49 2.03
C LEU F 98 -26.39 -17.35 1.16
N GLU F 99 -27.20 -17.01 0.15
CA GLU F 99 -26.87 -15.95 -0.78
C GLU F 99 -26.92 -14.59 -0.11
N HIS F 100 -27.94 -14.37 0.70
CA HIS F 100 -28.14 -13.09 1.38
C HIS F 100 -27.12 -12.82 2.49
N GLY F 101 -26.76 -13.88 3.23
CA GLY F 101 -26.13 -13.74 4.55
C GLY F 101 -27.24 -13.83 5.60
N ALA F 102 -27.09 -14.76 6.55
CA ALA F 102 -28.07 -14.96 7.64
C ALA F 102 -27.49 -14.60 9.03
N ASN F 103 -26.59 -13.65 9.03
CA ASN F 103 -25.84 -13.21 10.23
C ASN F 103 -26.72 -12.46 11.23
N HIS F 104 -27.71 -11.71 10.74
CA HIS F 104 -28.57 -10.88 11.58
C HIS F 104 -29.92 -11.50 11.98
N VAL F 105 -30.15 -12.76 11.61
CA VAL F 105 -31.36 -13.45 11.99
C VAL F 105 -31.02 -14.76 12.68
N TYR F 106 -32.04 -15.34 13.30
CA TYR F 106 -31.92 -16.66 13.94
C TYR F 106 -32.60 -17.69 13.02
N GLU F 107 -31.84 -18.67 12.55
CA GLU F 107 -32.36 -19.83 11.81
C GLU F 107 -32.78 -20.91 12.83
N LEU F 108 -34.05 -20.82 13.25
CA LEU F 108 -34.59 -21.64 14.33
C LEU F 108 -34.95 -23.05 13.92
N LEU F 109 -35.57 -23.20 12.74
CA LEU F 109 -36.07 -24.49 12.30
C LEU F 109 -35.75 -24.80 10.86
N ASP F 110 -35.29 -26.02 10.62
CA ASP F 110 -35.40 -26.63 9.29
C ASP F 110 -36.82 -27.21 9.15
N LEU F 111 -37.65 -26.57 8.33
CA LEU F 111 -39.01 -27.01 8.09
C LEU F 111 -39.13 -28.24 7.17
N LYS F 112 -38.01 -28.71 6.60
CA LYS F 112 -37.99 -29.90 5.73
C LYS F 112 -39.07 -29.83 4.63
N ILE F 113 -39.31 -28.64 4.09
CA ILE F 113 -40.21 -28.46 2.95
C ILE F 113 -39.42 -27.81 1.80
N ALA F 114 -40.01 -27.87 0.60
CA ALA F 114 -39.41 -27.39 -0.64
C ALA F 114 -37.92 -27.81 -0.76
N GLN F 115 -37.68 -29.10 -0.55
CA GLN F 115 -36.35 -29.66 -0.71
C GLN F 115 -35.92 -29.61 -2.17
N CYS F 116 -34.66 -29.25 -2.35
CA CYS F 116 -34.03 -29.26 -3.64
C CYS F 116 -32.54 -29.17 -3.32
N LYS F 117 -31.70 -28.81 -4.28
CA LYS F 117 -30.28 -28.60 -4.00
C LYS F 117 -29.67 -27.58 -4.95
N LEU F 118 -28.66 -26.89 -4.45
CA LEU F 118 -27.90 -25.92 -5.24
C LEU F 118 -26.91 -26.74 -6.04
N MET F 119 -26.85 -26.46 -7.34
CA MET F 119 -25.97 -27.21 -8.23
C MET F 119 -25.36 -26.30 -9.26
N THR F 120 -24.16 -26.67 -9.74
CA THR F 120 -23.64 -26.10 -10.99
C THR F 120 -24.33 -26.84 -12.14
N ALA F 121 -24.37 -26.19 -13.31
CA ALA F 121 -24.96 -26.80 -14.49
C ALA F 121 -24.37 -26.17 -15.75
N GLY F 122 -24.23 -26.97 -16.79
CA GLY F 122 -23.68 -26.57 -18.07
C GLY F 122 -24.41 -27.15 -19.24
N VAL F 123 -23.98 -26.78 -20.45
CA VAL F 123 -24.54 -27.35 -21.69
C VAL F 123 -24.26 -28.87 -21.72
N LYS F 124 -25.21 -29.65 -22.23
CA LYS F 124 -25.08 -31.10 -22.30
C LYS F 124 -23.81 -31.52 -23.08
N ASP F 125 -22.95 -32.28 -22.39
CA ASP F 125 -21.68 -32.82 -22.93
C ASP F 125 -20.67 -31.79 -23.50
N ALA F 126 -20.83 -30.51 -23.13
CA ALA F 126 -19.89 -29.46 -23.51
C ALA F 126 -18.67 -29.57 -22.61
N PRO F 127 -17.46 -29.59 -23.18
CA PRO F 127 -16.27 -29.66 -22.32
C PRO F 127 -15.91 -28.32 -21.67
N LEU F 128 -15.27 -28.39 -20.50
CA LEU F 128 -14.74 -27.20 -19.84
C LEU F 128 -13.72 -26.55 -20.78
N PRO F 129 -13.91 -25.26 -21.08
CA PRO F 129 -12.81 -24.51 -21.70
C PRO F 129 -11.58 -24.42 -20.78
N ASN F 130 -10.42 -24.27 -21.39
CA ASN F 130 -9.14 -24.17 -20.68
C ASN F 130 -8.94 -22.82 -19.96
N ARG F 131 -9.71 -21.81 -20.36
CA ARG F 131 -9.64 -20.49 -19.76
C ARG F 131 -10.45 -20.43 -18.44
N ARG F 132 -10.44 -19.26 -17.81
CA ARG F 132 -11.14 -19.03 -16.55
C ARG F 132 -12.65 -19.11 -16.79
N LEU F 133 -13.32 -19.91 -15.99
CA LEU F 133 -14.75 -20.16 -16.15
C LEU F 133 -15.65 -18.97 -15.79
N ARG F 134 -16.71 -18.80 -16.58
CA ARG F 134 -17.70 -17.77 -16.36
C ARG F 134 -18.95 -18.41 -15.77
N ILE F 135 -19.40 -17.91 -14.62
CA ILE F 135 -20.65 -18.36 -13.99
C ILE F 135 -21.67 -17.24 -14.12
N ALA F 136 -22.85 -17.58 -14.67
CA ALA F 136 -23.94 -16.65 -14.77
C ALA F 136 -24.97 -17.15 -13.78
N THR F 137 -25.28 -16.35 -12.77
CA THR F 137 -26.17 -16.80 -11.70
C THR F 137 -26.79 -15.69 -10.89
N LYS F 138 -27.99 -15.98 -10.37
CA LYS F 138 -28.61 -15.26 -9.26
C LYS F 138 -27.71 -15.37 -8.03
N TYR F 139 -27.19 -16.58 -7.78
CA TYR F 139 -26.50 -16.92 -6.54
C TYR F 139 -25.01 -16.61 -6.63
N VAL F 140 -24.72 -15.33 -6.73
CA VAL F 140 -23.38 -14.80 -6.90
C VAL F 140 -22.44 -15.13 -5.74
N ASN F 141 -22.90 -14.89 -4.53
CA ASN F 141 -22.10 -15.16 -3.32
C ASN F 141 -21.87 -16.65 -3.08
N VAL F 142 -22.91 -17.44 -3.26
CA VAL F 142 -22.82 -18.91 -3.19
C VAL F 142 -21.84 -19.42 -4.24
N ALA F 143 -21.99 -18.94 -5.47
CA ALA F 143 -21.09 -19.30 -6.56
C ALA F 143 -19.64 -19.00 -6.19
N ARG F 144 -19.35 -17.76 -5.76
CA ARG F 144 -17.96 -17.41 -5.39
C ARG F 144 -17.41 -18.33 -4.31
N ALA F 145 -18.22 -18.54 -3.28
CA ALA F 145 -17.86 -19.36 -2.13
C ALA F 145 -17.56 -20.78 -2.55
N TYR F 146 -18.47 -21.38 -3.31
CA TYR F 146 -18.34 -22.76 -3.78
C TYR F 146 -17.05 -22.98 -4.60
N PHE F 147 -16.91 -22.23 -5.69
CA PHE F 147 -15.73 -22.35 -6.55
C PHE F 147 -14.43 -22.00 -5.81
N ALA F 148 -14.52 -21.16 -4.77
CA ALA F 148 -13.38 -20.89 -3.89
C ALA F 148 -13.00 -22.15 -3.10
N SER F 149 -13.99 -22.83 -2.51
CA SER F 149 -13.76 -24.05 -1.74
C SER F 149 -13.21 -25.20 -2.60
N GLN F 150 -13.45 -25.17 -3.91
CA GLN F 150 -12.81 -26.09 -4.87
C GLN F 150 -11.48 -25.57 -5.42
N GLY F 151 -10.94 -24.52 -4.83
CA GLY F 151 -9.70 -23.88 -5.31
C GLY F 151 -9.70 -23.50 -6.77
N GLN F 152 -10.82 -22.99 -7.26
CA GLN F 152 -10.96 -22.65 -8.67
C GLN F 152 -11.31 -21.17 -8.84
N GLN F 153 -10.70 -20.53 -9.82
CA GLN F 153 -10.94 -19.11 -10.09
C GLN F 153 -12.12 -19.02 -11.05
N VAL F 154 -13.03 -18.08 -10.77
CA VAL F 154 -14.18 -17.83 -11.65
C VAL F 154 -14.48 -16.34 -11.84
N ASP F 155 -15.18 -16.06 -12.92
CA ASP F 155 -15.70 -14.76 -13.23
C ASP F 155 -17.20 -14.92 -13.12
N VAL F 156 -17.81 -14.19 -12.19
CA VAL F 156 -19.24 -14.34 -11.92
C VAL F 156 -20.02 -13.20 -12.56
N ILE F 157 -21.16 -13.52 -13.16
CA ILE F 157 -22.05 -12.54 -13.76
C ILE F 157 -23.41 -12.65 -13.06
N LYS F 158 -23.85 -11.55 -12.44
CA LYS F 158 -25.14 -11.50 -11.76
C LYS F 158 -26.29 -11.51 -12.77
N LEU F 159 -27.23 -12.43 -12.55
CA LEU F 159 -28.52 -12.42 -13.23
C LEU F 159 -29.63 -12.31 -12.21
N TYR F 160 -30.66 -11.55 -12.55
CA TYR F 160 -31.88 -11.40 -11.74
C TYR F 160 -32.99 -12.35 -12.20
N GLY F 161 -33.07 -12.66 -13.49
CA GLY F 161 -34.12 -13.51 -14.05
C GLY F 161 -33.73 -14.96 -14.20
N SER F 162 -34.39 -15.66 -15.12
CA SER F 162 -34.09 -17.06 -15.38
C SER F 162 -32.68 -17.24 -15.94
N MET F 163 -32.10 -18.39 -15.62
CA MET F 163 -30.69 -18.64 -15.86
C MET F 163 -30.39 -19.68 -16.95
N GLU F 164 -31.41 -20.45 -17.38
CA GLU F 164 -31.19 -21.58 -18.29
C GLU F 164 -30.66 -21.11 -19.65
N LEU F 165 -31.09 -19.94 -20.07
CA LEU F 165 -30.65 -19.33 -21.32
C LEU F 165 -29.16 -18.98 -21.35
N ALA F 166 -28.55 -18.65 -20.21
CA ALA F 166 -27.21 -18.05 -20.20
C ALA F 166 -26.15 -18.89 -20.92
N PRO F 167 -26.04 -20.20 -20.61
CA PRO F 167 -25.05 -21.02 -21.32
C PRO F 167 -25.28 -21.19 -22.83
N LEU F 168 -26.55 -21.18 -23.24
CA LEU F 168 -26.95 -21.40 -24.63
C LEU F 168 -26.60 -20.24 -25.56
N VAL F 169 -26.36 -19.03 -25.02
CA VAL F 169 -25.94 -17.87 -25.81
C VAL F 169 -24.56 -17.36 -25.37
N GLY F 170 -23.85 -18.19 -24.61
CA GLY F 170 -22.48 -17.92 -24.24
C GLY F 170 -22.24 -16.85 -23.19
N LEU F 171 -23.28 -16.45 -22.46
CA LEU F 171 -23.12 -15.48 -21.40
C LEU F 171 -22.21 -16.01 -20.31
N GLY F 172 -22.42 -17.27 -19.94
CA GLY F 172 -21.48 -17.99 -19.07
C GLY F 172 -21.32 -19.43 -19.52
N ASP F 173 -20.30 -20.08 -18.98
CA ASP F 173 -20.06 -21.52 -19.22
C ASP F 173 -20.98 -22.37 -18.39
N LEU F 174 -21.16 -21.98 -17.13
CA LEU F 174 -22.04 -22.67 -16.19
C LEU F 174 -23.01 -21.71 -15.54
N ILE F 175 -24.05 -22.28 -14.94
CA ILE F 175 -24.94 -21.56 -14.06
C ILE F 175 -24.92 -22.23 -12.69
N VAL F 176 -25.33 -21.48 -11.69
CA VAL F 176 -25.65 -22.03 -10.36
C VAL F 176 -27.13 -21.78 -10.17
N ASP F 177 -27.85 -22.84 -9.82
CA ASP F 177 -29.29 -22.74 -9.60
C ASP F 177 -29.75 -23.86 -8.66
N VAL F 178 -30.96 -23.69 -8.14
CA VAL F 178 -31.61 -24.72 -7.36
C VAL F 178 -32.25 -25.74 -8.31
N VAL F 179 -31.99 -27.04 -8.08
CA VAL F 179 -32.50 -28.10 -8.95
C VAL F 179 -33.26 -29.13 -8.09
N ASP F 180 -34.48 -29.46 -8.50
CA ASP F 180 -35.27 -30.48 -7.83
C ASP F 180 -35.24 -31.77 -8.67
N THR F 181 -36.12 -31.86 -9.66
CA THR F 181 -36.15 -33.00 -10.59
C THR F 181 -35.02 -32.89 -11.61
N GLY F 182 -34.77 -31.68 -12.11
CA GLY F 182 -33.80 -31.44 -13.18
C GLY F 182 -34.45 -31.32 -14.55
N ASN F 183 -35.78 -31.41 -14.58
CA ASN F 183 -36.53 -31.42 -15.84
C ASN F 183 -36.31 -30.15 -16.65
N THR F 184 -36.17 -29.02 -15.95
CA THR F 184 -35.97 -27.74 -16.61
C THR F 184 -34.61 -27.69 -17.30
N LEU F 185 -33.61 -28.30 -16.66
CA LEU F 185 -32.25 -28.34 -17.23
C LEU F 185 -32.19 -29.17 -18.51
N ARG F 186 -32.72 -30.38 -18.43
CA ARG F 186 -32.72 -31.32 -19.57
C ARG F 186 -33.54 -30.81 -20.76
N ALA F 187 -34.73 -30.26 -20.47
CA ALA F 187 -35.57 -29.64 -21.49
C ALA F 187 -34.91 -28.49 -22.26
N ASN F 188 -33.87 -27.88 -21.68
CA ASN F 188 -33.10 -26.81 -22.34
C ASN F 188 -31.70 -27.19 -22.80
N GLY F 189 -31.42 -28.49 -22.87
CA GLY F 189 -30.11 -28.97 -23.29
C GLY F 189 -28.99 -28.79 -22.28
N LEU F 190 -29.37 -28.60 -21.00
CA LEU F 190 -28.40 -28.47 -19.91
C LEU F 190 -28.44 -29.71 -19.03
N GLU F 191 -27.34 -29.93 -18.31
CA GLU F 191 -27.21 -31.06 -17.37
C GLU F 191 -26.61 -30.59 -16.06
N ALA F 192 -27.14 -31.08 -14.95
CA ALA F 192 -26.51 -30.85 -13.64
C ALA F 192 -25.08 -31.34 -13.68
N ARG F 193 -24.15 -30.59 -13.08
CA ARG F 193 -22.75 -30.99 -13.04
C ARG F 193 -22.39 -31.35 -11.59
N ASP F 194 -22.09 -30.34 -10.75
CA ASP F 194 -21.69 -30.56 -9.36
C ASP F 194 -22.83 -30.25 -8.37
N HIS F 195 -22.81 -30.99 -7.26
CA HIS F 195 -23.70 -30.74 -6.14
C HIS F 195 -22.98 -29.78 -5.19
N ILE F 196 -23.62 -28.65 -4.88
CA ILE F 196 -23.04 -27.60 -4.04
C ILE F 196 -23.46 -27.86 -2.60
N CYS F 197 -24.77 -27.90 -2.36
CA CYS F 197 -25.32 -28.24 -1.05
C CYS F 197 -26.83 -28.50 -1.13
N ASP F 198 -27.36 -29.09 -0.07
CA ASP F 198 -28.79 -29.38 0.02
C ASP F 198 -29.51 -28.14 0.51
N VAL F 199 -30.74 -27.96 0.05
CA VAL F 199 -31.54 -26.78 0.33
C VAL F 199 -32.94 -27.19 0.77
N SER F 200 -33.45 -26.51 1.79
CA SER F 200 -34.83 -26.62 2.21
C SER F 200 -35.25 -25.30 2.84
N SER F 201 -36.54 -25.13 3.07
CA SER F 201 -37.04 -23.92 3.69
C SER F 201 -36.80 -23.93 5.21
N ARG F 202 -36.49 -22.76 5.75
CA ARG F 202 -36.12 -22.56 7.15
C ARG F 202 -37.01 -21.50 7.77
N LEU F 203 -37.23 -21.61 9.08
CA LEU F 203 -37.89 -20.57 9.83
C LEU F 203 -36.86 -19.66 10.43
N ILE F 204 -36.88 -18.40 10.01
CA ILE F 204 -35.97 -17.38 10.53
C ILE F 204 -36.75 -16.39 11.41
N VAL F 205 -36.05 -15.86 12.41
CA VAL F 205 -36.65 -14.96 13.39
C VAL F 205 -35.74 -13.76 13.63
N ASN F 206 -36.36 -12.58 13.71
CA ASN F 206 -35.69 -11.36 14.09
C ASN F 206 -35.13 -11.47 15.52
N GLN F 207 -33.90 -11.03 15.72
CA GLN F 207 -33.22 -11.11 17.04
C GLN F 207 -33.99 -10.43 18.18
N VAL F 208 -34.52 -9.24 17.91
CA VAL F 208 -35.24 -8.47 18.91
C VAL F 208 -36.58 -9.12 19.16
N SER F 209 -37.32 -9.48 18.10
CA SER F 209 -38.60 -10.15 18.25
C SER F 209 -38.50 -11.46 19.06
N TYR F 210 -37.39 -12.19 18.92
CA TYR F 210 -37.20 -13.42 19.69
C TYR F 210 -37.12 -13.14 21.20
N LYS F 211 -36.54 -12.00 21.56
CA LYS F 211 -36.35 -11.60 22.96
C LYS F 211 -37.66 -10.95 23.49
N ARG F 212 -38.22 -10.00 22.74
CA ARG F 212 -39.42 -9.28 23.17
C ARG F 212 -40.74 -10.05 23.06
N LYS F 213 -40.87 -10.96 22.09
CA LYS F 213 -42.17 -11.60 21.79
C LYS F 213 -42.13 -13.13 21.81
N PHE F 214 -41.23 -13.71 22.60
CA PHE F 214 -41.14 -15.17 22.73
C PHE F 214 -42.47 -15.86 23.10
N ALA F 215 -43.25 -15.22 23.96
CA ALA F 215 -44.53 -15.74 24.43
C ALA F 215 -45.52 -15.97 23.29
N LEU F 216 -45.55 -15.02 22.34
CA LEU F 216 -46.33 -15.20 21.13
C LEU F 216 -45.72 -16.23 20.17
N LEU F 217 -44.39 -16.24 20.06
CA LEU F 217 -43.71 -17.16 19.13
C LEU F 217 -43.76 -18.63 19.58
N GLU F 218 -43.47 -18.91 20.85
CA GLU F 218 -43.28 -20.29 21.35
C GLU F 218 -44.35 -21.33 20.91
N PRO F 219 -45.65 -21.07 21.14
CA PRO F 219 -46.67 -22.03 20.69
C PRO F 219 -46.58 -22.33 19.20
N ILE F 220 -46.47 -21.28 18.40
CA ILE F 220 -46.35 -21.39 16.95
C ILE F 220 -45.09 -22.19 16.57
N LEU F 221 -43.96 -21.97 17.26
CA LEU F 221 -42.75 -22.76 17.02
C LEU F 221 -42.86 -24.21 17.47
N ASP F 222 -43.52 -24.44 18.62
CA ASP F 222 -43.79 -25.81 19.08
C ASP F 222 -44.69 -26.54 18.10
N SER F 223 -45.72 -25.85 17.59
CA SER F 223 -46.63 -26.45 16.60
C SER F 223 -45.91 -26.81 15.30
N PHE F 224 -45.10 -25.89 14.78
CA PHE F 224 -44.26 -26.17 13.61
C PHE F 224 -43.33 -27.37 13.87
N LYS F 225 -42.62 -27.35 15.02
CA LYS F 225 -41.71 -28.43 15.38
C LYS F 225 -42.42 -29.80 15.40
N ASN F 226 -43.63 -29.80 15.95
CA ASN F 226 -44.44 -31.01 16.04
C ASN F 226 -44.97 -31.45 14.68
N SER F 227 -45.48 -30.50 13.89
CA SER F 227 -45.89 -30.74 12.50
C SER F 227 -44.79 -31.39 11.62
N ILE F 228 -43.51 -31.17 11.93
CA ILE F 228 -42.38 -31.77 11.19
C ILE F 228 -42.06 -33.22 11.60
N ASN F 229 -42.22 -33.56 12.89
CA ASN F 229 -41.99 -34.93 13.43
C ASN F 229 -40.49 -35.25 13.52
N PHE G 22 -23.90 -18.59 -34.35
CA PHE G 22 -24.88 -17.65 -34.97
C PHE G 22 -24.18 -16.33 -35.38
N LEU G 23 -24.25 -16.04 -36.67
CA LEU G 23 -23.52 -14.93 -37.28
C LEU G 23 -24.35 -13.65 -37.41
N GLY G 24 -25.67 -13.76 -37.18
CA GLY G 24 -26.55 -12.59 -37.24
C GLY G 24 -26.59 -11.74 -35.98
N LEU G 25 -27.68 -10.99 -35.83
CA LEU G 25 -27.90 -10.15 -34.66
C LEU G 25 -28.79 -10.86 -33.64
N THR G 26 -28.42 -10.76 -32.37
CA THR G 26 -29.26 -11.22 -31.27
C THR G 26 -29.82 -9.97 -30.56
N LEU G 27 -31.16 -9.93 -30.44
CA LEU G 27 -31.86 -8.79 -29.86
C LEU G 27 -32.48 -9.19 -28.53
N ALA G 28 -32.15 -8.44 -27.48
CA ALA G 28 -32.67 -8.71 -26.15
C ALA G 28 -33.86 -7.81 -25.87
N LEU G 29 -34.99 -8.42 -25.54
CA LEU G 29 -36.19 -7.66 -25.16
C LEU G 29 -36.63 -7.94 -23.72
N SER G 30 -37.17 -6.91 -23.07
CA SER G 30 -37.81 -7.03 -21.74
C SER G 30 -39.15 -7.71 -21.86
N LYS G 31 -39.55 -8.40 -20.79
CA LYS G 31 -40.76 -9.27 -20.80
C LYS G 31 -42.15 -8.65 -21.09
N GLY G 32 -42.66 -7.77 -20.23
CA GLY G 32 -44.08 -7.44 -20.21
C GLY G 32 -44.56 -6.35 -21.15
N ARG G 33 -44.63 -5.12 -20.63
CA ARG G 33 -45.15 -3.97 -21.39
C ARG G 33 -44.24 -3.52 -22.53
N ILE G 34 -42.92 -3.54 -22.30
CA ILE G 34 -41.94 -3.17 -23.32
C ILE G 34 -42.15 -4.04 -24.58
N LEU G 35 -42.29 -5.35 -24.39
CA LEU G 35 -42.54 -6.28 -25.51
C LEU G 35 -43.76 -5.89 -26.36
N GLU G 36 -44.86 -5.52 -25.71
CA GLU G 36 -46.07 -5.07 -26.42
C GLU G 36 -45.75 -3.84 -27.29
N GLU G 37 -45.19 -2.80 -26.67
CA GLU G 37 -44.92 -1.52 -27.35
C GLU G 37 -43.79 -1.58 -28.41
N THR G 38 -42.88 -2.56 -28.28
CA THR G 38 -41.77 -2.77 -29.23
C THR G 38 -42.15 -3.55 -30.50
N MET G 39 -43.08 -4.50 -30.38
CA MET G 39 -43.51 -5.34 -31.52
C MET G 39 -43.81 -4.58 -32.83
N PRO G 40 -44.55 -3.44 -32.77
CA PRO G 40 -44.76 -2.57 -33.94
C PRO G 40 -43.47 -2.10 -34.62
N LEU G 41 -42.51 -1.59 -33.83
CA LEU G 41 -41.22 -1.11 -34.33
C LEU G 41 -40.47 -2.23 -35.05
N LEU G 42 -40.53 -3.44 -34.47
CA LEU G 42 -39.88 -4.62 -35.04
C LEU G 42 -40.48 -5.03 -36.37
N ARG G 43 -41.82 -5.07 -36.42
CA ARG G 43 -42.55 -5.39 -37.66
C ARG G 43 -42.20 -4.43 -38.80
N ALA G 44 -42.11 -3.13 -38.47
CA ALA G 44 -41.73 -2.11 -39.45
C ALA G 44 -40.30 -2.26 -39.98
N ALA G 45 -39.40 -2.79 -39.13
CA ALA G 45 -38.00 -3.06 -39.55
C ALA G 45 -37.76 -4.47 -40.11
N GLY G 46 -38.82 -5.27 -40.26
CA GLY G 46 -38.76 -6.58 -40.90
C GLY G 46 -38.43 -7.74 -39.96
N VAL G 47 -38.75 -7.57 -38.68
CA VAL G 47 -38.32 -8.49 -37.63
C VAL G 47 -39.50 -8.89 -36.71
N GLU G 48 -40.56 -9.42 -37.31
CA GLU G 48 -41.69 -9.96 -36.52
C GLU G 48 -41.30 -11.31 -35.92
N LEU G 49 -41.76 -11.57 -34.69
CA LEU G 49 -41.67 -12.91 -34.09
C LEU G 49 -42.53 -13.88 -34.90
N LEU G 50 -42.10 -15.14 -35.03
CA LEU G 50 -42.93 -16.16 -35.67
C LEU G 50 -44.08 -16.67 -34.77
N GLU G 51 -43.98 -16.50 -33.46
CA GLU G 51 -44.97 -17.03 -32.52
C GLU G 51 -45.12 -16.21 -31.25
N ASP G 52 -46.16 -16.52 -30.47
CA ASP G 52 -46.42 -15.83 -29.20
C ASP G 52 -45.46 -16.34 -28.11
N PRO G 53 -44.68 -15.42 -27.48
CA PRO G 53 -43.78 -15.84 -26.40
C PRO G 53 -44.49 -16.27 -25.09
N GLU G 54 -45.57 -15.57 -24.73
CA GLU G 54 -46.38 -15.87 -23.52
C GLU G 54 -46.83 -17.33 -23.40
N ALA G 55 -47.24 -17.93 -24.54
CA ALA G 55 -47.70 -19.31 -24.61
C ALA G 55 -46.62 -20.25 -25.17
N SER G 56 -45.36 -20.04 -24.77
CA SER G 56 -44.22 -20.79 -25.32
C SER G 56 -43.16 -21.07 -24.26
N ARG G 57 -42.77 -22.35 -24.16
CA ARG G 57 -41.68 -22.80 -23.30
C ARG G 57 -40.36 -22.77 -24.09
N LYS G 58 -40.05 -21.61 -24.64
CA LYS G 58 -38.90 -21.41 -25.54
C LYS G 58 -38.12 -20.14 -25.14
N LEU G 59 -36.80 -20.19 -25.29
CA LEU G 59 -35.90 -19.13 -24.80
C LEU G 59 -35.30 -18.26 -25.89
N ILE G 60 -34.89 -18.88 -26.99
CA ILE G 60 -34.37 -18.19 -28.17
C ILE G 60 -35.46 -18.25 -29.26
N PHE G 61 -35.92 -17.08 -29.73
CA PHE G 61 -37.00 -16.99 -30.72
C PHE G 61 -36.48 -16.54 -32.09
N PRO G 62 -36.82 -17.29 -33.17
CA PRO G 62 -36.48 -16.82 -34.51
C PRO G 62 -37.45 -15.75 -34.98
N THR G 63 -37.06 -15.02 -36.03
CA THR G 63 -37.89 -13.96 -36.62
C THR G 63 -38.07 -14.18 -38.14
N SER G 64 -38.90 -13.35 -38.77
CA SER G 64 -39.13 -13.38 -40.23
C SER G 64 -37.86 -13.06 -41.02
N ASN G 65 -36.97 -12.27 -40.42
CA ASN G 65 -35.59 -12.12 -40.88
C ASN G 65 -34.79 -13.26 -40.28
N PRO G 66 -34.11 -14.08 -41.09
CA PRO G 66 -33.32 -15.18 -40.53
C PRO G 66 -31.97 -14.78 -39.91
N ASN G 67 -31.52 -13.54 -40.13
CA ASN G 67 -30.32 -12.98 -39.48
C ASN G 67 -30.56 -12.34 -38.12
N VAL G 68 -31.81 -12.38 -37.63
CA VAL G 68 -32.15 -11.82 -36.33
C VAL G 68 -32.91 -12.85 -35.52
N ARG G 69 -32.47 -13.04 -34.27
CA ARG G 69 -33.22 -13.84 -33.29
C ARG G 69 -33.45 -12.96 -32.07
N VAL G 70 -34.44 -13.28 -31.24
CA VAL G 70 -34.64 -12.49 -30.01
C VAL G 70 -34.60 -13.30 -28.73
N LEU G 71 -34.13 -12.64 -27.67
CA LEU G 71 -34.17 -13.18 -26.31
C LEU G 71 -35.20 -12.37 -25.50
N ILE G 72 -35.99 -13.10 -24.71
CA ILE G 72 -37.00 -12.50 -23.83
C ILE G 72 -36.49 -12.68 -22.41
N LEU G 73 -36.05 -11.57 -21.82
CA LEU G 73 -35.35 -11.55 -20.53
C LEU G 73 -36.11 -10.71 -19.51
N ARG G 74 -35.83 -10.92 -18.23
CA ARG G 74 -36.23 -9.93 -17.22
C ARG G 74 -35.51 -8.62 -17.60
N ALA G 75 -36.19 -7.49 -17.46
CA ALA G 75 -35.67 -6.19 -17.87
C ALA G 75 -34.29 -5.86 -17.32
N SER G 76 -34.04 -6.18 -16.05
CA SER G 76 -32.75 -5.89 -15.42
C SER G 76 -31.55 -6.68 -16.00
N ASP G 77 -31.82 -7.81 -16.67
CA ASP G 77 -30.80 -8.59 -17.37
C ASP G 77 -30.46 -8.12 -18.79
N VAL G 78 -31.28 -7.26 -19.38
CA VAL G 78 -31.04 -6.79 -20.75
C VAL G 78 -29.63 -6.14 -20.87
N PRO G 79 -29.30 -5.14 -20.03
CA PRO G 79 -27.95 -4.55 -20.16
C PRO G 79 -26.82 -5.55 -19.95
N THR G 80 -27.03 -6.57 -19.10
CA THR G 80 -26.04 -7.61 -18.84
C THR G 80 -25.75 -8.40 -20.09
N TYR G 81 -26.78 -8.95 -20.72
CA TYR G 81 -26.59 -9.71 -21.96
C TYR G 81 -25.95 -8.88 -23.07
N VAL G 82 -26.33 -7.60 -23.17
CA VAL G 82 -25.81 -6.72 -24.21
C VAL G 82 -24.35 -6.36 -23.97
N GLU G 83 -24.00 -5.86 -22.81
CA GLU G 83 -22.58 -5.47 -22.56
C GLU G 83 -21.56 -6.63 -22.71
N HIS G 84 -21.95 -7.84 -22.31
CA HIS G 84 -21.14 -9.06 -22.47
C HIS G 84 -21.16 -9.65 -23.88
N GLY G 85 -21.99 -9.09 -24.78
CA GLY G 85 -22.05 -9.54 -26.16
C GLY G 85 -22.87 -10.80 -26.42
N ALA G 86 -23.56 -11.33 -25.41
CA ALA G 86 -24.51 -12.44 -25.59
C ALA G 86 -25.77 -12.02 -26.36
N ALA G 87 -26.02 -10.71 -26.41
CA ALA G 87 -26.94 -10.09 -27.34
C ALA G 87 -26.24 -8.88 -27.91
N ASP G 88 -26.44 -8.63 -29.18
CA ASP G 88 -25.75 -7.52 -29.87
C ASP G 88 -26.42 -6.18 -29.59
N PHE G 89 -27.73 -6.23 -29.36
CA PHE G 89 -28.51 -5.03 -29.02
C PHE G 89 -29.75 -5.39 -28.23
N GLY G 90 -30.33 -4.40 -27.57
CA GLY G 90 -31.49 -4.63 -26.72
C GLY G 90 -32.36 -3.42 -26.48
N VAL G 91 -33.54 -3.68 -25.95
CA VAL G 91 -34.45 -2.62 -25.51
C VAL G 91 -34.56 -2.67 -23.99
N ALA G 92 -34.20 -1.57 -23.35
CA ALA G 92 -34.17 -1.50 -21.89
C ALA G 92 -34.63 -0.14 -21.43
N GLY G 93 -35.34 -0.12 -20.30
CA GLY G 93 -35.73 1.11 -19.64
C GLY G 93 -34.52 1.86 -19.14
N LYS G 94 -34.58 3.18 -19.21
CA LYS G 94 -33.51 4.06 -18.73
C LYS G 94 -33.33 3.95 -17.22
N ASP G 95 -34.39 3.57 -16.51
CA ASP G 95 -34.31 3.23 -15.08
C ASP G 95 -33.35 2.07 -14.86
N VAL G 96 -33.48 1.03 -15.69
CA VAL G 96 -32.62 -0.14 -15.60
C VAL G 96 -31.17 0.26 -15.94
N LEU G 97 -31.00 1.02 -17.02
CA LEU G 97 -29.68 1.45 -17.47
C LEU G 97 -29.00 2.32 -16.41
N LEU G 98 -29.74 3.23 -15.81
CA LEU G 98 -29.17 4.10 -14.77
C LEU G 98 -28.74 3.30 -13.55
N GLU G 99 -29.57 2.33 -13.17
CA GLU G 99 -29.30 1.50 -12.00
C GLU G 99 -28.12 0.58 -12.25
N HIS G 100 -28.09 -0.02 -13.43
CA HIS G 100 -27.06 -0.98 -13.81
C HIS G 100 -25.69 -0.33 -14.03
N GLY G 101 -25.68 0.86 -14.64
CA GLY G 101 -24.49 1.42 -15.26
C GLY G 101 -24.57 1.08 -16.75
N ALA G 102 -24.48 2.12 -17.60
CA ALA G 102 -24.51 1.98 -19.06
C ALA G 102 -23.16 2.35 -19.69
N ASN G 103 -22.06 2.14 -18.93
CA ASN G 103 -20.70 2.46 -19.37
C ASN G 103 -20.20 1.58 -20.51
N HIS G 104 -20.61 0.31 -20.51
CA HIS G 104 -20.14 -0.67 -21.51
C HIS G 104 -21.06 -0.90 -22.72
N VAL G 105 -22.13 -0.11 -22.84
CA VAL G 105 -23.00 -0.18 -24.00
C VAL G 105 -23.16 1.20 -24.63
N TYR G 106 -23.72 1.23 -25.83
CA TYR G 106 -24.07 2.46 -26.52
C TYR G 106 -25.58 2.66 -26.42
N GLU G 107 -26.00 3.77 -25.84
CA GLU G 107 -27.42 4.18 -25.84
C GLU G 107 -27.73 5.00 -27.10
N LEU G 108 -28.12 4.29 -28.14
CA LEU G 108 -28.31 4.89 -29.47
C LEU G 108 -29.60 5.70 -29.63
N LEU G 109 -30.71 5.17 -29.14
CA LEU G 109 -32.04 5.72 -29.43
C LEU G 109 -32.91 5.78 -28.21
N ASP G 110 -33.55 6.94 -28.02
CA ASP G 110 -34.75 7.02 -27.18
C ASP G 110 -35.95 6.59 -28.02
N LEU G 111 -36.48 5.40 -27.73
CA LEU G 111 -37.62 4.86 -28.44
C LEU G 111 -38.96 5.52 -28.05
N LYS G 112 -38.97 6.40 -27.04
CA LYS G 112 -40.18 7.10 -26.61
C LYS G 112 -41.35 6.14 -26.36
N ILE G 113 -41.04 4.94 -25.83
CA ILE G 113 -42.06 3.98 -25.41
C ILE G 113 -41.91 3.71 -23.92
N ALA G 114 -42.98 3.17 -23.34
CA ALA G 114 -43.07 2.89 -21.90
C ALA G 114 -42.56 4.07 -21.05
N GLN G 115 -43.07 5.26 -21.34
CA GLN G 115 -42.73 6.45 -20.57
C GLN G 115 -43.30 6.35 -19.17
N CYS G 116 -42.48 6.77 -18.22
CA CYS G 116 -42.85 6.83 -16.83
C CYS G 116 -41.79 7.74 -16.22
N LYS G 117 -41.66 7.75 -14.90
CA LYS G 117 -40.59 8.50 -14.26
C LYS G 117 -40.19 7.86 -12.93
N LEU G 118 -38.92 8.04 -12.58
CA LEU G 118 -38.40 7.56 -11.31
C LEU G 118 -38.77 8.61 -10.29
N MET G 119 -39.32 8.16 -9.18
CA MET G 119 -39.81 9.07 -8.14
C MET G 119 -39.54 8.49 -6.78
N THR G 120 -39.41 9.36 -5.78
CA THR G 120 -39.57 8.95 -4.38
C THR G 120 -41.04 8.83 -4.07
N ALA G 121 -41.39 8.04 -3.08
CA ALA G 121 -42.78 7.85 -2.67
C ALA G 121 -42.85 7.43 -1.20
N GLY G 122 -43.86 7.94 -0.51
CA GLY G 122 -44.06 7.68 0.92
C GLY G 122 -45.55 7.43 1.20
N VAL G 123 -45.84 7.19 2.48
CA VAL G 123 -47.23 7.04 2.95
C VAL G 123 -47.99 8.36 2.72
N LYS G 124 -49.27 8.26 2.35
CA LYS G 124 -50.06 9.45 2.02
C LYS G 124 -50.14 10.42 3.21
N ASP G 125 -49.66 11.66 2.98
CA ASP G 125 -49.64 12.76 3.96
C ASP G 125 -48.90 12.50 5.27
N ALA G 126 -48.06 11.46 5.30
CA ALA G 126 -47.11 11.24 6.40
C ALA G 126 -45.94 12.20 6.17
N PRO G 127 -45.55 12.99 7.17
CA PRO G 127 -44.40 13.89 6.96
C PRO G 127 -43.06 13.18 7.07
N LEU G 128 -42.05 13.71 6.39
CA LEU G 128 -40.67 13.22 6.49
C LEU G 128 -40.23 13.32 7.93
N PRO G 129 -39.80 12.20 8.55
CA PRO G 129 -39.14 12.33 9.85
C PRO G 129 -37.83 13.12 9.75
N ASN G 130 -37.48 13.78 10.87
CA ASN G 130 -36.33 14.68 10.91
C ASN G 130 -34.99 13.93 10.95
N ARG G 131 -35.01 12.65 11.30
CA ARG G 131 -33.85 11.79 11.37
C ARG G 131 -33.43 11.30 9.96
N ARG G 132 -32.38 10.47 9.92
CA ARG G 132 -31.83 9.92 8.71
C ARG G 132 -32.86 8.99 8.06
N LEU G 133 -33.12 9.22 6.78
CA LEU G 133 -34.18 8.49 6.08
C LEU G 133 -33.73 7.09 5.69
N ARG G 134 -34.68 6.17 5.73
CA ARG G 134 -34.51 4.81 5.21
C ARG G 134 -35.21 4.71 3.87
N ILE G 135 -34.47 4.32 2.82
CA ILE G 135 -35.04 4.09 1.50
C ILE G 135 -35.02 2.59 1.24
N ALA G 136 -36.19 2.05 0.87
CA ALA G 136 -36.31 0.66 0.51
C ALA G 136 -36.57 0.66 -0.97
N THR G 137 -35.68 0.07 -1.76
CA THR G 137 -35.80 0.13 -3.21
C THR G 137 -35.01 -0.92 -3.96
N LYS G 138 -35.54 -1.28 -5.12
CA LYS G 138 -34.80 -1.96 -6.19
C LYS G 138 -33.66 -1.06 -6.66
N TYR G 139 -33.94 0.23 -6.83
CA TYR G 139 -33.02 1.17 -7.47
C TYR G 139 -32.07 1.81 -6.48
N VAL G 140 -31.20 0.96 -5.95
CA VAL G 140 -30.25 1.31 -4.89
C VAL G 140 -29.25 2.38 -5.34
N ASN G 141 -28.65 2.19 -6.51
CA ASN G 141 -27.66 3.14 -7.03
C ASN G 141 -28.27 4.49 -7.41
N VAL G 142 -29.43 4.44 -8.05
CA VAL G 142 -30.19 5.65 -8.38
C VAL G 142 -30.57 6.40 -7.10
N ALA G 143 -31.09 5.65 -6.12
CA ALA G 143 -31.44 6.22 -4.83
C ALA G 143 -30.26 6.90 -4.18
N ARG G 144 -29.11 6.23 -4.08
CA ARG G 144 -27.91 6.83 -3.45
C ARG G 144 -27.52 8.12 -4.15
N ALA G 145 -27.49 8.06 -5.49
CA ALA G 145 -27.09 9.19 -6.31
C ALA G 145 -28.02 10.38 -6.09
N TYR G 146 -29.33 10.12 -6.20
CA TYR G 146 -30.35 11.16 -6.04
C TYR G 146 -30.28 11.84 -4.67
N PHE G 147 -30.40 11.09 -3.59
CA PHE G 147 -30.34 11.66 -2.25
C PHE G 147 -28.98 12.32 -1.94
N ALA G 148 -27.92 11.89 -2.62
CA ALA G 148 -26.63 12.58 -2.54
C ALA G 148 -26.71 13.96 -3.17
N SER G 149 -27.29 14.05 -4.37
CA SER G 149 -27.45 15.33 -5.08
C SER G 149 -28.36 16.33 -4.33
N GLN G 150 -29.25 15.81 -3.47
CA GLN G 150 -30.05 16.66 -2.57
C GLN G 150 -29.35 16.92 -1.22
N GLY G 151 -28.07 16.55 -1.09
CA GLY G 151 -27.33 16.66 0.16
C GLY G 151 -28.02 16.03 1.36
N GLN G 152 -28.63 14.86 1.15
CA GLN G 152 -29.36 14.19 2.19
C GLN G 152 -28.75 12.81 2.49
N GLN G 153 -28.65 12.51 3.78
CA GLN G 153 -28.02 11.29 4.23
C GLN G 153 -29.10 10.21 4.30
N VAL G 154 -28.81 9.01 3.77
CA VAL G 154 -29.77 7.92 3.74
C VAL G 154 -29.17 6.56 4.09
N ASP G 155 -30.05 5.70 4.54
CA ASP G 155 -29.79 4.30 4.74
C ASP G 155 -30.62 3.61 3.69
N VAL G 156 -29.97 2.90 2.76
CA VAL G 156 -30.67 2.26 1.66
C VAL G 156 -30.80 0.77 1.92
N ILE G 157 -31.98 0.22 1.63
CA ILE G 157 -32.25 -1.19 1.77
C ILE G 157 -32.64 -1.75 0.40
N LYS G 158 -31.85 -2.71 -0.10
CA LYS G 158 -32.12 -3.37 -1.38
C LYS G 158 -33.33 -4.28 -1.26
N LEU G 159 -34.28 -4.08 -2.18
CA LEU G 159 -35.40 -4.99 -2.38
C LEU G 159 -35.36 -5.51 -3.81
N TYR G 160 -35.70 -6.79 -3.98
CA TYR G 160 -35.81 -7.41 -5.28
C TYR G 160 -37.26 -7.41 -5.83
N GLY G 161 -38.24 -7.49 -4.96
CA GLY G 161 -39.65 -7.56 -5.38
C GLY G 161 -40.35 -6.22 -5.38
N SER G 162 -41.68 -6.26 -5.31
CA SER G 162 -42.49 -5.03 -5.28
C SER G 162 -42.24 -4.23 -4.01
N MET G 163 -42.37 -2.92 -4.13
CA MET G 163 -41.89 -1.99 -3.11
C MET G 163 -42.98 -1.26 -2.31
N GLU G 164 -44.23 -1.33 -2.76
CA GLU G 164 -45.33 -0.59 -2.15
C GLU G 164 -45.56 -0.95 -0.69
N LEU G 165 -45.33 -2.21 -0.36
CA LEU G 165 -45.46 -2.70 1.01
C LEU G 165 -44.45 -2.09 2.00
N ALA G 166 -43.27 -1.73 1.54
CA ALA G 166 -42.19 -1.37 2.47
C ALA G 166 -42.53 -0.24 3.46
N PRO G 167 -43.07 0.90 2.97
CA PRO G 167 -43.46 1.97 3.92
C PRO G 167 -44.61 1.61 4.87
N LEU G 168 -45.51 0.74 4.44
CA LEU G 168 -46.68 0.32 5.23
C LEU G 168 -46.34 -0.54 6.45
N VAL G 169 -45.17 -1.17 6.47
CA VAL G 169 -44.71 -1.96 7.62
C VAL G 169 -43.41 -1.40 8.22
N GLY G 170 -43.09 -0.18 7.83
CA GLY G 170 -41.96 0.54 8.40
C GLY G 170 -40.56 0.09 7.99
N LEU G 171 -40.47 -0.73 6.94
CA LEU G 171 -39.17 -1.16 6.45
C LEU G 171 -38.31 0.04 6.02
N GLY G 172 -38.95 0.95 5.28
CA GLY G 172 -38.36 2.23 4.99
C GLY G 172 -39.37 3.37 5.08
N ASP G 173 -38.86 4.59 5.13
CA ASP G 173 -39.69 5.79 5.12
C ASP G 173 -40.18 6.12 3.71
N LEU G 174 -39.28 5.98 2.74
CA LEU G 174 -39.63 6.15 1.33
C LEU G 174 -39.23 4.96 0.49
N ILE G 175 -39.78 4.91 -0.71
CA ILE G 175 -39.33 4.01 -1.74
C ILE G 175 -38.93 4.84 -2.95
N VAL G 176 -38.11 4.24 -3.81
CA VAL G 176 -37.81 4.77 -5.13
C VAL G 176 -38.35 3.75 -6.12
N ASP G 177 -39.15 4.21 -7.06
CA ASP G 177 -39.80 3.34 -8.01
C ASP G 177 -40.18 4.13 -9.26
N VAL G 178 -40.45 3.39 -10.34
CA VAL G 178 -40.97 3.99 -11.56
C VAL G 178 -42.49 4.17 -11.40
N VAL G 179 -42.99 5.35 -11.74
CA VAL G 179 -44.43 5.64 -11.63
C VAL G 179 -44.94 6.18 -12.97
N ASP G 180 -46.02 5.61 -13.48
CA ASP G 180 -46.68 6.11 -14.70
C ASP G 180 -47.92 6.92 -14.31
N THR G 181 -49.04 6.25 -14.05
CA THR G 181 -50.28 6.91 -13.62
C THR G 181 -50.17 7.23 -12.13
N GLY G 182 -49.62 6.28 -11.36
CA GLY G 182 -49.57 6.38 -9.90
C GLY G 182 -50.70 5.62 -9.21
N ASN G 183 -51.49 4.89 -10.00
CA ASN G 183 -52.64 4.15 -9.49
C ASN G 183 -52.26 3.11 -8.45
N THR G 184 -51.11 2.47 -8.65
CA THR G 184 -50.63 1.45 -7.73
C THR G 184 -50.27 2.06 -6.39
N LEU G 185 -49.70 3.27 -6.41
CA LEU G 185 -49.32 3.99 -5.20
C LEU G 185 -50.55 4.38 -4.37
N ARG G 186 -51.52 5.02 -5.03
CA ARG G 186 -52.75 5.48 -4.36
C ARG G 186 -53.59 4.33 -3.82
N ALA G 187 -53.75 3.26 -4.60
CA ALA G 187 -54.43 2.05 -4.15
C ALA G 187 -53.83 1.41 -2.89
N ASN G 188 -52.57 1.70 -2.58
CA ASN G 188 -51.91 1.20 -1.36
C ASN G 188 -51.64 2.25 -0.28
N GLY G 189 -52.31 3.39 -0.38
CA GLY G 189 -52.14 4.48 0.59
C GLY G 189 -50.84 5.25 0.47
N LEU G 190 -50.17 5.14 -0.67
CA LEU G 190 -48.92 5.87 -0.94
C LEU G 190 -49.13 6.97 -1.95
N GLU G 191 -48.22 7.94 -1.95
CA GLU G 191 -48.25 9.05 -2.91
C GLU G 191 -46.85 9.35 -3.41
N ALA G 192 -46.74 9.63 -4.71
CA ALA G 192 -45.48 10.13 -5.27
C ALA G 192 -45.07 11.40 -4.52
N ARG G 193 -43.78 11.55 -4.22
CA ARG G 193 -43.28 12.71 -3.50
C ARG G 193 -42.40 13.55 -4.44
N ASP G 194 -41.13 13.17 -4.63
CA ASP G 194 -40.18 13.91 -5.49
C ASP G 194 -39.97 13.24 -6.85
N HIS G 195 -39.72 14.06 -7.86
CA HIS G 195 -39.41 13.58 -9.20
C HIS G 195 -37.89 13.47 -9.29
N ILE G 196 -37.40 12.28 -9.67
CA ILE G 196 -35.97 12.02 -9.78
C ILE G 196 -35.51 12.28 -11.20
N CYS G 197 -36.12 11.59 -12.15
CA CYS G 197 -35.87 11.82 -13.58
C CYS G 197 -36.90 11.11 -14.45
N ASP G 198 -36.94 11.48 -15.72
CA ASP G 198 -37.86 10.88 -16.70
C ASP G 198 -37.26 9.61 -17.22
N VAL G 199 -38.12 8.65 -17.53
CA VAL G 199 -37.70 7.31 -17.96
C VAL G 199 -38.49 6.91 -19.20
N SER G 200 -37.79 6.32 -20.15
CA SER G 200 -38.41 5.66 -21.31
C SER G 200 -37.50 4.54 -21.74
N SER G 201 -37.98 3.69 -22.64
CA SER G 201 -37.16 2.61 -23.15
C SER G 201 -36.19 3.13 -24.21
N ARG G 202 -34.99 2.54 -24.21
CA ARG G 202 -33.88 2.95 -25.05
C ARG G 202 -33.39 1.76 -25.84
N LEU G 203 -32.81 2.03 -27.01
CA LEU G 203 -32.13 1.00 -27.77
C LEU G 203 -30.66 1.07 -27.42
N ILE G 204 -30.16 -0.03 -26.83
CA ILE G 204 -28.75 -0.14 -26.47
C ILE G 204 -28.09 -1.14 -27.40
N VAL G 205 -26.80 -0.92 -27.64
CA VAL G 205 -26.01 -1.75 -28.54
C VAL G 205 -24.66 -2.07 -27.91
N ASN G 206 -24.24 -3.31 -28.07
CA ASN G 206 -22.90 -3.75 -27.68
C ASN G 206 -21.84 -2.98 -28.48
N GLN G 207 -20.79 -2.50 -27.81
CA GLN G 207 -19.73 -1.72 -28.47
C GLN G 207 -19.06 -2.42 -29.65
N VAL G 208 -18.75 -3.70 -29.47
CA VAL G 208 -18.08 -4.49 -30.49
C VAL G 208 -19.04 -4.76 -31.63
N SER G 209 -20.27 -5.19 -31.32
CA SER G 209 -21.28 -5.42 -32.35
C SER G 209 -21.55 -4.18 -33.22
N TYR G 210 -21.50 -3.00 -32.63
CA TYR G 210 -21.70 -1.76 -33.39
C TYR G 210 -20.59 -1.54 -34.43
N LYS G 211 -19.38 -1.97 -34.10
CA LYS G 211 -18.21 -1.84 -34.98
C LYS G 211 -18.19 -2.97 -36.01
N ARG G 212 -18.35 -4.22 -35.57
CA ARG G 212 -18.30 -5.38 -36.46
C ARG G 212 -19.53 -5.61 -37.33
N LYS G 213 -20.72 -5.24 -36.85
CA LYS G 213 -21.98 -5.60 -37.53
C LYS G 213 -22.88 -4.41 -37.87
N PHE G 214 -22.30 -3.23 -38.06
CA PHE G 214 -23.05 -2.03 -38.44
C PHE G 214 -23.96 -2.21 -39.66
N ALA G 215 -23.49 -2.97 -40.65
CA ALA G 215 -24.23 -3.22 -41.89
C ALA G 215 -25.56 -3.92 -41.63
N LEU G 216 -25.55 -4.88 -40.70
CA LEU G 216 -26.78 -5.53 -40.27
C LEU G 216 -27.64 -4.61 -39.39
N LEU G 217 -27.00 -3.82 -38.52
CA LEU G 217 -27.73 -2.93 -37.60
C LEU G 217 -28.40 -1.73 -38.27
N GLU G 218 -27.65 -1.02 -39.13
CA GLU G 218 -28.10 0.27 -39.71
C GLU G 218 -29.55 0.32 -40.23
N PRO G 219 -29.96 -0.60 -41.14
CA PRO G 219 -31.36 -0.56 -41.62
C PRO G 219 -32.36 -0.66 -40.48
N ILE G 220 -32.13 -1.59 -39.57
CA ILE G 220 -32.99 -1.80 -38.39
C ILE G 220 -33.02 -0.52 -37.52
N LEU G 221 -31.89 0.13 -37.33
CA LEU G 221 -31.85 1.39 -36.57
C LEU G 221 -32.53 2.56 -37.32
N ASP G 222 -32.34 2.63 -38.64
CA ASP G 222 -33.03 3.62 -39.46
C ASP G 222 -34.54 3.41 -39.41
N SER G 223 -34.98 2.15 -39.50
CA SER G 223 -36.40 1.82 -39.41
C SER G 223 -37.02 2.19 -38.07
N PHE G 224 -36.33 1.86 -36.97
CA PHE G 224 -36.75 2.30 -35.63
C PHE G 224 -36.82 3.82 -35.54
N LYS G 225 -35.77 4.51 -36.00
CA LYS G 225 -35.73 5.99 -35.98
C LYS G 225 -36.92 6.59 -36.74
N ASN G 226 -37.23 6.00 -37.88
CA ASN G 226 -38.35 6.44 -38.73
C ASN G 226 -39.71 6.14 -38.06
N SER G 227 -39.86 4.91 -37.54
CA SER G 227 -41.06 4.51 -36.79
C SER G 227 -41.39 5.43 -35.61
N ILE G 228 -40.37 5.98 -34.97
CA ILE G 228 -40.52 7.06 -34.01
C ILE G 228 -40.78 8.33 -34.83
N GLU H 21 49.62 -4.71 -12.57
CA GLU H 21 51.07 -4.52 -12.24
C GLU H 21 51.54 -5.27 -10.97
N PHE H 22 50.76 -5.21 -9.90
CA PHE H 22 51.14 -5.81 -8.59
C PHE H 22 50.43 -7.13 -8.30
N LEU H 23 51.23 -8.21 -8.21
CA LEU H 23 50.69 -9.56 -8.06
C LEU H 23 50.62 -10.04 -6.61
N GLY H 24 51.23 -9.30 -5.71
CA GLY H 24 51.29 -9.67 -4.28
C GLY H 24 50.06 -9.31 -3.46
N LEU H 25 50.24 -9.19 -2.15
CA LEU H 25 49.16 -8.82 -1.23
C LEU H 25 49.22 -7.34 -0.92
N THR H 26 48.04 -6.71 -0.92
CA THR H 26 47.89 -5.31 -0.49
C THR H 26 47.18 -5.34 0.88
N LEU H 27 47.81 -4.70 1.87
CA LEU H 27 47.34 -4.69 3.26
C LEU H 27 46.88 -3.29 3.62
N ALA H 28 45.64 -3.18 4.07
CA ALA H 28 45.05 -1.88 4.43
C ALA H 28 45.14 -1.68 5.92
N LEU H 29 45.80 -0.60 6.36
CA LEU H 29 45.91 -0.28 7.77
C LEU H 29 45.24 1.05 8.11
N SER H 30 44.66 1.11 9.31
CA SER H 30 44.09 2.34 9.87
C SER H 30 45.22 3.26 10.33
N LYS H 31 44.96 4.57 10.32
CA LYS H 31 46.00 5.59 10.55
C LYS H 31 46.74 5.62 11.92
N GLY H 32 46.07 5.91 13.02
CA GLY H 32 46.74 6.34 14.26
C GLY H 32 47.25 5.26 15.20
N ARG H 33 46.44 4.91 16.20
CA ARG H 33 46.83 3.96 17.23
C ARG H 33 46.94 2.51 16.73
N ILE H 34 46.03 2.11 15.86
CA ILE H 34 46.05 0.77 15.24
C ILE H 34 47.42 0.53 14.60
N LEU H 35 47.89 1.49 13.80
CA LEU H 35 49.19 1.40 13.13
C LEU H 35 50.34 1.10 14.11
N GLU H 36 50.36 1.82 15.24
CA GLU H 36 51.38 1.60 16.27
C GLU H 36 51.34 0.16 16.78
N GLU H 37 50.16 -0.29 17.23
CA GLU H 37 49.99 -1.62 17.82
C GLU H 37 50.11 -2.79 16.84
N THR H 38 49.91 -2.53 15.55
CA THR H 38 50.03 -3.55 14.47
C THR H 38 51.47 -3.77 13.99
N MET H 39 52.29 -2.73 13.99
CA MET H 39 53.70 -2.83 13.54
C MET H 39 54.50 -4.02 14.11
N PRO H 40 54.40 -4.30 15.43
CA PRO H 40 54.96 -5.53 16.02
C PRO H 40 54.56 -6.84 15.34
N LEU H 41 53.24 -7.02 15.14
CA LEU H 41 52.70 -8.22 14.48
C LEU H 41 53.26 -8.38 13.06
N LEU H 42 53.37 -7.25 12.35
CA LEU H 42 53.92 -7.21 11.00
C LEU H 42 55.38 -7.60 10.96
N ARG H 43 56.18 -7.03 11.87
CA ARG H 43 57.60 -7.36 11.99
C ARG H 43 57.84 -8.85 12.26
N ALA H 44 57.01 -9.43 13.13
CA ALA H 44 57.07 -10.87 13.43
C ALA H 44 56.73 -11.75 12.22
N ALA H 45 55.85 -11.27 11.34
CA ALA H 45 55.50 -11.98 10.09
C ALA H 45 56.37 -11.63 8.88
N GLY H 46 57.39 -10.78 9.07
CA GLY H 46 58.35 -10.46 8.02
C GLY H 46 57.98 -9.29 7.13
N VAL H 47 57.15 -8.38 7.65
CA VAL H 47 56.50 -7.32 6.86
C VAL H 47 56.64 -5.94 7.53
N GLU H 48 57.87 -5.54 7.82
CA GLU H 48 58.12 -4.19 8.38
C GLU H 48 58.01 -3.14 7.27
N LEU H 49 57.45 -1.98 7.61
CA LEU H 49 57.47 -0.82 6.72
C LEU H 49 58.93 -0.37 6.52
N LEU H 50 59.23 0.13 5.33
CA LEU H 50 60.55 0.70 5.04
C LEU H 50 60.74 2.11 5.65
N GLU H 51 59.66 2.82 5.96
CA GLU H 51 59.75 4.20 6.47
C GLU H 51 58.55 4.57 7.36
N ASP H 52 58.66 5.71 8.04
CA ASP H 52 57.58 6.21 8.91
C ASP H 52 56.45 6.82 8.06
N PRO H 53 55.20 6.32 8.22
CA PRO H 53 54.08 6.90 7.47
C PRO H 53 53.65 8.32 7.91
N GLU H 54 53.70 8.57 9.23
CA GLU H 54 53.35 9.90 9.84
C GLU H 54 54.10 11.09 9.19
N ALA H 55 55.39 10.90 8.91
CA ALA H 55 56.23 11.93 8.31
C ALA H 55 56.45 11.69 6.80
N SER H 56 55.38 11.28 6.10
CA SER H 56 55.47 10.91 4.68
C SER H 56 54.23 11.30 3.89
N ARG H 57 54.46 12.00 2.77
CA ARG H 57 53.40 12.39 1.83
C ARG H 57 53.32 11.30 0.73
N LYS H 58 53.11 10.05 1.17
CA LYS H 58 53.10 8.88 0.30
C LYS H 58 51.90 7.97 0.62
N LEU H 59 51.37 7.35 -0.44
CA LEU H 59 50.07 6.62 -0.37
C LEU H 59 50.20 5.10 -0.36
N ILE H 60 51.08 4.57 -1.21
CA ILE H 60 51.41 3.14 -1.26
C ILE H 60 52.80 2.95 -0.64
N PHE H 61 52.89 2.14 0.41
CA PHE H 61 54.17 1.88 1.11
C PHE H 61 54.67 0.45 0.83
N PRO H 62 55.94 0.31 0.38
CA PRO H 62 56.52 -1.03 0.26
C PRO H 62 56.98 -1.57 1.62
N THR H 63 57.22 -2.88 1.69
CA THR H 63 57.70 -3.53 2.91
C THR H 63 58.97 -4.35 2.66
N SER H 64 59.55 -4.90 3.74
CA SER H 64 60.76 -5.75 3.65
C SER H 64 60.49 -7.04 2.86
N ASN H 65 59.25 -7.50 2.89
CA ASN H 65 58.74 -8.51 1.97
C ASN H 65 58.31 -7.80 0.70
N PRO H 66 58.86 -8.20 -0.47
CA PRO H 66 58.48 -7.54 -1.71
C PRO H 66 57.12 -7.95 -2.28
N ASN H 67 56.51 -9.03 -1.75
CA ASN H 67 55.15 -9.43 -2.12
C ASN H 67 54.04 -8.73 -1.34
N VAL H 68 54.39 -7.83 -0.41
CA VAL H 68 53.41 -7.13 0.40
C VAL H 68 53.68 -5.63 0.33
N ARG H 69 52.62 -4.87 0.09
CA ARG H 69 52.65 -3.40 0.20
C ARG H 69 51.53 -3.01 1.16
N VAL H 70 51.59 -1.82 1.77
CA VAL H 70 50.49 -1.38 2.62
C VAL H 70 49.86 -0.05 2.18
N LEU H 71 48.56 0.06 2.46
CA LEU H 71 47.82 1.30 2.31
C LEU H 71 47.49 1.84 3.73
N ILE H 72 47.67 3.15 3.89
CA ILE H 72 47.37 3.84 5.14
C ILE H 72 46.12 4.69 4.88
N LEU H 73 45.01 4.23 5.45
CA LEU H 73 43.68 4.78 5.17
C LEU H 73 43.05 5.32 6.44
N ARG H 74 42.06 6.20 6.27
CA ARG H 74 41.17 6.50 7.38
C ARG H 74 40.46 5.17 7.74
N ALA H 75 40.27 4.94 9.04
CA ALA H 75 39.83 3.63 9.53
C ALA H 75 38.51 3.16 8.88
N SER H 76 37.57 4.08 8.68
CA SER H 76 36.27 3.74 8.11
C SER H 76 36.30 3.28 6.63
N ASP H 77 37.39 3.60 5.92
CA ASP H 77 37.63 3.14 4.54
C ASP H 77 38.30 1.76 4.43
N VAL H 78 38.83 1.22 5.51
CA VAL H 78 39.49 -0.08 5.46
C VAL H 78 38.53 -1.18 4.92
N PRO H 79 37.33 -1.34 5.52
CA PRO H 79 36.42 -2.36 4.98
C PRO H 79 36.04 -2.15 3.52
N THR H 80 35.95 -0.88 3.09
CA THR H 80 35.61 -0.54 1.71
C THR H 80 36.67 -1.05 0.74
N TYR H 81 37.93 -0.69 0.98
CA TYR H 81 39.03 -1.15 0.13
C TYR H 81 39.14 -2.68 0.10
N VAL H 82 38.92 -3.34 1.22
CA VAL H 82 39.04 -4.78 1.32
C VAL H 82 37.89 -5.48 0.58
N GLU H 83 36.64 -5.16 0.88
CA GLU H 83 35.51 -5.85 0.22
C GLU H 83 35.50 -5.71 -1.32
N HIS H 84 35.90 -4.54 -1.84
CA HIS H 84 36.02 -4.28 -3.28
C HIS H 84 37.31 -4.85 -3.92
N GLY H 85 38.20 -5.42 -3.11
CA GLY H 85 39.41 -6.07 -3.61
C GLY H 85 40.57 -5.15 -3.95
N ALA H 86 40.45 -3.85 -3.68
CA ALA H 86 41.57 -2.91 -3.82
C ALA H 86 42.68 -3.14 -2.78
N ALA H 87 42.32 -3.83 -1.71
CA ALA H 87 43.27 -4.40 -0.77
C ALA H 87 42.80 -5.81 -0.49
N ASP H 88 43.74 -6.72 -0.32
CA ASP H 88 43.42 -8.13 -0.14
C ASP H 88 43.05 -8.45 1.28
N PHE H 89 43.62 -7.69 2.21
CA PHE H 89 43.32 -7.84 3.63
C PHE H 89 43.60 -6.55 4.39
N GLY H 90 43.06 -6.44 5.60
CA GLY H 90 43.17 -5.21 6.36
C GLY H 90 43.00 -5.39 7.85
N VAL H 91 43.39 -4.35 8.58
CA VAL H 91 43.16 -4.28 10.02
C VAL H 91 42.15 -3.18 10.29
N ALA H 92 41.03 -3.55 10.90
CA ALA H 92 39.94 -2.61 11.17
C ALA H 92 39.34 -2.87 12.53
N GLY H 93 38.93 -1.77 13.19
CA GLY H 93 38.23 -1.87 14.46
C GLY H 93 36.88 -2.49 14.27
N LYS H 94 36.42 -3.25 15.24
CA LYS H 94 35.10 -3.87 15.22
C LYS H 94 33.98 -2.85 15.26
N ASP H 95 34.26 -1.67 15.81
CA ASP H 95 33.34 -0.52 15.71
C ASP H 95 33.10 -0.14 14.26
N VAL H 96 34.17 -0.07 13.48
CA VAL H 96 34.10 0.26 12.06
C VAL H 96 33.34 -0.85 11.32
N LEU H 97 33.69 -2.11 11.59
CA LEU H 97 33.06 -3.25 10.93
C LEU H 97 31.57 -3.30 11.25
N LEU H 98 31.20 -3.06 12.50
CA LEU H 98 29.78 -3.07 12.89
C LEU H 98 29.00 -1.98 12.20
N GLU H 99 29.60 -0.79 12.13
CA GLU H 99 28.96 0.37 11.52
C GLU H 99 28.84 0.21 10.02
N HIS H 100 29.90 -0.29 9.39
CA HIS H 100 29.95 -0.46 7.94
C HIS H 100 29.05 -1.60 7.44
N GLY H 101 28.99 -2.70 8.18
CA GLY H 101 28.55 -4.01 7.67
C GLY H 101 29.80 -4.80 7.26
N ALA H 102 29.99 -6.00 7.79
CA ALA H 102 31.13 -6.88 7.43
C ALA H 102 30.70 -8.15 6.65
N ASN H 103 29.65 -8.01 5.88
CA ASN H 103 28.99 -9.09 5.15
C ASN H 103 29.83 -9.59 3.98
N HIS H 104 30.60 -8.71 3.33
CA HIS H 104 31.39 -9.06 2.16
C HIS H 104 32.87 -9.40 2.40
N VAL H 105 33.28 -9.45 3.66
CA VAL H 105 34.64 -9.81 4.03
C VAL H 105 34.64 -10.97 5.02
N TYR H 106 35.81 -11.55 5.21
CA TYR H 106 36.02 -12.59 6.21
C TYR H 106 36.74 -11.95 7.41
N GLU H 107 36.11 -11.99 8.60
CA GLU H 107 36.74 -11.62 9.86
C GLU H 107 37.50 -12.84 10.43
N LEU H 108 38.76 -12.96 10.02
CA LEU H 108 39.59 -14.12 10.36
C LEU H 108 40.13 -14.14 11.79
N LEU H 109 40.61 -12.99 12.28
CA LEU H 109 41.24 -12.90 13.58
C LEU H 109 40.76 -11.73 14.40
N ASP H 110 40.52 -11.98 15.68
CA ASP H 110 40.56 -10.93 16.70
C ASP H 110 42.02 -10.73 17.10
N LEU H 111 42.60 -9.61 16.68
CA LEU H 111 43.99 -9.28 17.01
C LEU H 111 44.21 -8.82 18.46
N LYS H 112 43.13 -8.65 19.24
CA LYS H 112 43.23 -8.23 20.65
C LYS H 112 44.12 -7.00 20.83
N ILE H 113 44.07 -6.07 19.87
CA ILE H 113 44.77 -4.78 19.98
C ILE H 113 43.75 -3.64 19.92
N ALA H 114 44.21 -2.46 20.34
CA ALA H 114 43.39 -1.24 20.42
C ALA H 114 42.01 -1.50 21.03
N GLN H 115 42.02 -2.13 22.18
CA GLN H 115 40.80 -2.43 22.93
C GLN H 115 40.19 -1.13 23.44
N CYS H 116 38.89 -1.06 23.33
CA CYS H 116 38.10 0.05 23.85
C CYS H 116 36.68 -0.48 23.86
N LYS H 117 35.69 0.38 23.97
CA LYS H 117 34.30 -0.07 23.89
C LYS H 117 33.40 1.03 23.34
N LEU H 118 32.33 0.60 22.68
CA LEU H 118 31.33 1.52 22.16
C LEU H 118 30.41 1.81 23.32
N MET H 119 30.13 3.09 23.53
CA MET H 119 29.31 3.52 24.66
C MET H 119 28.41 4.66 24.26
N THR H 120 27.27 4.78 24.94
CA THR H 120 26.50 6.03 24.94
C THR H 120 27.18 6.98 25.92
N ALA H 121 26.97 8.28 25.72
CA ALA H 121 27.53 9.29 26.61
C ALA H 121 26.69 10.56 26.54
N GLY H 122 26.57 11.24 27.68
CA GLY H 122 25.79 12.45 27.82
C GLY H 122 26.49 13.48 28.68
N VAL H 123 25.85 14.65 28.84
CA VAL H 123 26.36 15.70 29.73
C VAL H 123 26.37 15.19 31.18
N LYS H 124 27.38 15.59 31.95
CA LYS H 124 27.51 15.17 33.34
C LYS H 124 26.25 15.50 34.17
N ASP H 125 25.63 14.46 34.73
CA ASP H 125 24.43 14.54 35.59
C ASP H 125 23.19 15.25 34.98
N ALA H 126 23.16 15.34 33.65
CA ALA H 126 22.00 15.86 32.93
C ALA H 126 20.95 14.78 32.88
N PRO H 127 19.69 15.09 33.25
CA PRO H 127 18.65 14.08 33.17
C PRO H 127 18.13 13.81 31.77
N LEU H 128 17.65 12.58 31.54
CA LEU H 128 16.99 12.23 30.28
C LEU H 128 15.77 13.10 30.12
N PRO H 129 15.65 13.84 29.00
CA PRO H 129 14.38 14.47 28.71
C PRO H 129 13.25 13.45 28.50
N ASN H 130 12.02 13.87 28.75
CA ASN H 130 10.82 13.05 28.56
C ASN H 130 10.47 12.82 27.08
N ARG H 131 10.99 13.67 26.18
CA ARG H 131 10.72 13.53 24.75
C ARG H 131 11.64 12.47 24.12
N ARG H 132 11.48 12.28 22.81
CA ARG H 132 12.26 11.30 22.05
C ARG H 132 13.72 11.74 22.01
N LEU H 133 14.63 10.84 22.37
CA LEU H 133 16.04 11.17 22.43
C LEU H 133 16.73 11.39 21.09
N ARG H 134 17.64 12.36 21.07
CA ARG H 134 18.44 12.65 19.90
C ARG H 134 19.86 12.10 20.12
N ILE H 135 20.33 11.26 19.20
CA ILE H 135 21.70 10.75 19.24
C ILE H 135 22.48 11.41 18.10
N ALA H 136 23.62 11.99 18.44
CA ALA H 136 24.49 12.61 17.46
C ALA H 136 25.71 11.73 17.44
N THR H 137 25.99 11.11 16.28
CA THR H 137 27.07 10.14 16.21
C THR H 137 27.56 9.85 14.81
N LYS H 138 28.84 9.50 14.74
CA LYS H 138 29.44 8.82 13.59
C LYS H 138 28.74 7.47 13.39
N TYR H 139 28.53 6.75 14.49
CA TYR H 139 28.07 5.37 14.47
C TYR H 139 26.54 5.27 14.42
N VAL H 140 25.99 5.72 13.31
CA VAL H 140 24.57 5.81 13.08
C VAL H 140 23.87 4.46 13.10
N ASN H 141 24.43 3.47 12.39
CA ASN H 141 23.86 2.12 12.34
C ASN H 141 23.96 1.39 13.66
N VAL H 142 25.11 1.50 14.32
CA VAL H 142 25.30 0.94 15.67
C VAL H 142 24.31 1.58 16.64
N ALA H 143 24.20 2.90 16.61
CA ALA H 143 23.26 3.62 17.43
C ALA H 143 21.83 3.13 17.22
N ARG H 144 21.37 3.06 15.98
CA ARG H 144 20.00 2.58 15.69
C ARG H 144 19.78 1.19 16.24
N ALA H 145 20.73 0.30 15.98
CA ALA H 145 20.67 -1.09 16.41
C ALA H 145 20.60 -1.21 17.93
N TYR H 146 21.51 -0.52 18.61
CA TYR H 146 21.57 -0.54 20.08
C TYR H 146 20.26 -0.06 20.72
N PHE H 147 19.85 1.16 20.42
CA PHE H 147 18.61 1.71 20.99
C PHE H 147 17.37 0.89 20.58
N ALA H 148 17.43 0.21 19.43
CA ALA H 148 16.39 -0.74 19.04
C ALA H 148 16.34 -1.94 19.98
N SER H 149 17.51 -2.53 20.27
CA SER H 149 17.59 -3.67 21.19
C SER H 149 17.16 -3.32 22.63
N GLN H 150 17.24 -2.04 23.00
CA GLN H 150 16.68 -1.56 24.27
C GLN H 150 15.21 -1.12 24.16
N GLY H 151 14.55 -1.43 23.04
CA GLY H 151 13.18 -1.00 22.78
C GLY H 151 12.93 0.48 22.94
N GLN H 152 13.87 1.30 22.47
CA GLN H 152 13.76 2.74 22.63
C GLN H 152 13.80 3.44 21.27
N GLN H 153 12.94 4.44 21.12
CA GLN H 153 12.86 5.19 19.86
C GLN H 153 13.86 6.35 19.95
N VAL H 154 14.61 6.55 18.87
CA VAL H 154 15.57 7.65 18.78
C VAL H 154 15.54 8.36 17.43
N ASP H 155 16.03 9.58 17.46
CA ASP H 155 16.27 10.40 16.29
C ASP H 155 17.78 10.48 16.20
N VAL H 156 18.35 9.96 15.12
CA VAL H 156 19.80 9.91 14.96
C VAL H 156 20.27 11.01 14.02
N ILE H 157 21.37 11.65 14.39
CA ILE H 157 21.99 12.71 13.60
C ILE H 157 23.42 12.25 13.25
N LYS H 158 23.69 12.12 11.94
CA LYS H 158 25.02 11.72 11.47
C LYS H 158 26.01 12.85 11.68
N LEU H 159 27.13 12.53 12.32
CA LEU H 159 28.30 13.41 12.40
C LEU H 159 29.49 12.72 11.76
N TYR H 160 30.28 13.50 11.04
CA TYR H 160 31.54 13.03 10.46
C TYR H 160 32.74 13.35 11.35
N GLY H 161 32.71 14.46 12.07
CA GLY H 161 33.84 14.90 12.91
C GLY H 161 33.73 14.47 14.36
N SER H 162 34.39 15.23 15.23
CA SER H 162 34.38 14.96 16.67
C SER H 162 32.98 15.14 17.24
N MET H 163 32.68 14.34 18.27
CA MET H 163 31.33 14.21 18.79
C MET H 163 31.10 14.81 20.18
N GLU H 164 32.19 15.13 20.89
CA GLU H 164 32.09 15.59 22.29
C GLU H 164 31.32 16.91 22.39
N LEU H 165 31.46 17.76 21.37
CA LEU H 165 30.76 19.02 21.30
C LEU H 165 29.23 18.90 21.22
N ALA H 166 28.72 17.84 20.59
CA ALA H 166 27.31 17.80 20.25
C ALA H 166 26.34 18.00 21.42
N PRO H 167 26.52 17.26 22.54
CA PRO H 167 25.64 17.48 23.69
C PRO H 167 25.73 18.87 24.35
N LEU H 168 26.92 19.46 24.31
CA LEU H 168 27.20 20.76 24.92
C LEU H 168 26.51 21.94 24.24
N VAL H 169 26.10 21.80 22.98
CA VAL H 169 25.37 22.85 22.26
C VAL H 169 23.97 22.36 21.82
N GLY H 170 23.53 21.26 22.42
CA GLY H 170 22.19 20.75 22.22
C GLY H 170 21.88 20.09 20.90
N LEU H 171 22.90 19.73 20.13
CA LEU H 171 22.69 19.05 18.84
C LEU H 171 22.02 17.70 19.08
N GLY H 172 22.52 16.96 20.06
CA GLY H 172 21.84 15.77 20.56
C GLY H 172 21.93 15.65 22.06
N ASP H 173 21.12 14.77 22.62
CA ASP H 173 21.12 14.48 24.06
C ASP H 173 22.28 13.57 24.43
N LEU H 174 22.51 12.55 23.60
CA LEU H 174 23.62 11.64 23.78
C LEU H 174 24.46 11.52 22.53
N ILE H 175 25.66 10.98 22.70
CA ILE H 175 26.49 10.56 21.60
C ILE H 175 26.78 9.07 21.76
N VAL H 176 27.16 8.44 20.65
CA VAL H 176 27.74 7.11 20.65
C VAL H 176 29.16 7.27 20.15
N ASP H 177 30.11 6.74 20.90
CA ASP H 177 31.52 6.85 20.54
C ASP H 177 32.30 5.70 21.17
N VAL H 178 33.51 5.49 20.67
CA VAL H 178 34.44 4.54 21.28
C VAL H 178 35.13 5.23 22.47
N VAL H 179 35.17 4.56 23.62
CA VAL H 179 35.84 5.12 24.81
C VAL H 179 36.85 4.10 25.35
N ASP H 180 38.07 4.56 25.61
CA ASP H 180 39.06 3.72 26.29
C ASP H 180 39.14 4.08 27.78
N THR H 181 39.90 5.12 28.12
CA THR H 181 40.01 5.60 29.51
C THR H 181 38.75 6.40 29.91
N GLY H 182 38.26 7.22 28.97
CA GLY H 182 37.14 8.12 29.17
C GLY H 182 37.56 9.53 29.54
N ASN H 183 38.87 9.78 29.50
CA ASN H 183 39.45 11.06 29.87
C ASN H 183 38.93 12.19 28.98
N THR H 184 38.69 11.88 27.70
CA THR H 184 38.17 12.87 26.76
C THR H 184 36.76 13.30 27.13
N LEU H 185 35.97 12.35 27.60
CA LEU H 185 34.58 12.63 28.00
C LEU H 185 34.53 13.53 29.24
N ARG H 186 35.27 13.15 30.27
CA ARG H 186 35.31 13.92 31.53
C ARG H 186 35.89 15.32 31.37
N ALA H 187 36.97 15.44 30.62
CA ALA H 187 37.57 16.74 30.27
C ALA H 187 36.61 17.71 29.55
N ASN H 188 35.55 17.19 28.93
CA ASN H 188 34.53 18.02 28.26
C ASN H 188 33.17 18.09 28.97
N GLY H 189 33.13 17.69 30.24
CA GLY H 189 31.90 17.70 31.01
C GLY H 189 30.90 16.61 30.65
N LEU H 190 31.38 15.55 29.97
CA LEU H 190 30.55 14.41 29.60
C LEU H 190 30.92 13.19 30.44
N GLU H 191 29.98 12.25 30.52
CA GLU H 191 30.21 10.99 31.24
C GLU H 191 29.69 9.82 30.41
N ALA H 192 30.45 8.73 30.39
CA ALA H 192 29.94 7.49 29.81
C ALA H 192 28.65 7.09 30.50
N ARG H 193 27.67 6.62 29.75
CA ARG H 193 26.39 6.18 30.31
C ARG H 193 26.28 4.66 30.19
N ASP H 194 25.88 4.16 29.00
CA ASP H 194 25.67 2.71 28.77
C ASP H 194 26.82 2.09 27.99
N HIS H 195 27.09 0.83 28.29
CA HIS H 195 28.05 0.03 27.53
C HIS H 195 27.27 -0.66 26.41
N ILE H 196 27.72 -0.48 25.17
CA ILE H 196 27.05 -1.03 23.99
C ILE H 196 27.68 -2.37 23.66
N CYS H 197 28.99 -2.38 23.44
CA CYS H 197 29.75 -3.60 23.22
C CYS H 197 31.25 -3.33 23.28
N ASP H 198 32.02 -4.42 23.37
CA ASP H 198 33.47 -4.34 23.42
C ASP H 198 34.00 -4.27 22.00
N VAL H 199 35.11 -3.56 21.83
CA VAL H 199 35.70 -3.30 20.53
C VAL H 199 37.20 -3.63 20.57
N SER H 200 37.68 -4.28 19.52
CA SER H 200 39.11 -4.46 19.29
C SER H 200 39.33 -4.53 17.79
N SER H 201 40.59 -4.46 17.38
CA SER H 201 40.92 -4.54 15.97
C SER H 201 40.90 -5.98 15.48
N ARG H 202 40.45 -6.16 14.23
CA ARG H 202 40.25 -7.47 13.61
C ARG H 202 41.00 -7.54 12.30
N LEU H 203 41.39 -8.75 11.91
CA LEU H 203 41.99 -8.96 10.59
C LEU H 203 40.90 -9.41 9.65
N ILE H 204 40.64 -8.60 8.63
CA ILE H 204 39.63 -8.90 7.61
C ILE H 204 40.32 -9.22 6.29
N VAL H 205 39.68 -10.09 5.50
CA VAL H 205 40.25 -10.57 4.25
C VAL H 205 39.16 -10.58 3.17
N ASN H 206 39.56 -10.11 1.98
CA ASN H 206 38.71 -10.18 0.80
C ASN H 206 38.40 -11.65 0.45
N GLN H 207 37.15 -11.93 0.12
CA GLN H 207 36.71 -13.31 -0.21
C GLN H 207 37.46 -13.97 -1.35
N VAL H 208 37.69 -13.20 -2.42
CA VAL H 208 38.39 -13.70 -3.60
C VAL H 208 39.86 -13.89 -3.27
N SER H 209 40.49 -12.90 -2.63
CA SER H 209 41.89 -13.00 -2.26
C SER H 209 42.17 -14.19 -1.34
N TYR H 210 41.24 -14.54 -0.46
CA TYR H 210 41.39 -15.71 0.40
C TYR H 210 41.48 -17.02 -0.39
N LYS H 211 40.74 -17.08 -1.51
CA LYS H 211 40.70 -18.26 -2.39
C LYS H 211 41.92 -18.25 -3.34
N ARG H 212 42.15 -17.13 -4.02
CA ARG H 212 43.24 -17.01 -5.00
C ARG H 212 44.65 -16.90 -4.43
N LYS H 213 44.81 -16.30 -3.25
CA LYS H 213 46.16 -15.98 -2.72
C LYS H 213 46.43 -16.55 -1.33
N PHE H 214 45.77 -17.66 -0.97
CA PHE H 214 45.99 -18.29 0.34
C PHE H 214 47.46 -18.62 0.66
N ALA H 215 48.21 -19.02 -0.36
CA ALA H 215 49.63 -19.38 -0.22
C ALA H 215 50.47 -18.22 0.30
N LEU H 216 50.18 -17.02 -0.21
CA LEU H 216 50.82 -15.81 0.32
C LEU H 216 50.28 -15.41 1.69
N LEU H 217 48.98 -15.58 1.92
CA LEU H 217 48.34 -15.19 3.19
C LEU H 217 48.72 -16.11 4.37
N GLU H 218 48.66 -17.42 4.18
CA GLU H 218 48.82 -18.41 5.28
C GLU H 218 49.97 -18.16 6.28
N PRO H 219 51.23 -18.01 5.80
CA PRO H 219 52.33 -17.73 6.74
C PRO H 219 52.08 -16.49 7.58
N ILE H 220 51.66 -15.41 6.92
CA ILE H 220 51.34 -14.15 7.58
C ILE H 220 50.22 -14.32 8.61
N LEU H 221 49.19 -15.11 8.28
CA LEU H 221 48.11 -15.39 9.22
C LEU H 221 48.55 -16.29 10.39
N ASP H 222 49.38 -17.28 10.10
CA ASP H 222 49.96 -18.13 11.15
C ASP H 222 50.83 -17.30 12.09
N SER H 223 51.63 -16.39 11.53
CA SER H 223 52.48 -15.51 12.33
C SER H 223 51.66 -14.57 13.23
N PHE H 224 50.63 -13.94 12.67
CA PHE H 224 49.69 -13.13 13.45
C PHE H 224 49.02 -13.96 14.56
N LYS H 225 48.50 -15.14 14.21
CA LYS H 225 47.85 -16.03 15.19
C LYS H 225 48.79 -16.37 16.35
N ASN H 226 50.06 -16.63 16.02
CA ASN H 226 51.07 -16.97 17.00
C ASN H 226 51.45 -15.76 17.86
N SER H 227 51.68 -14.61 17.20
CA SER H 227 51.92 -13.33 17.89
C SER H 227 50.85 -12.95 18.92
N ILE H 228 49.61 -13.41 18.75
CA ILE H 228 48.50 -13.14 19.71
C ILE H 228 48.51 -14.07 20.94
N ASN H 229 48.89 -15.35 20.75
CA ASN H 229 48.94 -16.35 21.84
C ASN H 229 50.12 -16.11 22.79
SR SR I . 1.70 1.38 -24.72
SR SR J . -2.21 -17.85 -42.21
CL CL K . -2.79 -22.55 -17.89
CL CL L . 15.81 -55.80 -37.09
C1 MPD M . 0.13 15.49 -39.38
C2 MPD M . 1.37 15.69 -38.48
O2 MPD M . 0.97 15.69 -37.09
CM MPD M . 2.07 17.02 -38.77
C3 MPD M . 2.34 14.54 -38.73
C4 MPD M . 1.73 13.22 -38.23
O4 MPD M . 1.31 12.34 -39.28
C5 MPD M . 2.71 12.53 -37.28
C1 MPD N . -2.45 3.57 -36.13
C2 MPD N . -1.15 2.85 -35.77
O2 MPD N . -0.43 2.57 -36.97
CM MPD N . -0.33 3.75 -34.87
C3 MPD N . -1.57 1.56 -35.03
C4 MPD N . -0.59 0.40 -34.85
O4 MPD N . -0.74 -0.59 -35.87
C5 MPD N . 0.86 0.82 -34.84
C1 MPD O . -2.63 -5.69 -22.48
C2 MPD O . -1.48 -4.72 -22.72
O2 MPD O . -1.49 -3.71 -21.69
CM MPD O . -0.21 -5.46 -22.56
C3 MPD O . -1.51 -4.07 -24.11
C4 MPD O . -2.88 -3.38 -24.33
O4 MPD O . -2.80 -1.92 -24.50
C5 MPD O . -3.64 -4.10 -25.46
SR SR P . -27.51 9.09 38.05
SR SR Q . -11.15 -4.78 23.11
CL CL R . -27.96 -4.79 13.84
CL CL S . -21.59 46.01 35.42
CL CL T . -0.77 -12.52 36.15
C1 MPD U . -15.81 0.50 20.46
C2 MPD U . -16.14 -0.86 20.01
O2 MPD U . -14.96 -1.38 19.40
CM MPD U . -17.14 -0.74 18.88
C3 MPD U . -16.52 -1.81 21.15
C4 MPD U . -18.05 -2.00 21.36
O4 MPD U . -18.74 -2.90 20.43
C5 MPD U . -18.30 -2.58 22.74
C1 MPD V . -25.37 -11.42 20.52
C2 MPD V . -25.24 -12.21 19.20
O2 MPD V . -25.69 -11.41 18.10
CM MPD V . -26.12 -13.45 19.33
C3 MPD V . -23.77 -12.48 18.87
C4 MPD V . -22.90 -11.18 18.95
O4 MPD V . -22.52 -10.82 20.34
C5 MPD V . -21.66 -11.27 17.99
C1 MPD W . -22.70 15.59 31.79
C2 MPD W . -23.12 14.10 31.52
O2 MPD W . -22.08 13.29 32.17
CM MPD W . -23.15 13.82 30.02
C3 MPD W . -24.55 13.74 32.05
C4 MPD W . -25.07 14.78 33.10
O4 MPD W . -25.72 15.96 32.53
C5 MPD W . -25.97 14.14 34.11
SR SR X . 16.12 -12.18 -58.61
SR SR Y . 30.12 -26.38 -26.31
SR SR Z . 14.98 -20.86 -5.60
CL CL AA . 22.90 -11.63 -52.00
C1 MPD BA . 29.73 -15.64 0.32
C2 MPD BA . 29.76 -16.92 1.17
O2 MPD BA . 29.17 -16.55 2.41
CM MPD BA . 31.20 -17.41 1.39
C3 MPD BA . 28.91 -18.08 0.64
C4 MPD BA . 27.45 -17.75 0.28
O4 MPD BA . 26.87 -16.68 1.05
C5 MPD BA . 27.31 -17.39 -1.18
C1 MPD CA . 19.57 -14.34 -8.90
C2 MPD CA . 18.59 -15.49 -8.90
O2 MPD CA . 17.83 -15.37 -10.07
CM MPD CA . 17.75 -15.36 -7.62
C3 MPD CA . 19.31 -16.82 -9.03
C4 MPD CA . 20.26 -17.17 -7.83
O4 MPD CA . 19.76 -18.33 -7.12
C5 MPD CA . 21.70 -17.43 -8.28
SR SR DA . 24.57 36.81 -14.44
SR SR EA . -5.24 23.32 8.26
SR SR FA . 0.30 33.73 31.15
CL CL GA . 3.72 33.47 23.82
C1 MPD HA . -1.34 19.61 10.44
C2 MPD HA . -0.77 19.38 11.86
O2 MPD HA . 0.63 18.97 11.72
CM MPD HA . -1.63 18.33 12.49
C3 MPD HA . -0.79 20.51 12.90
C4 MPD HA . -0.23 21.74 12.17
O4 MPD HA . -1.36 22.55 11.76
C5 MPD HA . 0.85 22.51 12.97
C1 MPD IA . -6.51 19.53 44.84
C2 MPD IA . -7.65 18.55 45.18
O2 MPD IA . -7.62 18.18 46.59
CM MPD IA . -7.40 17.25 44.39
C3 MPD IA . -9.03 19.26 44.97
C4 MPD IA . -9.14 20.08 43.66
O4 MPD IA . -8.79 19.31 42.48
C5 MPD IA . -10.56 20.64 43.42
CL CL JA . 44.71 21.82 -5.40
CL CL KA . 34.97 24.03 25.90
CL CL LA . 45.56 18.82 -12.83
C1 MPD MA . 10.34 27.98 7.45
C2 MPD MA . 10.66 27.17 6.22
O2 MPD MA . 12.05 27.21 6.30
CM MPD MA . 10.20 27.78 4.89
C3 MPD MA . 10.32 25.71 6.27
C4 MPD MA . 8.83 25.49 6.61
O4 MPD MA . 8.38 24.46 5.74
C5 MPD MA . 8.63 25.16 8.10
CL CL NA . -18.08 -28.49 -14.40
CL CL OA . -29.06 -33.88 -15.84
CL CL PA . -49.50 9.53 -6.89
C1 MPD QA . -13.94 2.20 -26.15
C2 MPD QA . -14.88 1.46 -25.22
O2 MPD QA . -15.60 0.69 -26.15
CM MPD QA . -15.70 2.58 -24.58
C3 MPD QA . -14.34 0.47 -24.16
C4 MPD QA . -12.83 0.54 -23.80
O4 MPD QA . -11.97 0.22 -24.92
C5 MPD QA . -12.38 1.87 -23.16
CL CL RA . 32.81 8.94 32.71
CL CL SA . 39.70 7.69 25.99
#